data_8SKV
#
_entry.id   8SKV
#
_cell.length_a   1.00
_cell.length_b   1.00
_cell.length_c   1.00
_cell.angle_alpha   90.00
_cell.angle_beta   90.00
_cell.angle_gamma   90.00
#
_symmetry.space_group_name_H-M   'P 1'
#
loop_
_entity.id
_entity.type
_entity.pdbx_description
1 polymer 'Immunoglobulin heavy constant alpha 1'
2 polymer 'Secretory component'
3 polymer 'Immunoglobulin J chain'
4 polymer 'IgA receptor'
5 branched 2-acetamido-2-deoxy-beta-D-glucopyranose-(1-4)-2-acetamido-2-deoxy-beta-D-glucopyranose
6 non-polymer 2-acetamido-2-deoxy-beta-D-glucopyranose
#
loop_
_entity_poly.entity_id
_entity_poly.type
_entity_poly.pdbx_seq_one_letter_code
_entity_poly.pdbx_strand_id
1 'polypeptide(L)'
;ASPTSPKVFPLSLCSTQPDGNVVIACLVQGFFPQEPLSVTWSESGQGVTARNFPPSQDASGDLYTTSSQLTLPATQCLAG
KSVTCHVKHYTNPSQDVTVPCPVPSTPPTPSPSTPPTPSPSCCHPRLSLHRPALEDLLLGSEANLTCTLTGLRDASGVTF
TWTPSSGKSAVQGPPERDLCGCYSVSSVLPGCAEPWNHGKTFTCTAAYPESKTPLTATLSKSGNTFRPEVHLLPPPSEEL
ALNELVTLTCLARGFSPKDVLVRWLQGSQELPREKYLTWASRQEPSQGTTTFAVTSILRVAAEDWKKGDTFSCMVGHEAL
PLAFTQKTIDRLAGKPTHVNVSVVMAEVDGTCY
;
A,B,C,D
2 'polypeptide(L)'
;KSPIFGPEEVNSVEGNSVSITCYYPPTSVNRHTRKYWCRQGARGGCITLISSEGYVSSKYAGRANLTNFPENGTFVVNIA
QLSQDDSGRYKCGLGINSRGLSFDVSLEVSQGPGLLNDTKVYTVDLGRTVTINCPFKTENAQKRKSLYKQIGLYPVLVID
SSGYVNPNYTGRIRLDIQGTGQLLFSVVINQLRLSDAGQYLCQAGDDSNSNKKNADLQVLKPEPELVYEDLRGSVTFHCA
LGPEVANVAKFLCRQSSGENCDVVVNTLGKRAPAFEGRILLNPQDKDGSFSVVITGLRKEDAGRYLCGAHSDGQLQEGSP
IQAWQLFVNEESTIPRSPTVVKGVAGGSVAVLCPYNRKESKSIKYWCLWEGAQNGRCPLLVDSEGWVKAQYEGRLSLLEE
PGNGTFTVILNQLTSRDAGFYWCLTNGDTLWRTTVEIKIIEGEPNLKVPGNVTAVLGETLKVPCHFPCKFSSYEKYWCKW
NNTGCQALPSQDEGPSKAFVNCDENSRLVSLTLNLVTRADEGWYWCGVKQGHFYGETAAVYVAVEERHHHHHH
;
E
3 'polypeptide(L)'
;QEDERIVLVDNKCKCARITSRIIRSSEDPNEDIVERNIRIIVPLNNRENISDPTSPLRTRFVYHLSDLCKKCDPTEVELD
NQIVTATQSNICDEDSATETCYTYDRNKCYTAVVPLVYGGETKMVETALTPDACYPD
;
J
4 'polypeptide(L)'
;AEIKKPQADSAWNWPKEYNALLKENEELKVEREKYLSYADDKEKDPQYRALMGENQDLRKREGQYQDKIEELEKERKEKQ
ERQEQLERQYQIEADKHYQEQQKKHQQEQQQLEAEKQKLAKDKQISDASRQGLSRDLEASRAAKKELEAEHQKLKEEKQI
SDASRQGLSRDLEASREAKKKVEADLAALTAEHQKLKEDKQISDASRQGLSRDLEASREAKKKVEADLAEANSKLQALEK
LNKELEEGKKLSEKEKAELQARLEAEAKALKEQLAKQAEELAKLKGNQTPNAKVAPQANRSRSAMTQQKRTLPSTHHHHH
H
;
a,b
#
loop_
_chem_comp.id
_chem_comp.type
_chem_comp.name
_chem_comp.formula
NAG D-saccharide, beta linking 2-acetamido-2-deoxy-beta-D-glucopyranose 'C8 H15 N O6'
#
# COMPACT_ATOMS: atom_id res chain seq x y z
N CYS A 123 36.99 22.04 55.87
CA CYS A 123 36.39 20.72 56.05
C CYS A 123 37.43 19.70 56.49
N HIS A 124 38.18 19.17 55.53
CA HIS A 124 39.24 18.21 55.80
C HIS A 124 40.48 18.60 55.02
N PRO A 125 41.64 18.73 55.66
CA PRO A 125 42.82 19.19 54.94
C PRO A 125 43.21 18.26 53.81
N ARG A 126 43.67 18.85 52.71
CA ARG A 126 44.10 18.08 51.55
C ARG A 126 44.90 18.94 50.59
N LEU A 127 46.08 18.47 50.20
CA LEU A 127 46.95 19.17 49.25
C LEU A 127 47.07 18.35 47.98
N SER A 128 46.89 19.01 46.84
CA SER A 128 46.94 18.34 45.54
C SER A 128 47.82 19.14 44.59
N LEU A 129 48.45 18.42 43.66
CA LEU A 129 49.29 19.00 42.63
C LEU A 129 48.67 18.73 41.26
N HIS A 130 48.70 19.72 40.39
CA HIS A 130 48.14 19.60 39.04
C HIS A 130 49.25 19.85 38.02
N ARG A 131 49.34 18.94 37.04
CA ARG A 131 50.32 19.08 35.98
C ARG A 131 49.94 20.22 35.05
N PRO A 132 50.91 20.75 34.30
CA PRO A 132 50.58 21.83 33.34
C PRO A 132 49.58 21.36 32.31
N ALA A 133 48.68 22.25 31.93
CA ALA A 133 47.65 21.92 30.95
C ALA A 133 48.29 21.68 29.58
N LEU A 134 47.73 20.72 28.84
CA LEU A 134 48.32 20.35 27.55
C LEU A 134 48.18 21.45 26.52
N GLU A 135 47.06 22.16 26.51
CA GLU A 135 46.84 23.19 25.49
C GLU A 135 47.93 24.26 25.55
N ASP A 136 48.20 24.80 26.74
CA ASP A 136 49.26 25.78 26.88
C ASP A 136 50.63 25.17 26.58
N LEU A 137 50.85 23.94 27.03
CA LEU A 137 52.13 23.28 26.80
C LEU A 137 52.41 23.11 25.30
N LEU A 138 51.37 22.96 24.49
CA LEU A 138 51.53 22.68 23.07
C LEU A 138 51.52 23.96 22.24
N LEU A 139 50.41 24.70 22.27
CA LEU A 139 50.27 25.89 21.44
C LEU A 139 50.50 27.18 22.22
N GLY A 140 50.79 27.10 23.51
CA GLY A 140 51.06 28.28 24.32
C GLY A 140 52.54 28.46 24.61
N SER A 141 52.83 29.47 25.43
CA SER A 141 54.19 29.76 25.86
C SER A 141 54.37 29.56 27.36
N GLU A 142 53.52 30.16 28.18
CA GLU A 142 53.59 30.00 29.62
C GLU A 142 52.97 28.68 30.04
N ALA A 143 53.42 28.16 31.18
CA ALA A 143 52.92 26.91 31.74
C ALA A 143 52.55 27.12 33.19
N ASN A 144 51.36 26.68 33.57
CA ASN A 144 50.89 26.75 34.94
C ASN A 144 51.32 25.51 35.72
N LEU A 145 51.69 25.70 36.98
CA LEU A 145 52.01 24.61 37.90
C LEU A 145 51.31 24.88 39.22
N THR A 146 50.27 24.11 39.51
CA THR A 146 49.34 24.42 40.60
C THR A 146 49.54 23.47 41.76
N CYS A 147 49.65 24.03 42.96
CA CYS A 147 49.63 23.27 44.22
C CYS A 147 48.58 23.91 45.11
N THR A 148 47.53 23.16 45.45
CA THR A 148 46.36 23.72 46.10
C THR A 148 46.06 22.98 47.40
N LEU A 149 45.68 23.74 48.43
CA LEU A 149 45.28 23.23 49.72
C LEU A 149 43.81 23.54 49.96
N THR A 150 43.07 22.55 50.45
CA THR A 150 41.64 22.68 50.68
C THR A 150 41.30 22.10 52.04
N GLY A 151 40.19 22.59 52.61
CA GLY A 151 39.69 22.07 53.86
C GLY A 151 40.32 22.71 55.09
N LEU A 152 40.47 24.03 55.06
CA LEU A 152 41.02 24.78 56.18
C LEU A 152 39.99 25.72 56.80
N ARG A 153 39.36 26.56 55.98
CA ARG A 153 38.33 27.47 56.47
C ARG A 153 38.92 28.55 57.39
N ASP A 154 40.25 28.60 57.46
CA ASP A 154 40.93 29.59 58.30
C ASP A 154 42.41 29.51 57.98
N ALA A 155 43.21 30.30 58.70
CA ALA A 155 44.66 30.32 58.56
C ALA A 155 45.06 30.60 57.11
N SER A 156 44.69 31.80 56.64
CA SER A 156 45.02 32.19 55.28
C SER A 156 46.52 32.37 55.07
N GLY A 157 47.30 32.45 56.14
CA GLY A 157 48.74 32.61 56.04
C GLY A 157 49.46 31.30 55.81
N VAL A 158 49.05 30.55 54.80
CA VAL A 158 49.68 29.27 54.48
C VAL A 158 50.85 29.54 53.54
N THR A 159 52.04 29.04 53.93
CA THR A 159 53.26 29.29 53.18
C THR A 159 53.48 28.14 52.21
N PHE A 160 53.24 28.38 50.93
CA PHE A 160 53.47 27.40 49.87
C PHE A 160 54.93 27.51 49.46
N THR A 161 55.74 26.54 49.89
CA THR A 161 57.17 26.52 49.62
C THR A 161 57.50 25.38 48.67
N TRP A 162 58.19 25.70 47.58
CA TRP A 162 58.61 24.72 46.59
C TRP A 162 60.11 24.48 46.71
N THR A 163 60.49 23.22 46.90
CA THR A 163 61.92 22.90 46.96
C THR A 163 62.66 23.31 45.69
N PRO A 164 62.13 23.10 44.47
CA PRO A 164 62.85 23.57 43.27
C PRO A 164 62.60 25.05 42.99
N SER A 165 62.96 25.89 43.96
CA SER A 165 62.76 27.34 43.85
C SER A 165 63.83 27.90 42.91
N SER A 166 63.61 27.68 41.62
CA SER A 166 64.52 28.14 40.58
C SER A 166 63.71 28.79 39.46
N GLY A 167 64.34 29.77 38.80
CA GLY A 167 63.69 30.47 37.70
C GLY A 167 62.82 31.61 38.15
N LYS A 168 61.51 31.41 38.17
CA LYS A 168 60.57 32.43 38.57
C LYS A 168 60.31 32.33 40.08
N SER A 169 59.31 33.06 40.56
CA SER A 169 58.96 33.10 41.97
C SER A 169 57.52 32.65 42.17
N ALA A 170 57.28 31.96 43.27
CA ALA A 170 55.94 31.48 43.58
C ALA A 170 55.01 32.66 43.87
N VAL A 171 53.77 32.53 43.41
CA VAL A 171 52.74 33.57 43.58
C VAL A 171 51.54 32.93 44.27
N GLN A 172 51.08 33.56 45.34
CA GLN A 172 49.93 33.07 46.08
C GLN A 172 48.65 33.64 45.47
N GLY A 173 47.50 33.16 45.98
CA GLY A 173 46.21 33.62 45.53
C GLY A 173 45.20 33.69 46.66
N PRO A 174 44.23 34.58 46.55
CA PRO A 174 43.24 34.72 47.62
C PRO A 174 42.43 33.45 47.78
N PRO A 175 42.04 33.11 49.02
CA PRO A 175 41.22 31.90 49.21
C PRO A 175 39.88 32.02 48.51
N GLU A 176 39.37 30.87 48.07
CA GLU A 176 38.08 30.79 47.40
C GLU A 176 37.19 29.79 48.11
N ARG A 177 35.89 30.06 48.08
CA ARG A 177 34.91 29.20 48.75
C ARG A 177 34.88 27.84 48.06
N ASP A 178 35.33 26.80 48.76
CA ASP A 178 35.36 25.45 48.25
C ASP A 178 34.63 24.52 49.21
N LEU A 179 33.82 23.62 48.66
CA LEU A 179 33.03 22.67 49.45
C LEU A 179 32.04 23.37 50.37
N CYS A 180 31.78 24.65 50.15
CA CYS A 180 30.87 25.48 50.95
C CYS A 180 31.29 25.57 52.41
N GLY A 181 32.47 25.06 52.76
CA GLY A 181 32.93 25.10 54.13
C GLY A 181 34.43 25.27 54.28
N CYS A 182 35.12 25.58 53.17
CA CYS A 182 36.56 25.69 53.19
C CYS A 182 37.01 26.88 52.36
N TYR A 183 38.18 27.42 52.70
CA TYR A 183 38.80 28.51 51.96
C TYR A 183 40.01 27.92 51.24
N SER A 184 39.78 27.39 50.04
CA SER A 184 40.84 26.77 49.27
C SER A 184 41.85 27.82 48.83
N VAL A 185 43.13 27.53 49.04
CA VAL A 185 44.22 28.44 48.70
C VAL A 185 45.19 27.69 47.79
N SER A 186 45.52 28.29 46.64
CA SER A 186 46.36 27.66 45.65
C SER A 186 47.58 28.54 45.36
N SER A 187 48.65 27.89 44.91
CA SER A 187 49.87 28.59 44.54
C SER A 187 50.31 28.11 43.15
N VAL A 188 50.86 29.05 42.37
CA VAL A 188 51.25 28.82 41.00
C VAL A 188 52.74 29.10 40.87
N LEU A 189 53.42 28.31 40.04
CA LEU A 189 54.85 28.44 39.79
C LEU A 189 55.07 28.55 38.29
N PRO A 190 54.77 29.71 37.71
CA PRO A 190 54.85 29.85 36.25
C PRO A 190 56.28 29.85 35.75
N GLY A 191 56.42 29.61 34.45
CA GLY A 191 57.71 29.58 33.80
C GLY A 191 58.46 28.27 33.89
N CYS A 192 57.86 27.23 34.48
CA CYS A 192 58.51 25.94 34.66
C CYS A 192 58.20 24.97 33.51
N ALA A 193 57.90 25.47 32.32
CA ALA A 193 57.66 24.58 31.19
C ALA A 193 58.92 23.80 30.83
N GLU A 194 60.06 24.48 30.74
CA GLU A 194 61.30 23.80 30.39
C GLU A 194 61.70 22.77 31.43
N PRO A 195 61.73 23.08 32.73
CA PRO A 195 62.00 22.02 33.72
C PRO A 195 60.99 20.88 33.67
N TRP A 196 59.71 21.19 33.42
CA TRP A 196 58.70 20.13 33.36
C TRP A 196 58.98 19.19 32.19
N ASN A 197 59.37 19.73 31.05
CA ASN A 197 59.67 18.89 29.88
C ASN A 197 61.00 18.15 30.05
N HIS A 198 61.96 18.76 30.74
CA HIS A 198 63.27 18.12 30.89
C HIS A 198 63.17 16.84 31.73
N GLY A 199 62.34 16.87 32.78
CA GLY A 199 62.20 15.72 33.65
C GLY A 199 62.51 16.04 35.10
N LYS A 200 62.34 17.30 35.49
CA LYS A 200 62.57 17.71 36.86
C LYS A 200 61.32 17.47 37.69
N THR A 201 61.48 16.74 38.80
CA THR A 201 60.36 16.44 39.69
C THR A 201 60.08 17.64 40.57
N PHE A 202 58.80 17.98 40.72
CA PHE A 202 58.37 19.14 41.49
C PHE A 202 57.75 18.66 42.80
N THR A 203 58.24 19.19 43.92
CA THR A 203 57.73 18.86 45.24
C THR A 203 57.21 20.12 45.90
N CYS A 204 55.96 20.06 46.35
CA CYS A 204 55.29 21.17 47.02
C CYS A 204 55.17 20.86 48.51
N THR A 205 55.62 21.79 49.35
CA THR A 205 55.60 21.64 50.79
C THR A 205 54.80 22.77 51.42
N ALA A 206 53.92 22.42 52.36
CA ALA A 206 53.09 23.41 53.03
C ALA A 206 52.89 22.98 54.48
N ALA A 207 52.39 23.91 55.30
CA ALA A 207 52.15 23.65 56.71
C ALA A 207 50.79 24.21 57.10
N TYR A 208 50.20 23.60 58.12
CA TYR A 208 48.92 24.03 58.66
C TYR A 208 49.00 24.08 60.17
N PRO A 209 48.19 24.94 60.81
CA PRO A 209 48.24 25.05 62.27
C PRO A 209 47.50 23.94 63.02
N GLU A 210 46.72 23.12 62.32
CA GLU A 210 45.98 22.06 62.99
C GLU A 210 46.93 21.07 63.66
N SER A 211 48.01 20.71 62.98
CA SER A 211 49.00 19.77 63.51
C SER A 211 50.38 20.29 63.22
N LYS A 212 51.38 19.65 63.84
CA LYS A 212 52.77 20.03 63.68
C LYS A 212 53.46 19.27 62.54
N THR A 213 52.72 18.49 61.76
CA THR A 213 53.30 17.70 60.68
C THR A 213 53.08 18.41 59.36
N PRO A 214 54.11 18.92 58.70
CA PRO A 214 53.92 19.55 57.39
C PRO A 214 53.55 18.52 56.33
N LEU A 215 52.87 19.00 55.30
CA LEU A 215 52.42 18.17 54.19
C LEU A 215 53.30 18.40 52.98
N THR A 216 53.75 17.30 52.36
CA THR A 216 54.60 17.36 51.18
C THR A 216 54.02 16.46 50.11
N ALA A 217 53.99 16.95 48.88
CA ALA A 217 53.48 16.21 47.74
C ALA A 217 54.46 16.31 46.58
N THR A 218 54.45 15.29 45.72
CA THR A 218 55.40 15.19 44.62
C THR A 218 54.65 14.97 43.32
N LEU A 219 55.23 15.49 42.23
CA LEU A 219 54.68 15.31 40.90
C LEU A 219 55.83 15.23 39.91
N SER A 220 55.76 14.25 39.00
CA SER A 220 56.82 14.04 38.03
C SER A 220 56.23 13.43 36.77
N LYS A 221 56.96 13.56 35.67
CA LYS A 221 56.51 13.03 34.40
C LYS A 221 56.60 11.51 34.38
N SER A 222 55.67 10.89 33.66
CA SER A 222 55.61 9.44 33.52
C SER A 222 56.06 9.02 32.13
N GLY A 223 56.62 7.82 32.03
CA GLY A 223 57.16 7.30 30.79
C GLY A 223 56.16 6.44 30.05
N ASN A 224 56.69 5.48 29.29
CA ASN A 224 55.90 4.54 28.48
C ASN A 224 54.78 5.28 27.74
N THR A 225 55.20 6.19 26.85
CA THR A 225 54.28 7.00 26.08
C THR A 225 54.04 6.37 24.72
N PHE A 226 52.76 6.25 24.34
CA PHE A 226 52.35 5.70 23.05
C PHE A 226 51.59 6.75 22.27
N ARG A 227 51.83 6.80 20.97
CA ARG A 227 51.15 7.74 20.10
C ARG A 227 49.71 7.31 19.83
N PRO A 228 48.84 8.23 19.44
CA PRO A 228 47.47 7.87 19.07
C PRO A 228 47.34 7.46 17.62
N GLU A 229 46.29 6.70 17.34
CA GLU A 229 45.88 6.36 15.98
C GLU A 229 44.60 7.11 15.67
N VAL A 230 44.61 7.89 14.59
CA VAL A 230 43.51 8.77 14.23
C VAL A 230 42.85 8.23 12.96
N HIS A 231 41.53 8.18 12.96
CA HIS A 231 40.74 7.71 11.83
C HIS A 231 39.64 8.72 11.53
N LEU A 232 39.52 9.11 10.28
CA LEU A 232 38.46 10.01 9.82
C LEU A 232 37.53 9.23 8.91
N LEU A 233 36.24 9.22 9.24
CA LEU A 233 35.29 8.33 8.59
C LEU A 233 34.32 9.14 7.71
N PRO A 234 34.10 8.73 6.46
CA PRO A 234 33.19 9.49 5.60
C PRO A 234 31.75 9.39 6.09
N PRO A 235 30.85 10.22 5.57
CA PRO A 235 29.48 10.22 6.07
C PRO A 235 28.76 8.94 5.67
N PRO A 236 27.75 8.52 6.42
CA PRO A 236 26.98 7.34 6.03
C PRO A 236 26.24 7.58 4.72
N SER A 237 26.00 6.49 3.99
CA SER A 237 25.33 6.59 2.70
C SER A 237 23.87 6.99 2.83
N GLU A 238 23.26 6.79 4.00
CA GLU A 238 21.86 7.13 4.21
C GLU A 238 21.65 8.59 4.56
N GLU A 239 22.73 9.38 4.65
CA GLU A 239 22.63 10.79 4.98
C GLU A 239 22.52 11.67 3.75
N LEU A 240 23.17 11.30 2.65
CA LEU A 240 23.18 12.13 1.45
C LEU A 240 21.81 12.20 0.78
N ALA A 241 20.85 11.36 1.18
CA ALA A 241 19.54 11.33 0.55
C ALA A 241 18.62 12.42 1.06
N LEU A 242 19.00 13.17 2.10
CA LEU A 242 18.15 14.20 2.67
C LEU A 242 18.52 15.60 2.23
N ASN A 243 19.68 15.78 1.59
CA ASN A 243 20.13 17.10 1.14
C ASN A 243 20.22 18.08 2.30
N GLU A 244 20.62 17.57 3.46
CA GLU A 244 20.92 18.35 4.65
C GLU A 244 22.39 18.15 4.99
N LEU A 245 22.80 18.66 6.15
CA LEU A 245 24.19 18.50 6.57
C LEU A 245 24.58 17.03 6.58
N VAL A 246 25.88 16.79 6.51
CA VAL A 246 26.45 15.44 6.58
C VAL A 246 27.48 15.42 7.70
N THR A 247 27.59 14.27 8.34
CA THR A 247 28.40 14.09 9.54
C THR A 247 29.72 13.42 9.22
N LEU A 248 30.81 13.97 9.76
CA LEU A 248 32.14 13.38 9.64
C LEU A 248 32.67 13.12 11.05
N THR A 249 33.14 11.90 11.28
CA THR A 249 33.58 11.45 12.59
C THR A 249 35.09 11.29 12.60
N CYS A 250 35.73 11.79 13.65
CA CYS A 250 37.16 11.62 13.88
C CYS A 250 37.35 10.87 15.20
N LEU A 251 38.13 9.80 15.15
CA LEU A 251 38.35 8.92 16.30
C LEU A 251 39.84 8.82 16.56
N ALA A 252 40.27 9.18 17.77
CA ALA A 252 41.64 8.98 18.21
C ALA A 252 41.64 7.88 19.25
N ARG A 253 42.53 6.90 19.10
CA ARG A 253 42.47 5.68 19.89
C ARG A 253 43.87 5.21 20.25
N GLY A 254 44.01 4.68 21.46
CA GLY A 254 45.20 3.93 21.83
C GLY A 254 46.30 4.71 22.51
N PHE A 255 46.07 5.96 22.90
CA PHE A 255 47.12 6.79 23.46
C PHE A 255 47.17 6.65 24.97
N SER A 256 48.40 6.51 25.51
CA SER A 256 48.54 6.20 26.92
C SER A 256 48.23 7.40 27.81
N PRO A 257 48.94 8.53 27.71
CA PRO A 257 48.55 9.69 28.51
C PRO A 257 47.13 10.11 28.18
N LYS A 258 46.39 10.51 29.22
CA LYS A 258 44.96 10.76 29.10
C LYS A 258 44.64 12.17 28.64
N ASP A 259 45.58 12.88 28.01
CA ASP A 259 45.37 14.24 27.54
C ASP A 259 45.58 14.30 26.03
N VAL A 260 44.67 15.00 25.35
CA VAL A 260 44.70 15.14 23.90
C VAL A 260 43.75 16.26 23.52
N LEU A 261 44.01 16.92 22.40
CA LEU A 261 43.12 17.98 21.91
C LEU A 261 42.84 17.78 20.43
N VAL A 262 41.57 17.91 20.05
CA VAL A 262 41.13 17.65 18.68
C VAL A 262 40.51 18.90 18.10
N ARG A 263 40.94 19.26 16.89
CA ARG A 263 40.42 20.42 16.18
C ARG A 263 40.12 20.01 14.74
N TRP A 264 39.52 20.92 13.98
CA TRP A 264 39.06 20.61 12.63
C TRP A 264 39.42 21.74 11.67
N LEU A 265 39.55 21.38 10.39
CA LEU A 265 39.75 22.34 9.31
C LEU A 265 38.84 22.00 8.14
N GLN A 266 38.27 23.02 7.51
CA GLN A 266 37.58 22.89 6.23
C GLN A 266 38.48 23.51 5.16
N GLY A 267 39.07 22.65 4.32
CA GLY A 267 40.03 23.14 3.35
C GLY A 267 41.27 23.65 4.03
N SER A 268 41.45 24.97 4.06
CA SER A 268 42.58 25.60 4.72
C SER A 268 42.19 26.45 5.92
N GLN A 269 40.96 26.94 5.98
CA GLN A 269 40.52 27.82 7.05
C GLN A 269 40.03 27.00 8.24
N GLU A 270 40.60 27.26 9.41
CA GLU A 270 40.18 26.57 10.62
C GLU A 270 38.72 26.90 10.94
N LEU A 271 38.17 26.16 11.91
CA LEU A 271 36.80 26.38 12.34
C LEU A 271 36.76 26.75 13.83
N PRO A 272 35.78 27.54 14.25
CA PRO A 272 35.64 27.85 15.68
C PRO A 272 35.19 26.64 16.47
N ARG A 273 35.48 26.67 17.77
CA ARG A 273 35.17 25.56 18.66
C ARG A 273 33.68 25.37 18.88
N GLU A 274 32.85 26.32 18.47
CA GLU A 274 31.40 26.22 18.63
C GLU A 274 30.72 25.59 17.42
N LYS A 275 31.46 24.82 16.62
CA LYS A 275 30.91 24.17 15.44
C LYS A 275 30.99 22.66 15.48
N TYR A 276 31.82 22.07 16.34
CA TYR A 276 31.97 20.63 16.43
C TYR A 276 31.92 20.20 17.89
N LEU A 277 31.56 18.93 18.09
CA LEU A 277 31.41 18.33 19.41
C LEU A 277 32.50 17.29 19.62
N THR A 278 33.08 17.27 20.81
CA THR A 278 34.07 16.27 21.18
C THR A 278 33.75 15.74 22.57
N TRP A 279 34.05 14.46 22.77
CA TRP A 279 33.82 13.79 24.03
C TRP A 279 35.11 13.69 24.83
N ALA A 280 34.97 13.38 26.11
CA ALA A 280 36.13 13.25 26.97
C ALA A 280 36.91 11.97 26.66
N SER A 281 38.21 12.00 26.93
CA SER A 281 39.08 10.87 26.62
C SER A 281 38.88 9.80 27.68
N ARG A 282 38.00 8.85 27.39
CA ARG A 282 37.72 7.75 28.29
C ARG A 282 38.81 6.69 28.20
N GLN A 283 38.65 5.62 28.99
CA GLN A 283 39.59 4.50 29.01
C GLN A 283 38.94 3.30 28.36
N GLU A 284 39.68 2.64 27.45
CA GLU A 284 39.10 1.55 26.67
C GLU A 284 39.32 0.21 27.37
N PRO A 285 38.43 -0.77 27.12
CA PRO A 285 38.53 -2.10 27.77
C PRO A 285 39.52 -3.05 27.08
N SER A 286 40.79 -2.92 27.44
CA SER A 286 41.85 -3.81 26.99
C SER A 286 42.35 -4.64 28.16
N GLN A 287 43.36 -5.48 27.88
CA GLN A 287 43.93 -6.34 28.91
C GLN A 287 45.44 -6.18 28.98
N GLY A 288 46.07 -5.84 27.85
CA GLY A 288 47.51 -5.69 27.81
C GLY A 288 48.00 -4.50 28.60
N THR A 289 47.67 -3.30 28.14
CA THR A 289 48.10 -2.07 28.80
C THR A 289 46.94 -1.08 28.82
N THR A 290 47.08 -0.05 29.65
CA THR A 290 46.04 0.96 29.78
C THR A 290 46.15 1.96 28.64
N THR A 291 45.04 2.22 27.96
CA THR A 291 45.00 3.17 26.85
C THR A 291 43.63 3.84 26.85
N PHE A 292 43.54 4.94 26.09
CA PHE A 292 42.38 5.81 26.12
C PHE A 292 41.92 6.13 24.70
N ALA A 293 40.70 6.63 24.60
CA ALA A 293 40.10 6.94 23.30
C ALA A 293 39.25 8.20 23.41
N VAL A 294 39.08 8.87 22.27
CA VAL A 294 38.28 10.09 22.19
C VAL A 294 37.71 10.18 20.78
N THR A 295 36.59 10.90 20.65
CA THR A 295 35.93 11.06 19.36
C THR A 295 35.39 12.47 19.22
N SER A 296 35.08 12.84 17.98
CA SER A 296 34.47 14.13 17.68
C SER A 296 33.71 14.02 16.36
N ILE A 297 32.73 14.89 16.18
CA ILE A 297 31.93 14.91 14.95
C ILE A 297 31.79 16.35 14.47
N LEU A 298 31.90 16.53 13.16
CA LEU A 298 31.66 17.83 12.51
C LEU A 298 30.62 17.65 11.42
N ARG A 299 29.62 18.52 11.40
CA ARG A 299 28.57 18.47 10.40
C ARG A 299 28.75 19.61 9.41
N VAL A 300 28.73 19.28 8.12
CA VAL A 300 29.05 20.22 7.06
C VAL A 300 27.91 20.24 6.05
N ALA A 301 27.84 21.32 5.28
CA ALA A 301 26.78 21.46 4.29
C ALA A 301 26.95 20.42 3.18
N ALA A 302 25.82 19.85 2.77
CA ALA A 302 25.86 18.85 1.70
C ALA A 302 26.46 19.42 0.42
N GLU A 303 26.18 20.70 0.15
CA GLU A 303 26.74 21.33 -1.05
C GLU A 303 28.25 21.38 -0.99
N ASP A 304 28.81 21.70 0.18
CA ASP A 304 30.26 21.72 0.33
C ASP A 304 30.85 20.32 0.13
N TRP A 305 30.17 19.30 0.67
CA TRP A 305 30.65 17.94 0.50
C TRP A 305 30.64 17.51 -0.96
N LYS A 306 29.56 17.81 -1.68
CA LYS A 306 29.43 17.37 -3.06
C LYS A 306 30.32 18.19 -3.99
N LYS A 307 30.60 19.45 -3.65
CA LYS A 307 31.38 20.30 -4.55
C LYS A 307 32.78 19.74 -4.75
N GLY A 308 33.41 19.27 -3.68
CA GLY A 308 34.76 18.74 -3.78
C GLY A 308 35.69 19.30 -2.72
N ASP A 309 35.15 20.11 -1.82
CA ASP A 309 35.95 20.66 -0.74
C ASP A 309 36.38 19.56 0.22
N THR A 310 37.64 19.60 0.64
CA THR A 310 38.18 18.61 1.56
C THR A 310 38.02 19.08 2.99
N PHE A 311 38.05 18.12 3.92
CA PHE A 311 37.95 18.40 5.34
C PHE A 311 39.02 17.60 6.07
N SER A 312 39.36 18.05 7.28
CA SER A 312 40.41 17.39 8.04
C SER A 312 40.15 17.53 9.53
N CYS A 313 40.63 16.54 10.28
CA CYS A 313 40.61 16.57 11.73
C CYS A 313 42.02 16.37 12.24
N MET A 314 42.45 17.24 13.16
CA MET A 314 43.80 17.23 13.71
C MET A 314 43.77 16.86 15.19
N VAL A 315 44.75 16.06 15.60
CA VAL A 315 44.88 15.57 16.96
C VAL A 315 46.24 16.00 17.48
N GLY A 316 46.27 16.51 18.71
CA GLY A 316 47.49 16.88 19.39
C GLY A 316 47.64 16.15 20.70
N HIS A 317 48.82 15.55 20.90
CA HIS A 317 49.09 14.67 22.03
C HIS A 317 50.58 14.73 22.33
N GLU A 318 50.94 14.38 23.56
CA GLU A 318 52.32 14.49 24.01
C GLU A 318 53.25 13.57 23.22
N ALA A 319 52.84 12.32 22.99
CA ALA A 319 53.74 11.30 22.49
C ALA A 319 54.19 11.55 21.05
N LEU A 320 53.44 12.31 20.27
CA LEU A 320 53.83 12.54 18.88
C LEU A 320 55.14 13.32 18.83
N PRO A 321 56.05 12.97 17.90
CA PRO A 321 57.30 13.74 17.81
C PRO A 321 57.06 15.21 17.54
N LEU A 322 56.07 15.54 16.72
CA LEU A 322 55.74 16.91 16.38
C LEU A 322 54.51 17.42 17.13
N ALA A 323 53.89 16.58 17.96
CA ALA A 323 52.78 16.96 18.83
C ALA A 323 51.54 17.37 18.05
N PHE A 324 51.44 16.99 16.78
CA PHE A 324 50.27 17.34 15.99
C PHE A 324 50.24 16.49 14.72
N THR A 325 49.11 15.83 14.49
CA THR A 325 48.88 15.10 13.25
C THR A 325 47.45 15.39 12.80
N GLN A 326 47.09 14.91 11.62
CA GLN A 326 45.71 15.08 11.16
C GLN A 326 45.41 14.08 10.05
N LYS A 327 44.11 13.94 9.77
CA LYS A 327 43.62 13.10 8.68
C LYS A 327 42.67 13.92 7.82
N THR A 328 42.65 13.60 6.53
CA THR A 328 41.90 14.35 5.53
C THR A 328 40.94 13.43 4.78
N ILE A 329 39.75 13.95 4.50
CA ILE A 329 38.70 13.23 3.79
C ILE A 329 38.13 14.15 2.71
N ASP A 330 37.87 13.58 1.54
CA ASP A 330 37.17 14.29 0.47
C ASP A 330 36.42 13.27 -0.38
N ARG A 331 35.42 13.75 -1.11
CA ARG A 331 34.59 12.88 -1.93
C ARG A 331 35.44 12.21 -3.00
N LEU A 332 34.81 11.25 -3.69
CA LEU A 332 35.42 10.49 -4.78
C LEU A 332 36.85 10.07 -4.43
N ALA A 333 37.04 9.56 -3.21
CA ALA A 333 38.32 9.04 -2.77
C ALA A 333 38.12 7.62 -2.25
N GLY A 334 38.97 6.69 -2.70
CA GLY A 334 38.92 5.32 -2.26
C GLY A 334 38.60 4.37 -3.41
N LYS A 335 37.99 3.24 -3.05
CA LYS A 335 37.72 2.20 -4.04
C LYS A 335 36.56 2.63 -4.94
N PRO A 336 36.59 2.26 -6.22
CA PRO A 336 35.44 2.55 -7.10
C PRO A 336 34.21 1.78 -6.65
N THR A 337 33.04 2.33 -6.95
CA THR A 337 31.76 1.80 -6.50
C THR A 337 30.75 1.75 -7.62
N HIS A 338 31.14 1.22 -8.78
CA HIS A 338 30.22 1.08 -9.90
C HIS A 338 29.74 -0.37 -10.03
N VAL A 339 28.48 -0.51 -10.41
CA VAL A 339 27.83 -1.82 -10.47
C VAL A 339 27.90 -2.36 -11.90
N ASN A 340 27.68 -3.66 -12.02
CA ASN A 340 27.67 -4.33 -13.33
C ASN A 340 26.46 -5.27 -13.33
N VAL A 341 25.39 -4.84 -14.00
CA VAL A 341 24.12 -5.56 -14.00
C VAL A 341 23.99 -6.32 -15.31
N SER A 342 23.36 -7.49 -15.26
CA SER A 342 23.10 -8.32 -16.42
C SER A 342 21.61 -8.66 -16.45
N VAL A 343 20.89 -8.10 -17.41
CA VAL A 343 19.47 -8.37 -17.62
C VAL A 343 19.35 -9.45 -18.67
N VAL A 344 18.64 -10.53 -18.34
CA VAL A 344 18.57 -11.70 -19.23
C VAL A 344 17.34 -11.64 -20.13
N MET A 345 16.17 -11.38 -19.56
CA MET A 345 14.91 -11.38 -20.29
C MET A 345 14.53 -12.76 -20.81
N ALA A 346 15.24 -13.80 -20.40
CA ALA A 346 15.00 -15.15 -20.89
C ALA A 346 15.14 -15.22 -22.40
N CYS B 123 25.64 22.75 56.12
CA CYS B 123 25.69 23.77 55.10
C CYS B 123 24.28 24.17 54.66
N HIS B 124 24.17 24.74 53.47
CA HIS B 124 22.88 25.18 52.96
C HIS B 124 22.01 23.97 52.62
N PRO B 125 20.83 23.82 53.22
CA PRO B 125 19.96 22.69 52.85
C PRO B 125 19.45 22.83 51.44
N ARG B 126 19.23 21.68 50.80
CA ARG B 126 18.73 21.64 49.43
C ARG B 126 17.96 20.35 49.21
N LEU B 127 17.06 20.39 48.23
CA LEU B 127 16.25 19.24 47.87
C LEU B 127 16.28 19.07 46.35
N SER B 128 16.24 17.82 45.91
CA SER B 128 16.27 17.52 44.48
C SER B 128 15.59 16.19 44.23
N LEU B 129 15.28 15.94 42.96
CA LEU B 129 14.65 14.70 42.52
C LEU B 129 15.50 14.05 41.45
N HIS B 130 15.67 12.73 41.54
CA HIS B 130 16.44 11.97 40.57
C HIS B 130 15.50 11.11 39.73
N ARG B 131 15.62 11.23 38.41
CA ARG B 131 14.78 10.45 37.52
C ARG B 131 15.14 8.98 37.60
N PRO B 132 14.21 8.08 37.28
CA PRO B 132 14.55 6.66 37.22
C PRO B 132 15.63 6.39 36.19
N ALA B 133 16.52 5.46 36.52
CA ALA B 133 17.58 5.09 35.58
C ALA B 133 16.97 4.50 34.32
N LEU B 134 17.56 4.84 33.17
CA LEU B 134 17.00 4.41 31.90
C LEU B 134 17.01 2.89 31.77
N GLU B 135 18.09 2.25 32.19
CA GLU B 135 18.19 0.80 32.06
C GLU B 135 17.09 0.10 32.86
N ASP B 136 16.82 0.59 34.07
CA ASP B 136 15.77 -0.01 34.89
C ASP B 136 14.41 0.11 34.21
N LEU B 137 14.10 1.29 33.67
CA LEU B 137 12.82 1.48 33.01
C LEU B 137 12.70 0.61 31.77
N LEU B 138 13.75 0.55 30.95
CA LEU B 138 13.68 -0.20 29.70
C LEU B 138 13.71 -1.70 29.96
N LEU B 139 14.61 -2.16 30.83
CA LEU B 139 14.79 -3.59 31.08
C LEU B 139 14.54 -3.93 32.54
N GLY B 140 13.47 -3.38 33.11
CA GLY B 140 13.11 -3.69 34.47
C GLY B 140 11.62 -3.50 34.69
N SER B 141 11.23 -3.61 35.96
CA SER B 141 9.84 -3.45 36.35
C SER B 141 9.63 -2.54 37.55
N GLU B 142 10.70 -2.10 38.22
CA GLU B 142 10.60 -1.23 39.38
C GLU B 142 10.89 0.20 38.94
N ALA B 143 9.85 1.04 38.93
CA ALA B 143 9.98 2.45 38.56
C ALA B 143 10.13 3.26 39.85
N ASN B 144 11.34 3.23 40.39
CA ASN B 144 11.65 3.94 41.63
C ASN B 144 12.04 5.38 41.31
N LEU B 145 11.37 6.32 41.95
CA LEU B 145 11.74 7.73 41.88
C LEU B 145 12.22 8.19 43.24
N THR B 146 13.39 8.83 43.27
CA THR B 146 14.08 9.14 44.52
C THR B 146 14.11 10.64 44.76
N CYS B 147 13.80 11.05 45.98
CA CYS B 147 13.87 12.44 46.42
C CYS B 147 15.03 12.54 47.40
N THR B 148 16.00 13.40 47.08
CA THR B 148 17.24 13.52 47.83
C THR B 148 17.26 14.86 48.57
N LEU B 149 17.69 14.81 49.82
CA LEU B 149 17.78 15.99 50.68
C LEU B 149 19.19 16.09 51.24
N THR B 150 19.76 17.27 51.18
CA THR B 150 21.13 17.51 51.64
C THR B 150 21.13 18.60 52.72
N GLY B 151 22.33 18.93 53.19
CA GLY B 151 22.49 19.96 54.20
C GLY B 151 21.92 19.61 55.56
N LEU B 152 22.10 18.36 56.00
CA LEU B 152 21.71 17.99 57.35
C LEU B 152 22.63 18.65 58.36
N ARG B 153 22.06 19.13 59.46
CA ARG B 153 22.83 19.90 60.43
C ARG B 153 23.53 18.99 61.44
N ASP B 154 22.75 18.31 62.29
CA ASP B 154 23.33 17.47 63.34
C ASP B 154 22.72 16.08 63.37
N ALA B 155 21.48 15.94 62.91
CA ALA B 155 20.75 14.68 63.02
C ALA B 155 19.88 14.51 61.79
N SER B 156 18.98 13.53 61.85
CA SER B 156 18.07 13.21 60.75
C SER B 156 16.71 12.85 61.35
N GLY B 157 15.84 13.84 61.46
CA GLY B 157 14.47 13.63 61.88
C GLY B 157 13.50 14.10 60.83
N VAL B 158 13.83 13.88 59.57
CA VAL B 158 13.08 14.44 58.46
C VAL B 158 11.85 13.59 58.18
N THR B 159 10.87 14.21 57.51
CA THR B 159 9.65 13.55 57.08
C THR B 159 9.43 13.85 55.61
N PHE B 160 9.18 12.81 54.82
CA PHE B 160 8.99 12.93 53.38
C PHE B 160 7.58 12.54 53.00
N THR B 161 7.05 13.19 51.96
CA THR B 161 5.73 12.85 51.46
C THR B 161 5.64 13.19 49.98
N TRP B 162 4.65 12.60 49.31
CA TRP B 162 4.42 12.79 47.89
C TRP B 162 2.95 13.16 47.66
N THR B 163 2.70 13.80 46.53
CA THR B 163 1.33 14.18 46.20
C THR B 163 0.40 12.98 46.10
N PRO B 164 0.75 11.89 45.43
CA PRO B 164 -0.08 10.68 45.48
C PRO B 164 0.33 9.78 46.63
N SER B 165 -0.61 8.92 47.03
CA SER B 165 -0.36 7.98 48.12
C SER B 165 -0.94 6.60 47.86
N SER B 166 -1.51 6.32 46.69
CA SER B 166 -2.07 5.02 46.38
C SER B 166 -0.94 4.03 46.18
N GLY B 167 -0.67 3.21 47.20
CA GLY B 167 0.43 2.28 47.14
C GLY B 167 1.79 2.94 47.10
N LYS B 168 1.96 4.05 47.83
CA LYS B 168 3.22 4.77 47.86
C LYS B 168 4.03 4.26 49.05
N SER B 169 4.70 3.12 48.83
CA SER B 169 5.51 2.48 49.87
C SER B 169 6.82 3.25 50.03
N ALA B 170 6.68 4.47 50.53
CA ALA B 170 7.84 5.34 50.74
C ALA B 170 8.78 4.71 51.77
N VAL B 171 10.08 4.73 51.45
CA VAL B 171 11.11 4.19 52.32
C VAL B 171 12.20 5.25 52.49
N GLN B 172 12.61 5.46 53.73
CA GLN B 172 13.63 6.47 54.03
C GLN B 172 15.03 5.86 54.06
N GLY B 173 15.25 4.88 54.93
CA GLY B 173 16.52 4.21 55.02
C GLY B 173 17.49 4.93 55.92
N PRO B 174 18.64 4.31 56.19
CA PRO B 174 19.63 4.92 57.10
C PRO B 174 20.33 6.09 56.44
N PRO B 175 20.93 6.99 57.22
CA PRO B 175 21.66 8.12 56.62
C PRO B 175 22.94 7.71 55.93
N GLU B 176 23.66 8.67 55.37
CA GLU B 176 24.92 8.43 54.68
C GLU B 176 25.87 9.58 55.01
N ARG B 177 26.97 9.65 54.27
CA ARG B 177 27.99 10.68 54.46
C ARG B 177 28.05 11.55 53.22
N ASP B 178 28.06 12.87 53.43
CA ASP B 178 28.11 13.85 52.35
C ASP B 178 29.50 14.46 52.27
N LEU B 179 29.70 15.29 51.24
CA LEU B 179 30.98 15.95 51.05
C LEU B 179 31.25 16.97 52.15
N CYS B 180 32.52 17.10 52.52
CA CYS B 180 32.97 18.07 53.52
C CYS B 180 32.52 17.66 54.92
N GLY B 181 31.75 16.59 55.03
CA GLY B 181 31.22 16.15 56.31
C GLY B 181 29.80 16.63 56.52
N CYS B 182 28.83 15.73 56.29
CA CYS B 182 27.43 16.08 56.43
C CYS B 182 26.59 14.84 56.20
N TYR B 183 25.34 14.89 56.65
CA TYR B 183 24.39 13.80 56.49
C TYR B 183 23.37 14.15 55.42
N SER B 184 22.87 13.13 54.74
CA SER B 184 21.85 13.32 53.70
C SER B 184 21.06 12.04 53.59
N VAL B 185 19.77 12.10 53.91
CA VAL B 185 18.87 10.95 53.87
C VAL B 185 17.86 11.18 52.77
N SER B 186 17.78 10.22 51.83
CA SER B 186 16.87 10.29 50.70
C SER B 186 15.74 9.28 50.88
N SER B 187 14.72 9.42 50.04
CA SER B 187 13.57 8.53 50.04
C SER B 187 13.28 8.05 48.63
N VAL B 188 12.60 6.91 48.53
CA VAL B 188 12.29 6.30 47.25
C VAL B 188 10.79 6.02 47.17
N LEU B 189 10.30 5.97 45.94
CA LEU B 189 8.89 5.67 45.66
C LEU B 189 8.82 4.71 44.47
N PRO B 190 8.54 3.41 44.70
CA PRO B 190 8.40 2.48 43.58
C PRO B 190 6.98 2.37 43.05
N GLY B 191 6.78 1.54 42.03
CA GLY B 191 5.46 1.25 41.52
C GLY B 191 4.73 2.45 40.94
N CYS B 192 5.41 3.23 40.10
CA CYS B 192 4.84 4.41 39.48
C CYS B 192 5.04 4.42 37.98
N ALA B 193 5.30 3.25 37.38
CA ALA B 193 5.57 3.19 35.95
C ALA B 193 4.37 3.64 35.13
N GLU B 194 3.17 3.18 35.49
CA GLU B 194 2.00 3.51 34.69
C GLU B 194 1.72 5.00 34.65
N PRO B 195 1.62 5.72 35.78
CA PRO B 195 1.49 7.18 35.69
C PRO B 195 2.67 7.85 35.01
N TRP B 196 3.89 7.33 35.19
CA TRP B 196 5.05 7.93 34.56
C TRP B 196 4.92 7.91 33.05
N ASN B 197 4.47 6.78 32.49
CA ASN B 197 4.29 6.69 31.04
C ASN B 197 3.04 7.43 30.58
N HIS B 198 2.00 7.50 31.43
CA HIS B 198 0.77 8.17 31.05
C HIS B 198 0.90 9.68 31.03
N GLY B 199 1.88 10.23 31.76
CA GLY B 199 2.09 11.67 31.78
C GLY B 199 1.76 12.33 33.09
N LYS B 200 2.00 11.63 34.20
CA LYS B 200 1.77 12.19 35.52
C LYS B 200 2.95 13.06 35.94
N THR B 201 2.74 13.85 36.98
CA THR B 201 3.76 14.71 37.57
C THR B 201 3.96 14.30 39.03
N PHE B 202 5.22 14.21 39.46
CA PHE B 202 5.54 13.73 40.79
C PHE B 202 6.18 14.84 41.60
N THR B 203 5.68 15.03 42.82
CA THR B 203 6.19 16.05 43.74
C THR B 203 6.57 15.39 45.06
N CYS B 204 7.76 15.73 45.55
CA CYS B 204 8.22 15.27 46.86
C CYS B 204 8.44 16.48 47.76
N THR B 205 7.83 16.47 48.94
CA THR B 205 7.98 17.54 49.91
C THR B 205 8.53 16.95 51.20
N ALA B 206 9.52 17.64 51.77
CA ALA B 206 10.24 17.17 52.94
C ALA B 206 10.23 18.24 54.02
N ALA B 207 10.28 17.80 55.27
CA ALA B 207 10.30 18.69 56.42
C ALA B 207 11.31 18.16 57.42
N TYR B 208 12.36 18.97 57.70
CA TYR B 208 13.36 18.58 58.69
C TYR B 208 13.14 19.35 59.98
N PRO B 209 13.53 18.79 61.13
CA PRO B 209 13.20 19.43 62.41
C PRO B 209 13.71 20.86 62.53
N GLU B 210 14.90 21.15 62.00
CA GLU B 210 15.46 22.50 62.06
C GLU B 210 15.04 23.31 60.84
N SER B 211 13.73 23.44 60.67
CA SER B 211 13.16 24.13 59.52
C SER B 211 11.89 24.86 59.95
N LYS B 212 11.54 25.90 59.17
CA LYS B 212 10.31 26.63 59.35
C LYS B 212 9.38 26.54 58.16
N THR B 213 9.85 26.06 57.01
CA THR B 213 9.03 25.90 55.82
C THR B 213 9.49 24.65 55.06
N PRO B 214 8.64 23.66 54.85
CA PRO B 214 9.09 22.44 54.18
C PRO B 214 9.62 22.71 52.77
N LEU B 215 10.64 21.96 52.38
CA LEU B 215 11.17 22.04 51.03
C LEU B 215 10.32 21.19 50.09
N THR B 216 10.35 21.56 48.81
CA THR B 216 9.55 20.87 47.81
C THR B 216 10.37 20.70 46.53
N ALA B 217 10.01 19.68 45.76
CA ALA B 217 10.60 19.45 44.45
C ALA B 217 9.54 18.78 43.57
N THR B 218 9.57 19.09 42.28
CA THR B 218 8.59 18.58 41.33
C THR B 218 9.29 18.16 40.04
N LEU B 219 8.70 17.18 39.36
CA LEU B 219 9.27 16.70 38.10
C LEU B 219 8.17 16.05 37.27
N SER B 220 8.46 15.89 35.98
CA SER B 220 7.55 15.25 35.05
C SER B 220 8.37 14.77 33.85
N LYS B 221 7.76 13.87 33.07
CA LYS B 221 8.44 13.32 31.91
C LYS B 221 8.77 14.42 30.91
N SER B 222 9.96 14.33 30.30
CA SER B 222 10.42 15.36 29.39
C SER B 222 9.57 15.39 28.12
N GLY B 223 9.38 16.58 27.57
CA GLY B 223 8.64 16.77 26.35
C GLY B 223 9.55 17.15 25.19
N ASN B 224 8.95 17.20 24.00
CA ASN B 224 9.67 17.55 22.77
C ASN B 224 10.89 16.64 22.58
N THR B 225 10.61 15.36 22.42
CA THR B 225 11.63 14.34 22.28
C THR B 225 11.83 13.99 20.80
N PHE B 226 13.09 13.79 20.42
CA PHE B 226 13.47 13.46 19.06
C PHE B 226 14.09 12.09 18.99
N ARG B 227 13.59 11.27 18.08
CA ARG B 227 14.11 9.92 17.88
C ARG B 227 15.56 9.99 17.38
N PRO B 228 16.45 9.16 17.91
CA PRO B 228 17.85 9.22 17.46
C PRO B 228 18.02 8.67 16.05
N GLU B 229 19.07 9.15 15.39
CA GLU B 229 19.51 8.61 14.12
C GLU B 229 20.76 7.78 14.37
N VAL B 230 20.71 6.50 14.00
CA VAL B 230 21.78 5.55 14.29
C VAL B 230 22.55 5.27 13.01
N HIS B 231 23.86 5.34 13.08
CA HIS B 231 24.72 5.04 11.95
C HIS B 231 25.83 4.10 12.40
N LEU B 232 25.99 2.99 11.70
CA LEU B 232 27.07 2.03 11.95
C LEU B 232 28.07 2.17 10.82
N LEU B 233 29.26 2.67 11.16
CA LEU B 233 30.27 2.97 10.16
C LEU B 233 31.24 1.80 10.01
N PRO B 234 31.44 1.27 8.81
CA PRO B 234 32.34 0.12 8.65
C PRO B 234 33.77 0.49 9.01
N PRO B 235 34.63 -0.49 9.25
CA PRO B 235 35.97 -0.17 9.72
C PRO B 235 36.71 0.67 8.70
N PRO B 236 37.61 1.55 9.16
CA PRO B 236 38.41 2.32 8.21
C PRO B 236 39.24 1.41 7.33
N SER B 237 39.42 1.81 6.07
CA SER B 237 40.07 0.95 5.10
C SER B 237 41.51 0.63 5.46
N GLU B 238 42.17 1.49 6.25
CA GLU B 238 43.55 1.22 6.65
C GLU B 238 43.63 0.15 7.73
N GLU B 239 42.57 -0.03 8.53
CA GLU B 239 42.58 -1.03 9.58
C GLU B 239 42.42 -2.45 9.06
N LEU B 240 41.86 -2.61 7.86
CA LEU B 240 41.61 -3.94 7.29
C LEU B 240 42.82 -4.48 6.54
N ALA B 241 43.93 -3.74 6.48
CA ALA B 241 45.14 -4.21 5.83
C ALA B 241 46.19 -4.70 6.82
N LEU B 242 46.26 -4.12 8.02
CA LEU B 242 47.15 -4.64 9.05
C LEU B 242 46.63 -5.97 9.60
N ASN B 243 45.34 -6.23 9.46
CA ASN B 243 44.76 -7.55 9.72
C ASN B 243 45.09 -8.05 11.12
N GLU B 244 44.93 -7.18 12.12
CA GLU B 244 45.06 -7.58 13.51
C GLU B 244 43.73 -7.42 14.26
N LEU B 245 43.17 -6.22 14.27
CA LEU B 245 41.86 -5.97 14.87
C LEU B 245 41.20 -4.84 14.09
N VAL B 246 39.87 -4.82 14.10
CA VAL B 246 39.12 -3.82 13.36
C VAL B 246 38.10 -3.18 14.30
N THR B 247 37.76 -1.93 14.02
CA THR B 247 36.90 -1.13 14.89
C THR B 247 35.58 -0.83 14.17
N LEU B 248 34.48 -1.14 14.82
CA LEU B 248 33.15 -0.77 14.36
C LEU B 248 32.63 0.35 15.23
N THR B 249 32.14 1.41 14.60
CA THR B 249 31.69 2.63 15.26
C THR B 249 30.18 2.76 15.14
N CYS B 250 29.51 2.97 16.26
CA CYS B 250 28.08 3.19 16.31
C CYS B 250 27.82 4.59 16.84
N LEU B 251 27.24 5.45 16.00
CA LEU B 251 27.01 6.85 16.32
C LEU B 251 25.52 7.12 16.34
N ALA B 252 25.01 7.52 17.49
CA ALA B 252 23.61 7.91 17.64
C ALA B 252 23.56 9.41 17.79
N ARG B 253 22.69 10.06 17.01
CA ARG B 253 22.76 11.50 16.80
C ARG B 253 21.36 12.10 16.78
N GLY B 254 21.19 13.21 17.46
CA GLY B 254 20.02 14.06 17.29
C GLY B 254 18.79 13.67 18.08
N PHE B 255 18.92 13.49 19.39
CA PHE B 255 17.79 13.20 20.27
C PHE B 255 17.78 14.19 21.42
N SER B 256 16.57 14.55 21.86
CA SER B 256 16.45 15.65 22.82
C SER B 256 16.84 15.23 24.24
N PRO B 257 16.20 14.24 24.87
CA PRO B 257 16.63 13.86 26.21
C PRO B 257 18.00 13.18 26.19
N LYS B 258 18.70 13.30 27.33
CA LYS B 258 20.09 12.88 27.39
C LYS B 258 20.25 11.36 27.49
N ASP B 259 19.32 10.67 28.14
CA ASP B 259 19.53 9.27 28.47
C ASP B 259 19.45 8.39 27.23
N VAL B 260 20.33 7.40 27.16
CA VAL B 260 20.43 6.51 26.00
C VAL B 260 21.23 5.28 26.42
N LEU B 261 21.04 4.18 25.68
CA LEU B 261 21.80 2.96 25.90
C LEU B 261 22.36 2.45 24.58
N VAL B 262 23.53 1.80 24.65
CA VAL B 262 24.17 1.20 23.48
C VAL B 262 24.64 -0.20 23.85
N ARG B 263 24.27 -1.19 23.03
CA ARG B 263 24.70 -2.57 23.20
C ARG B 263 25.10 -3.12 21.84
N TRP B 264 25.72 -4.30 21.85
CA TRP B 264 26.25 -4.91 20.63
C TRP B 264 25.84 -6.37 20.55
N LEU B 265 25.79 -6.88 19.32
CA LEU B 265 25.56 -8.30 19.05
C LEU B 265 26.52 -8.77 17.97
N GLN B 266 27.10 -9.94 18.19
CA GLN B 266 27.80 -10.70 17.15
C GLN B 266 26.93 -11.89 16.80
N GLY B 267 26.48 -11.94 15.54
CA GLY B 267 25.47 -12.90 15.18
C GLY B 267 24.15 -12.55 15.85
N SER B 268 23.78 -13.31 16.88
CA SER B 268 22.55 -13.06 17.62
C SER B 268 22.76 -12.97 19.14
N GLN B 269 23.96 -13.21 19.64
CA GLN B 269 24.24 -13.23 21.07
C GLN B 269 24.99 -11.97 21.46
N GLU B 270 24.50 -11.28 22.49
CA GLU B 270 25.11 -10.03 22.91
C GLU B 270 26.47 -10.29 23.53
N LEU B 271 27.40 -9.36 23.30
CA LEU B 271 28.71 -9.41 23.93
C LEU B 271 28.64 -8.86 25.36
N PRO B 272 29.55 -9.28 26.24
CA PRO B 272 29.57 -8.70 27.60
C PRO B 272 29.87 -7.22 27.55
N ARG B 273 29.27 -6.48 28.48
CA ARG B 273 29.42 -5.03 28.51
C ARG B 273 30.85 -4.58 28.78
N GLU B 274 31.71 -5.47 29.26
CA GLU B 274 33.11 -5.15 29.51
C GLU B 274 33.98 -5.33 28.27
N LYS B 275 33.38 -5.33 27.08
CA LYS B 275 34.11 -5.57 25.85
C LYS B 275 34.28 -4.32 24.99
N TYR B 276 33.46 -3.30 25.18
CA TYR B 276 33.49 -2.10 24.35
C TYR B 276 33.45 -0.85 25.24
N LEU B 277 33.52 0.30 24.59
CA LEU B 277 33.67 1.59 25.26
C LEU B 277 32.57 2.52 24.76
N THR B 278 31.71 2.98 25.67
CA THR B 278 30.64 3.90 25.34
C THR B 278 30.88 5.22 26.06
N TRP B 279 30.58 6.32 25.37
CA TRP B 279 30.79 7.65 25.90
C TRP B 279 29.49 8.20 26.48
N ALA B 280 29.63 9.27 27.26
CA ALA B 280 28.47 9.93 27.84
C ALA B 280 27.71 10.71 26.78
N SER B 281 26.41 10.90 27.02
CA SER B 281 25.58 11.69 26.13
C SER B 281 25.89 13.17 26.33
N ARG B 282 26.10 13.88 25.22
CA ARG B 282 26.48 15.28 25.27
C ARG B 282 25.65 16.07 24.26
N GLN B 283 25.62 17.38 24.44
CA GLN B 283 24.87 18.27 23.57
C GLN B 283 25.78 18.78 22.46
N GLU B 284 25.25 18.81 21.25
CA GLU B 284 26.01 19.16 20.05
C GLU B 284 25.67 20.57 19.59
N PRO B 285 26.44 21.12 18.65
CA PRO B 285 26.14 22.48 18.16
C PRO B 285 24.74 22.58 17.61
N SER B 286 24.20 23.79 17.66
CA SER B 286 22.80 24.04 17.32
C SER B 286 22.69 24.49 15.87
N GLN B 287 21.94 23.73 15.07
CA GLN B 287 21.54 24.15 13.73
C GLN B 287 20.02 24.17 13.68
N GLY B 288 19.40 24.73 14.72
CA GLY B 288 17.97 24.62 14.92
C GLY B 288 17.65 24.45 16.39
N THR B 289 16.99 23.35 16.75
CA THR B 289 16.66 23.08 18.14
C THR B 289 17.81 22.33 18.81
N THR B 290 17.66 22.06 20.11
CA THR B 290 18.71 21.41 20.89
C THR B 290 18.62 19.90 20.75
N THR B 291 19.78 19.25 20.71
CA THR B 291 19.86 17.81 20.53
C THR B 291 21.11 17.31 21.24
N PHE B 292 21.29 15.99 21.22
CA PHE B 292 22.42 15.34 21.90
C PHE B 292 23.07 14.33 20.94
N ALA B 293 24.04 13.59 21.45
CA ALA B 293 24.78 12.64 20.63
C ALA B 293 25.58 11.70 21.53
N VAL B 294 25.86 10.51 21.02
CA VAL B 294 26.67 9.53 21.73
C VAL B 294 27.34 8.62 20.70
N THR B 295 28.50 8.09 21.09
CA THR B 295 29.27 7.21 20.23
C THR B 295 29.74 5.99 21.01
N SER B 296 29.93 4.88 20.30
CA SER B 296 30.45 3.65 20.88
C SER B 296 31.33 2.96 19.85
N ILE B 297 32.28 2.16 20.33
CA ILE B 297 33.24 1.47 19.48
C ILE B 297 33.43 0.04 19.96
N LEU B 298 33.60 -0.88 19.02
CA LEU B 298 33.91 -2.27 19.31
C LEU B 298 35.12 -2.70 18.50
N ARG B 299 36.05 -3.41 19.15
CA ARG B 299 37.24 -3.94 18.49
C ARG B 299 37.12 -5.44 18.39
N VAL B 300 37.19 -5.96 17.17
CA VAL B 300 36.96 -7.38 16.91
C VAL B 300 38.05 -7.93 16.01
N ALA B 301 38.23 -9.25 16.07
CA ALA B 301 39.27 -9.91 15.31
C ALA B 301 39.03 -9.77 13.81
N ALA B 302 40.11 -9.54 13.07
CA ALA B 302 39.99 -9.37 11.62
C ALA B 302 39.49 -10.64 10.94
N GLU B 303 39.90 -11.81 11.43
CA GLU B 303 39.46 -13.06 10.83
C GLU B 303 37.94 -13.20 10.87
N ASP B 304 37.33 -12.81 11.99
CA ASP B 304 35.88 -12.86 12.09
C ASP B 304 35.22 -11.98 11.05
N TRP B 305 35.77 -10.77 10.83
CA TRP B 305 35.21 -9.87 9.83
C TRP B 305 35.34 -10.46 8.44
N LYS B 306 36.53 -10.93 8.07
CA LYS B 306 36.77 -11.43 6.72
C LYS B 306 36.15 -12.80 6.48
N LYS B 307 35.67 -13.48 7.53
CA LYS B 307 35.00 -14.76 7.34
C LYS B 307 33.57 -14.57 6.85
N GLY B 308 32.90 -13.51 7.29
CA GLY B 308 31.54 -13.23 6.86
C GLY B 308 30.55 -13.11 8.00
N ASP B 309 31.04 -12.76 9.19
CA ASP B 309 30.15 -12.55 10.33
C ASP B 309 29.52 -11.16 10.25
N THR B 310 28.35 -11.02 10.86
CA THR B 310 27.60 -9.77 10.88
C THR B 310 27.49 -9.26 12.31
N PHE B 311 27.73 -7.97 12.49
CA PHE B 311 27.65 -7.33 13.79
C PHE B 311 26.54 -6.30 13.79
N SER B 312 25.82 -6.21 14.90
CA SER B 312 24.69 -5.30 15.05
C SER B 312 24.92 -4.40 16.26
N CYS B 313 24.52 -3.14 16.11
CA CYS B 313 24.53 -2.18 17.21
C CYS B 313 23.09 -1.84 17.57
N MET B 314 22.77 -1.93 18.85
CA MET B 314 21.44 -1.66 19.38
C MET B 314 21.48 -0.40 20.21
N VAL B 315 20.61 0.55 19.88
CA VAL B 315 20.47 1.80 20.63
C VAL B 315 19.09 1.82 21.28
N GLY B 316 19.07 2.13 22.57
CA GLY B 316 17.84 2.17 23.35
C GLY B 316 17.53 3.56 23.85
N HIS B 317 16.39 4.10 23.42
CA HIS B 317 16.00 5.46 23.72
C HIS B 317 14.48 5.52 23.84
N GLU B 318 14.00 6.44 24.67
CA GLU B 318 12.56 6.51 24.94
C GLU B 318 11.78 7.01 23.72
N ALA B 319 12.44 7.75 22.84
CA ALA B 319 11.75 8.31 21.67
C ALA B 319 11.47 7.26 20.61
N LEU B 320 12.30 6.21 20.53
CA LEU B 320 12.12 5.21 19.49
C LEU B 320 10.78 4.48 19.69
N PRO B 321 10.21 3.91 18.62
CA PRO B 321 8.87 3.33 18.74
C PRO B 321 8.75 2.25 19.80
N LEU B 322 9.58 1.21 19.69
CA LEU B 322 9.58 0.10 20.64
C LEU B 322 10.73 0.20 21.64
N ALA B 323 11.22 1.41 21.88
CA ALA B 323 12.27 1.73 22.83
C ALA B 323 13.64 1.22 22.41
N PHE B 324 13.74 0.51 21.29
CA PHE B 324 15.02 -0.03 20.84
C PHE B 324 15.07 0.00 19.33
N THR B 325 16.28 0.12 18.79
CA THR B 325 16.50 -0.01 17.35
C THR B 325 17.86 -0.62 17.14
N GLN B 326 18.06 -1.22 15.97
CA GLN B 326 19.32 -1.88 15.67
C GLN B 326 19.74 -1.61 14.23
N LYS B 327 21.05 -1.54 14.03
CA LYS B 327 21.64 -1.42 12.70
C LYS B 327 22.69 -2.50 12.54
N THR B 328 22.63 -3.22 11.43
CA THR B 328 23.51 -4.36 11.17
C THR B 328 24.51 -4.02 10.08
N ILE B 329 25.67 -4.67 10.12
CA ILE B 329 26.71 -4.46 9.12
C ILE B 329 27.52 -5.74 8.99
N ASP B 330 28.00 -5.98 7.78
CA ASP B 330 28.85 -7.12 7.47
C ASP B 330 29.90 -6.68 6.46
N ARG B 331 30.63 -7.64 5.89
CA ARG B 331 31.75 -7.30 5.02
C ARG B 331 31.29 -6.65 3.71
N LEU B 332 30.09 -6.98 3.24
CA LEU B 332 29.62 -6.52 1.94
C LEU B 332 28.66 -5.34 2.03
N ALA B 333 27.89 -5.23 3.11
CA ALA B 333 26.95 -4.13 3.24
C ALA B 333 27.70 -2.81 3.45
N GLY B 334 27.02 -1.71 3.11
CA GLY B 334 27.54 -0.38 3.28
C GLY B 334 28.17 0.23 2.04
N LYS B 335 28.44 -0.58 1.02
CA LYS B 335 29.02 -0.05 -0.22
C LYS B 335 28.97 -1.12 -1.30
N PRO B 336 28.62 -0.76 -2.56
CA PRO B 336 28.60 -1.78 -3.61
C PRO B 336 29.97 -2.38 -3.88
N THR B 337 30.95 -1.54 -4.23
CA THR B 337 32.31 -1.97 -4.50
C THR B 337 32.33 -3.21 -5.41
N HIS B 338 31.87 -2.99 -6.65
CA HIS B 338 31.90 -4.02 -7.69
C HIS B 338 30.94 -5.17 -7.37
N VAL B 339 29.67 -4.84 -7.12
CA VAL B 339 28.67 -5.89 -6.97
C VAL B 339 28.36 -6.51 -8.33
N ASN B 340 27.73 -7.68 -8.29
CA ASN B 340 27.29 -8.39 -9.50
C ASN B 340 25.81 -8.74 -9.28
N VAL B 341 24.94 -8.05 -10.02
CA VAL B 341 23.49 -8.21 -9.87
C VAL B 341 22.95 -8.82 -11.15
N SER B 342 22.01 -9.76 -11.00
CA SER B 342 21.38 -10.44 -12.13
C SER B 342 19.87 -10.30 -12.02
N VAL B 343 19.25 -9.85 -13.10
CA VAL B 343 17.79 -9.74 -13.20
C VAL B 343 17.35 -10.52 -14.43
N VAL B 344 16.36 -11.39 -14.27
CA VAL B 344 15.94 -12.29 -15.34
C VAL B 344 14.73 -11.74 -16.10
N MET B 345 13.64 -11.44 -15.39
CA MET B 345 12.43 -10.95 -16.04
C MET B 345 11.95 -11.95 -17.10
N ALA B 346 11.55 -13.12 -16.61
CA ALA B 346 11.39 -14.30 -17.44
C ALA B 346 10.44 -14.09 -18.62
N GLU B 347 9.16 -13.85 -18.33
CA GLU B 347 8.15 -13.63 -19.37
C GLU B 347 7.64 -12.21 -19.25
N VAL B 348 7.40 -11.57 -20.39
CA VAL B 348 7.02 -10.16 -20.40
C VAL B 348 5.80 -9.93 -21.29
N ASP B 349 5.45 -10.93 -22.11
CA ASP B 349 4.22 -10.92 -22.91
C ASP B 349 3.50 -12.23 -22.64
N GLY B 350 2.68 -12.23 -21.59
CA GLY B 350 2.13 -13.47 -21.08
C GLY B 350 0.73 -13.38 -20.50
N THR B 351 -0.09 -12.44 -20.98
CA THR B 351 -1.47 -12.30 -20.51
C THR B 351 -1.50 -12.08 -19.00
N CYS B 352 -0.96 -10.92 -18.61
CA CYS B 352 -0.88 -10.56 -17.20
C CYS B 352 -2.26 -10.33 -16.62
N TYR B 353 -2.84 -11.36 -16.02
CA TYR B 353 -4.14 -11.26 -15.35
C TYR B 353 -4.20 -12.22 -14.17
N CYS C 123 -34.87 -57.47 -18.28
CA CYS C 123 -33.72 -58.23 -18.75
C CYS C 123 -32.98 -58.85 -17.58
N HIS C 124 -32.56 -58.01 -16.63
CA HIS C 124 -31.84 -58.48 -15.45
C HIS C 124 -31.98 -57.46 -14.32
N PRO C 125 -32.14 -57.90 -13.07
CA PRO C 125 -32.19 -56.94 -11.96
C PRO C 125 -30.87 -56.20 -11.80
N ARG C 126 -30.97 -54.96 -11.32
CA ARG C 126 -29.81 -54.15 -11.01
C ARG C 126 -30.28 -52.90 -10.29
N LEU C 127 -29.46 -52.40 -9.36
CA LEU C 127 -29.79 -51.23 -8.56
C LEU C 127 -28.65 -50.23 -8.60
N SER C 128 -28.98 -48.94 -8.50
CA SER C 128 -27.97 -47.90 -8.54
C SER C 128 -28.47 -46.66 -7.80
N LEU C 129 -27.52 -45.93 -7.22
CA LEU C 129 -27.77 -44.68 -6.52
C LEU C 129 -27.01 -43.57 -7.24
N HIS C 130 -27.70 -42.47 -7.54
CA HIS C 130 -27.11 -41.36 -8.29
C HIS C 130 -26.97 -40.15 -7.38
N ARG C 131 -25.76 -39.60 -7.32
CA ARG C 131 -25.51 -38.42 -6.51
C ARG C 131 -26.23 -37.20 -7.11
N PRO C 132 -26.54 -36.20 -6.29
CA PRO C 132 -27.24 -35.03 -6.81
C PRO C 132 -26.38 -34.25 -7.79
N ALA C 133 -27.05 -33.62 -8.76
CA ALA C 133 -26.35 -32.83 -9.76
C ALA C 133 -25.69 -31.61 -9.12
N LEU C 134 -24.58 -31.17 -9.73
CA LEU C 134 -23.82 -30.06 -9.17
C LEU C 134 -24.53 -28.73 -9.35
N GLU C 135 -25.31 -28.59 -10.42
CA GLU C 135 -26.01 -27.32 -10.66
C GLU C 135 -26.97 -27.00 -9.53
N ASP C 136 -27.72 -28.00 -9.07
CA ASP C 136 -28.64 -27.79 -7.95
C ASP C 136 -27.91 -27.73 -6.62
N LEU C 137 -26.79 -28.44 -6.49
CA LEU C 137 -26.08 -28.47 -5.21
C LEU C 137 -25.38 -27.15 -4.92
N LEU C 138 -24.68 -26.59 -5.92
CA LEU C 138 -23.92 -25.37 -5.70
C LEU C 138 -24.79 -24.12 -5.81
N LEU C 139 -25.42 -23.93 -6.97
CA LEU C 139 -26.32 -22.79 -7.18
C LEU C 139 -27.68 -23.10 -6.57
N GLY C 140 -27.67 -23.31 -5.26
CA GLY C 140 -28.86 -23.72 -4.54
C GLY C 140 -28.46 -24.63 -3.40
N SER C 141 -29.46 -25.30 -2.83
CA SER C 141 -29.21 -26.21 -1.72
C SER C 141 -30.05 -27.49 -1.81
N GLU C 142 -30.62 -27.81 -2.97
CA GLU C 142 -31.50 -28.96 -3.11
C GLU C 142 -30.65 -30.17 -3.51
N ALA C 143 -30.31 -31.00 -2.53
CA ALA C 143 -29.57 -32.23 -2.78
C ALA C 143 -30.52 -33.43 -2.85
N ASN C 144 -31.36 -33.42 -3.88
CA ASN C 144 -32.24 -34.55 -4.13
C ASN C 144 -31.42 -35.77 -4.54
N LEU C 145 -31.85 -36.94 -4.08
CA LEU C 145 -31.19 -38.20 -4.40
C LEU C 145 -32.12 -39.07 -5.22
N THR C 146 -31.52 -39.90 -6.09
CA THR C 146 -32.27 -40.78 -6.97
C THR C 146 -31.75 -42.21 -6.82
N CYS C 147 -32.66 -43.15 -6.72
CA CYS C 147 -32.34 -44.58 -6.66
C CYS C 147 -33.14 -45.30 -7.74
N THR C 148 -32.45 -46.04 -8.61
CA THR C 148 -33.08 -46.65 -9.76
C THR C 148 -32.78 -48.14 -9.81
N LEU C 149 -33.79 -48.92 -10.19
CA LEU C 149 -33.63 -50.35 -10.41
C LEU C 149 -34.15 -50.70 -11.79
N THR C 150 -33.40 -51.59 -12.46
CA THR C 150 -33.71 -52.02 -13.81
C THR C 150 -33.87 -53.54 -13.82
N GLY C 151 -34.85 -54.02 -14.57
CA GLY C 151 -35.10 -55.44 -14.70
C GLY C 151 -36.40 -55.90 -14.08
N LEU C 152 -37.42 -55.04 -14.11
CA LEU C 152 -38.73 -55.44 -13.62
C LEU C 152 -39.26 -56.62 -14.41
N ARG C 153 -39.78 -57.61 -13.69
CA ARG C 153 -40.20 -58.85 -14.34
C ARG C 153 -41.50 -58.67 -15.11
N ASP C 154 -42.61 -58.44 -14.41
CA ASP C 154 -43.92 -58.34 -15.03
C ASP C 154 -44.65 -57.06 -14.68
N ALA C 155 -44.51 -56.56 -13.45
CA ALA C 155 -45.27 -55.40 -13.01
C ALA C 155 -44.33 -54.49 -12.21
N SER C 156 -44.92 -53.50 -11.55
CA SER C 156 -44.19 -52.51 -10.76
C SER C 156 -44.39 -52.72 -9.27
N GLY C 157 -44.54 -53.98 -8.86
CA GLY C 157 -44.69 -54.30 -7.45
C GLY C 157 -43.37 -54.25 -6.72
N VAL C 158 -42.81 -53.05 -6.55
CA VAL C 158 -41.49 -52.87 -5.96
C VAL C 158 -41.59 -51.85 -4.83
N THR C 159 -40.63 -51.91 -3.92
CA THR C 159 -40.56 -51.00 -2.78
C THR C 159 -39.14 -50.50 -2.61
N PHE C 160 -39.01 -49.32 -2.01
CA PHE C 160 -37.73 -48.70 -1.73
C PHE C 160 -37.65 -48.32 -0.26
N THR C 161 -36.42 -48.21 0.24
CA THR C 161 -36.21 -47.83 1.65
C THR C 161 -34.85 -47.15 1.80
N TRP C 162 -34.86 -45.93 2.30
CA TRP C 162 -33.64 -45.22 2.69
C TRP C 162 -33.54 -45.23 4.22
N THR C 163 -32.31 -45.13 4.71
CA THR C 163 -32.11 -45.17 6.15
C THR C 163 -32.40 -43.82 6.80
N PRO C 164 -31.89 -42.68 6.29
CA PRO C 164 -32.42 -41.41 6.83
C PRO C 164 -33.85 -41.12 6.37
N SER C 165 -34.81 -41.73 7.06
CA SER C 165 -36.21 -41.56 6.70
C SER C 165 -36.76 -40.25 7.27
N SER C 166 -36.08 -39.14 6.99
CA SER C 166 -36.57 -37.83 7.45
C SER C 166 -37.62 -37.29 6.49
N GLY C 167 -37.23 -37.06 5.24
CA GLY C 167 -38.18 -36.67 4.21
C GLY C 167 -38.90 -37.88 3.65
N LYS C 168 -39.80 -38.45 4.45
CA LYS C 168 -40.47 -39.68 4.06
C LYS C 168 -41.24 -39.54 2.75
N SER C 169 -41.59 -38.32 2.36
CA SER C 169 -42.35 -38.08 1.13
C SER C 169 -41.44 -38.25 -0.09
N ALA C 170 -40.99 -39.48 -0.28
CA ALA C 170 -40.19 -39.85 -1.45
C ALA C 170 -41.14 -40.24 -2.57
N VAL C 171 -41.32 -39.35 -3.54
CA VAL C 171 -42.27 -39.59 -4.62
C VAL C 171 -41.75 -40.69 -5.52
N GLN C 172 -42.64 -41.59 -5.93
CA GLN C 172 -42.31 -42.68 -6.85
C GLN C 172 -43.00 -42.40 -8.17
N GLY C 173 -42.22 -42.36 -9.25
CA GLY C 173 -42.74 -42.03 -10.55
C GLY C 173 -43.35 -43.23 -11.25
N PRO C 174 -43.92 -42.98 -12.43
CA PRO C 174 -44.53 -44.07 -13.20
C PRO C 174 -43.49 -45.07 -13.64
N PRO C 175 -43.86 -46.33 -13.83
CA PRO C 175 -42.87 -47.33 -14.26
C PRO C 175 -42.51 -47.19 -15.73
N GLU C 176 -41.59 -46.29 -16.04
CA GLU C 176 -41.18 -46.08 -17.42
C GLU C 176 -40.58 -47.35 -18.00
N ARG C 177 -40.84 -47.57 -19.28
CA ARG C 177 -40.34 -48.75 -19.97
C ARG C 177 -38.86 -48.58 -20.30
N ASP C 178 -38.32 -49.54 -21.07
CA ASP C 178 -36.92 -49.52 -21.46
C ASP C 178 -36.85 -49.91 -22.94
N LEU C 179 -35.62 -50.15 -23.41
CA LEU C 179 -35.41 -50.44 -24.83
C LEU C 179 -35.96 -51.81 -25.17
N CYS C 180 -36.86 -51.84 -26.15
CA CYS C 180 -37.44 -53.08 -26.69
C CYS C 180 -37.82 -54.05 -25.57
N GLY C 181 -38.81 -53.64 -24.78
CA GLY C 181 -39.42 -54.52 -23.80
C GLY C 181 -38.61 -54.71 -22.53
N CYS C 182 -38.40 -53.62 -21.79
CA CYS C 182 -37.77 -53.70 -20.48
C CYS C 182 -38.35 -52.62 -19.60
N TYR C 183 -38.34 -52.87 -18.29
CA TYR C 183 -38.96 -51.99 -17.31
C TYR C 183 -37.92 -51.49 -16.32
N SER C 184 -38.08 -50.24 -15.89
CA SER C 184 -37.22 -49.63 -14.89
C SER C 184 -38.05 -48.78 -13.95
N VAL C 185 -37.62 -48.68 -12.70
CA VAL C 185 -38.33 -47.91 -11.68
C VAL C 185 -37.31 -47.04 -10.94
N SER C 186 -37.56 -45.74 -10.90
CA SER C 186 -36.70 -44.79 -10.22
C SER C 186 -37.50 -44.02 -9.17
N SER C 187 -36.84 -43.71 -8.06
CA SER C 187 -37.48 -43.03 -6.94
C SER C 187 -36.57 -41.91 -6.45
N VAL C 188 -37.18 -40.88 -5.87
CA VAL C 188 -36.50 -39.65 -5.51
C VAL C 188 -36.71 -39.37 -4.03
N LEU C 189 -35.63 -39.04 -3.33
CA LEU C 189 -35.67 -38.65 -1.92
C LEU C 189 -35.15 -37.22 -1.79
N PRO C 190 -35.97 -36.24 -1.44
CA PRO C 190 -35.48 -34.86 -1.36
C PRO C 190 -34.69 -34.61 -0.08
N GLY C 191 -34.01 -33.46 -0.06
CA GLY C 191 -33.22 -33.07 1.08
C GLY C 191 -32.29 -31.90 0.79
N CYS C 192 -31.94 -31.14 1.82
CA CYS C 192 -31.04 -30.01 1.64
C CYS C 192 -29.58 -30.49 1.63
N ALA C 193 -28.69 -29.60 1.20
CA ALA C 193 -27.30 -29.95 0.99
C ALA C 193 -26.46 -29.98 2.26
N GLU C 194 -26.99 -29.50 3.39
CA GLU C 194 -26.21 -29.48 4.62
C GLU C 194 -25.85 -30.89 5.08
N PRO C 195 -26.79 -31.80 5.29
CA PRO C 195 -26.39 -33.16 5.71
C PRO C 195 -25.49 -33.85 4.70
N TRP C 196 -25.73 -33.65 3.41
CA TRP C 196 -24.88 -34.29 2.40
C TRP C 196 -23.45 -33.77 2.48
N ASN C 197 -23.28 -32.45 2.63
CA ASN C 197 -21.94 -31.89 2.77
C ASN C 197 -21.30 -32.33 4.07
N HIS C 198 -22.10 -32.58 5.11
CA HIS C 198 -21.55 -33.03 6.39
C HIS C 198 -20.97 -34.44 6.30
N GLY C 199 -21.29 -35.19 5.24
CA GLY C 199 -20.73 -36.52 5.06
C GLY C 199 -21.57 -37.62 5.66
N LYS C 200 -22.85 -37.64 5.33
CA LYS C 200 -23.76 -38.68 5.80
C LYS C 200 -23.65 -39.90 4.87
N THR C 201 -24.56 -40.86 5.04
CA THR C 201 -24.57 -42.06 4.22
C THR C 201 -26.01 -42.49 3.97
N PHE C 202 -26.28 -42.97 2.75
CA PHE C 202 -27.61 -43.37 2.32
C PHE C 202 -27.55 -44.77 1.75
N THR C 203 -28.58 -45.57 2.05
CA THR C 203 -28.54 -47.03 1.86
C THR C 203 -29.81 -47.54 1.18
N CYS C 204 -30.19 -46.92 0.06
CA CYS C 204 -31.35 -47.38 -0.69
C CYS C 204 -31.31 -48.88 -0.90
N THR C 205 -32.46 -49.53 -0.70
CA THR C 205 -32.60 -50.96 -0.87
C THR C 205 -33.91 -51.26 -1.58
N ALA C 206 -33.85 -52.11 -2.60
CA ALA C 206 -35.02 -52.46 -3.40
C ALA C 206 -35.53 -53.85 -3.03
N ALA C 207 -36.80 -54.09 -3.33
CA ALA C 207 -37.50 -55.32 -2.97
C ALA C 207 -38.29 -55.84 -4.15
N TYR C 208 -37.65 -55.93 -5.32
CA TYR C 208 -38.35 -56.39 -6.51
C TYR C 208 -38.90 -57.78 -6.29
N PRO C 209 -40.06 -58.12 -6.88
CA PRO C 209 -40.70 -59.41 -6.59
C PRO C 209 -40.08 -60.60 -7.30
N GLU C 210 -39.15 -60.38 -8.23
CA GLU C 210 -38.50 -61.49 -8.92
C GLU C 210 -37.62 -62.32 -8.01
N SER C 211 -37.32 -61.83 -6.81
CA SER C 211 -36.50 -62.58 -5.86
C SER C 211 -36.96 -62.26 -4.45
N LYS C 212 -36.62 -63.15 -3.52
CA LYS C 212 -36.99 -62.99 -2.12
C LYS C 212 -35.89 -62.36 -1.28
N THR C 213 -34.78 -61.94 -1.90
CA THR C 213 -33.65 -61.36 -1.17
C THR C 213 -33.41 -59.93 -1.67
N PRO C 214 -33.64 -58.91 -0.85
CA PRO C 214 -33.35 -57.53 -1.30
C PRO C 214 -31.86 -57.31 -1.50
N LEU C 215 -31.54 -56.38 -2.38
CA LEU C 215 -30.17 -55.94 -2.63
C LEU C 215 -30.06 -54.46 -2.29
N THR C 216 -28.91 -54.07 -1.74
CA THR C 216 -28.72 -52.73 -1.20
C THR C 216 -27.64 -51.99 -1.96
N ALA C 217 -27.74 -50.66 -1.95
CA ALA C 217 -26.74 -49.78 -2.55
C ALA C 217 -26.47 -48.64 -1.59
N THR C 218 -25.20 -48.25 -1.49
CA THR C 218 -24.77 -47.22 -0.55
C THR C 218 -24.01 -46.14 -1.29
N LEU C 219 -24.38 -44.87 -1.03
CA LEU C 219 -23.72 -43.72 -1.62
C LEU C 219 -23.40 -42.72 -0.51
N SER C 220 -22.21 -42.12 -0.59
CA SER C 220 -21.75 -41.14 0.38
C SER C 220 -20.88 -40.13 -0.33
N LYS C 221 -20.61 -39.01 0.33
CA LYS C 221 -19.82 -37.95 -0.27
C LYS C 221 -18.45 -38.48 -0.70
N SER C 222 -18.04 -38.12 -1.91
CA SER C 222 -16.78 -38.60 -2.45
C SER C 222 -15.60 -37.99 -1.69
N GLY C 223 -14.55 -38.78 -1.51
CA GLY C 223 -13.33 -38.34 -0.88
C GLY C 223 -12.17 -38.27 -1.87
N ASN C 224 -11.03 -37.85 -1.35
CA ASN C 224 -9.81 -37.70 -2.14
C ASN C 224 -10.06 -36.79 -3.35
N THR C 225 -10.41 -35.54 -3.05
CA THR C 225 -10.78 -34.57 -4.07
C THR C 225 -9.58 -33.72 -4.48
N PHE C 226 -9.76 -32.96 -5.55
CA PHE C 226 -8.76 -32.00 -6.02
C PHE C 226 -9.49 -30.81 -6.62
N ARG C 227 -8.77 -29.70 -6.76
CA ARG C 227 -9.37 -28.49 -7.29
C ARG C 227 -8.93 -28.25 -8.73
N PRO C 228 -9.81 -27.72 -9.57
CA PRO C 228 -9.42 -27.49 -10.97
C PRO C 228 -8.46 -26.32 -11.11
N GLU C 229 -7.78 -26.29 -12.26
CA GLU C 229 -6.85 -25.22 -12.61
C GLU C 229 -7.38 -24.55 -13.88
N VAL C 230 -8.08 -23.44 -13.71
CA VAL C 230 -8.79 -22.79 -14.81
C VAL C 230 -7.81 -21.94 -15.62
N HIS C 231 -7.94 -22.01 -16.95
CA HIS C 231 -7.15 -21.20 -17.86
C HIS C 231 -8.09 -20.57 -18.90
N LEU C 232 -7.86 -19.28 -19.18
CA LEU C 232 -8.63 -18.54 -20.17
C LEU C 232 -7.66 -18.03 -21.23
N LEU C 233 -7.88 -18.44 -22.48
CA LEU C 233 -6.91 -18.19 -23.53
C LEU C 233 -7.37 -17.06 -24.44
N PRO C 234 -6.44 -16.25 -24.96
CA PRO C 234 -6.83 -15.14 -25.84
C PRO C 234 -7.08 -15.63 -27.26
N PRO C 235 -7.79 -14.86 -28.08
CA PRO C 235 -8.07 -15.29 -29.44
C PRO C 235 -6.78 -15.51 -30.21
N PRO C 236 -6.77 -16.46 -31.15
CA PRO C 236 -5.57 -16.65 -31.99
C PRO C 236 -5.37 -15.49 -32.95
N SER C 237 -4.11 -15.32 -33.36
CA SER C 237 -3.76 -14.21 -34.23
C SER C 237 -4.46 -14.30 -35.58
N GLU C 238 -4.44 -15.49 -36.21
CA GLU C 238 -5.01 -15.64 -37.54
C GLU C 238 -6.48 -15.28 -37.59
N GLU C 239 -7.18 -15.37 -36.46
CA GLU C 239 -8.60 -15.04 -36.42
C GLU C 239 -8.85 -13.54 -36.23
N LEU C 240 -7.82 -12.76 -35.93
CA LEU C 240 -8.00 -11.33 -35.68
C LEU C 240 -7.84 -10.49 -36.94
N ALA C 241 -7.10 -10.97 -37.94
CA ALA C 241 -6.92 -10.22 -39.17
C ALA C 241 -8.19 -10.20 -40.03
N LEU C 242 -9.05 -11.20 -39.89
CA LEU C 242 -10.28 -11.25 -40.68
C LEU C 242 -11.38 -10.36 -40.12
N ASN C 243 -11.24 -9.91 -38.87
CA ASN C 243 -12.16 -8.94 -38.29
C ASN C 243 -13.62 -9.38 -38.40
N GLU C 244 -13.86 -10.65 -38.10
CA GLU C 244 -15.21 -11.20 -38.14
C GLU C 244 -15.73 -11.62 -36.77
N LEU C 245 -15.02 -12.49 -36.07
CA LEU C 245 -15.43 -13.01 -34.78
C LEU C 245 -14.19 -13.60 -34.11
N VAL C 246 -14.14 -13.50 -32.78
CA VAL C 246 -13.00 -14.00 -32.02
C VAL C 246 -13.48 -15.11 -31.11
N THR C 247 -12.58 -16.07 -30.84
CA THR C 247 -12.87 -17.26 -30.07
C THR C 247 -12.10 -17.21 -28.75
N LEU C 248 -12.83 -17.24 -27.65
CA LEU C 248 -12.25 -17.31 -26.31
C LEU C 248 -12.45 -18.71 -25.75
N THR C 249 -11.37 -19.32 -25.27
CA THR C 249 -11.37 -20.70 -24.82
C THR C 249 -11.14 -20.77 -23.31
N CYS C 250 -11.98 -21.53 -22.62
CA CYS C 250 -11.85 -21.78 -21.19
C CYS C 250 -11.60 -23.25 -20.97
N LEU C 251 -10.52 -23.56 -20.25
CA LEU C 251 -10.08 -24.94 -20.01
C LEU C 251 -9.92 -25.16 -18.52
N ALA C 252 -10.69 -26.08 -17.95
CA ALA C 252 -10.55 -26.48 -16.56
C ALA C 252 -9.94 -27.88 -16.51
N ARG C 253 -9.02 -28.09 -15.56
CA ARG C 253 -8.12 -29.23 -15.64
C ARG C 253 -7.78 -29.73 -14.24
N GLY C 254 -7.52 -31.03 -14.15
CA GLY C 254 -6.88 -31.60 -12.98
C GLY C 254 -7.73 -31.78 -11.75
N PHE C 255 -9.03 -32.05 -11.91
CA PHE C 255 -9.93 -32.27 -10.79
C PHE C 255 -10.40 -33.71 -10.79
N SER C 256 -10.47 -34.32 -9.61
CA SER C 256 -10.73 -35.76 -9.52
C SER C 256 -12.20 -36.09 -9.75
N PRO C 257 -13.15 -35.52 -9.02
CA PRO C 257 -14.56 -35.79 -9.32
C PRO C 257 -14.94 -35.23 -10.68
N LYS C 258 -15.92 -35.86 -11.30
CA LYS C 258 -16.28 -35.58 -12.68
C LYS C 258 -17.32 -34.48 -12.84
N ASP C 259 -17.75 -33.84 -11.75
CA ASP C 259 -18.78 -32.81 -11.79
C ASP C 259 -18.13 -31.43 -11.79
N VAL C 260 -18.60 -30.55 -12.68
CA VAL C 260 -18.05 -29.20 -12.80
C VAL C 260 -19.08 -28.34 -13.50
N LEU C 261 -19.00 -27.02 -13.25
CA LEU C 261 -19.86 -26.03 -13.88
C LEU C 261 -19.01 -25.00 -14.59
N VAL C 262 -19.44 -24.57 -15.77
CA VAL C 262 -18.75 -23.53 -16.55
C VAL C 262 -19.78 -22.48 -16.95
N ARG C 263 -19.46 -21.22 -16.68
CA ARG C 263 -20.32 -20.10 -17.06
C ARG C 263 -19.45 -18.99 -17.65
N TRP C 264 -20.07 -18.16 -18.48
CA TRP C 264 -19.39 -17.04 -19.12
C TRP C 264 -20.07 -15.74 -18.74
N LEU C 265 -19.29 -14.66 -18.74
CA LEU C 265 -19.79 -13.33 -18.44
C LEU C 265 -19.16 -12.31 -19.38
N GLN C 266 -19.98 -11.39 -19.87
CA GLN C 266 -19.52 -10.25 -20.65
C GLN C 266 -19.60 -9.02 -19.76
N GLY C 267 -18.50 -8.28 -19.67
CA GLY C 267 -18.44 -7.18 -18.73
C GLY C 267 -18.65 -7.67 -17.32
N SER C 268 -19.83 -7.39 -16.76
CA SER C 268 -20.21 -7.93 -15.46
C SER C 268 -21.57 -8.62 -15.52
N GLN C 269 -22.09 -8.90 -16.72
CA GLN C 269 -23.39 -9.52 -16.90
C GLN C 269 -23.22 -10.92 -17.47
N GLU C 270 -24.04 -11.85 -17.00
CA GLU C 270 -23.94 -13.24 -17.42
C GLU C 270 -24.61 -13.44 -18.78
N LEU C 271 -23.87 -14.05 -19.70
CA LEU C 271 -24.43 -14.34 -21.01
C LEU C 271 -25.41 -15.51 -20.93
N PRO C 272 -26.46 -15.52 -21.75
CA PRO C 272 -27.40 -16.64 -21.72
C PRO C 272 -26.73 -17.93 -22.19
N ARG C 273 -27.28 -19.06 -21.73
CA ARG C 273 -26.64 -20.35 -21.92
C ARG C 273 -26.55 -20.79 -23.38
N GLU C 274 -27.25 -20.12 -24.28
CA GLU C 274 -27.29 -20.53 -25.68
C GLU C 274 -26.22 -19.85 -26.54
N LYS C 275 -25.32 -19.07 -25.93
CA LYS C 275 -24.35 -18.30 -26.67
C LYS C 275 -22.96 -18.93 -26.71
N TYR C 276 -22.68 -19.93 -25.87
CA TYR C 276 -21.38 -20.56 -25.81
C TYR C 276 -21.53 -22.07 -25.89
N LEU C 277 -20.42 -22.75 -26.20
CA LEU C 277 -20.42 -24.20 -26.39
C LEU C 277 -19.57 -24.84 -25.31
N THR C 278 -20.15 -25.78 -24.57
CA THR C 278 -19.46 -26.48 -23.48
C THR C 278 -19.47 -27.98 -23.75
N TRP C 279 -18.31 -28.60 -23.60
CA TRP C 279 -18.17 -30.04 -23.78
C TRP C 279 -18.37 -30.75 -22.43
N ALA C 280 -18.08 -32.04 -22.39
CA ALA C 280 -18.22 -32.85 -21.18
C ALA C 280 -16.85 -33.21 -20.62
N SER C 281 -16.87 -33.85 -19.45
CA SER C 281 -15.65 -34.16 -18.71
C SER C 281 -15.14 -35.54 -19.11
N ARG C 282 -13.92 -35.58 -19.66
CA ARG C 282 -13.25 -36.82 -20.02
C ARG C 282 -11.96 -36.95 -19.22
N GLN C 283 -11.81 -38.05 -18.51
CA GLN C 283 -10.62 -38.24 -17.70
C GLN C 283 -9.39 -38.38 -18.59
N GLU C 284 -8.31 -37.71 -18.20
CA GLU C 284 -7.14 -37.57 -19.05
C GLU C 284 -6.17 -38.73 -18.82
N PRO C 285 -5.21 -38.91 -19.73
CA PRO C 285 -4.28 -40.03 -19.59
C PRO C 285 -3.57 -40.02 -18.26
N SER C 286 -3.31 -41.21 -17.73
CA SER C 286 -2.90 -41.39 -16.33
C SER C 286 -1.51 -40.84 -16.12
N GLN C 287 -1.43 -39.65 -15.52
CA GLN C 287 -0.18 -39.13 -14.97
C GLN C 287 -0.15 -39.40 -13.46
N GLY C 288 -0.08 -40.68 -13.12
CA GLY C 288 -0.08 -41.11 -11.74
C GLY C 288 -1.45 -41.42 -11.18
N THR C 289 -2.27 -40.41 -10.97
CA THR C 289 -3.59 -40.56 -10.36
C THR C 289 -4.69 -40.25 -11.38
N THR C 290 -5.94 -40.29 -10.91
CA THR C 290 -7.09 -40.06 -11.76
C THR C 290 -7.47 -38.59 -11.69
N THR C 291 -7.58 -37.96 -12.86
CA THR C 291 -7.96 -36.55 -12.96
C THR C 291 -8.82 -36.38 -14.22
N PHE C 292 -9.41 -35.20 -14.34
CA PHE C 292 -10.37 -34.95 -15.42
C PHE C 292 -10.06 -33.66 -16.16
N ALA C 293 -10.92 -33.26 -17.09
CA ALA C 293 -10.75 -32.01 -17.82
C ALA C 293 -12.06 -31.65 -18.51
N VAL C 294 -12.24 -30.37 -18.77
CA VAL C 294 -13.39 -29.88 -19.51
C VAL C 294 -13.00 -28.59 -20.23
N THR C 295 -13.69 -28.33 -21.35
CA THR C 295 -13.44 -27.14 -22.16
C THR C 295 -14.75 -26.48 -22.52
N SER C 296 -14.67 -25.19 -22.85
CA SER C 296 -15.78 -24.46 -23.44
C SER C 296 -15.23 -23.32 -24.27
N ILE C 297 -16.03 -22.86 -25.23
CA ILE C 297 -15.64 -21.78 -26.11
C ILE C 297 -16.77 -20.77 -26.23
N LEU C 298 -16.39 -19.52 -26.47
CA LEU C 298 -17.31 -18.42 -26.67
C LEU C 298 -16.88 -17.63 -27.90
N ARG C 299 -17.85 -17.15 -28.66
CA ARG C 299 -17.60 -16.36 -29.86
C ARG C 299 -18.08 -14.93 -29.64
N VAL C 300 -17.20 -13.97 -29.88
CA VAL C 300 -17.45 -12.58 -29.57
C VAL C 300 -17.20 -11.74 -30.82
N ALA C 301 -17.92 -10.63 -30.94
CA ALA C 301 -17.73 -9.73 -32.07
C ALA C 301 -16.32 -9.14 -32.03
N ALA C 302 -15.64 -9.16 -33.18
CA ALA C 302 -14.27 -8.64 -33.23
C ALA C 302 -14.21 -7.17 -32.87
N GLU C 303 -15.22 -6.39 -33.28
CA GLU C 303 -15.27 -4.98 -32.92
C GLU C 303 -15.50 -4.77 -31.43
N ASP C 304 -15.89 -5.80 -30.70
CA ASP C 304 -16.05 -5.72 -29.25
C ASP C 304 -14.76 -6.09 -28.52
N TRP C 305 -14.04 -7.10 -29.01
CA TRP C 305 -12.74 -7.42 -28.42
C TRP C 305 -11.76 -6.27 -28.62
N LYS C 306 -11.73 -5.70 -29.83
CA LYS C 306 -10.79 -4.61 -30.11
C LYS C 306 -11.13 -3.36 -29.32
N LYS C 307 -12.41 -3.14 -29.02
CA LYS C 307 -12.81 -1.93 -28.30
C LYS C 307 -12.16 -1.87 -26.92
N GLY C 308 -12.13 -3.01 -26.22
CA GLY C 308 -11.52 -3.07 -24.90
C GLY C 308 -12.44 -3.58 -23.82
N ASP C 309 -13.45 -4.35 -24.19
CA ASP C 309 -14.34 -4.97 -23.22
C ASP C 309 -13.67 -6.20 -22.60
N THR C 310 -14.19 -6.62 -21.45
CA THR C 310 -13.63 -7.72 -20.68
C THR C 310 -14.61 -8.87 -20.64
N PHE C 311 -14.07 -10.10 -20.71
CA PHE C 311 -14.87 -11.32 -20.68
C PHE C 311 -14.30 -12.25 -19.62
N SER C 312 -15.19 -12.90 -18.87
CA SER C 312 -14.79 -13.72 -17.74
C SER C 312 -15.36 -15.12 -17.87
N CYS C 313 -14.56 -16.12 -17.49
CA CYS C 313 -15.00 -17.51 -17.39
C CYS C 313 -14.99 -17.92 -15.93
N MET C 314 -16.12 -18.43 -15.45
CA MET C 314 -16.29 -18.86 -14.07
C MET C 314 -16.48 -20.36 -14.03
N VAL C 315 -15.77 -21.03 -13.12
CA VAL C 315 -15.82 -22.48 -12.99
C VAL C 315 -16.19 -22.82 -11.55
N GLY C 316 -17.10 -23.77 -11.39
CA GLY C 316 -17.58 -24.18 -10.08
C GLY C 316 -17.38 -25.66 -9.83
N HIS C 317 -16.72 -25.98 -8.72
CA HIS C 317 -16.41 -27.37 -8.37
C HIS C 317 -16.73 -27.60 -6.91
N GLU C 318 -16.96 -28.87 -6.56
CA GLU C 318 -17.22 -29.22 -5.17
C GLU C 318 -15.98 -29.11 -4.29
N ALA C 319 -14.78 -29.19 -4.87
CA ALA C 319 -13.54 -29.25 -4.11
C ALA C 319 -12.86 -27.89 -3.97
N LEU C 320 -13.47 -26.82 -4.47
CA LEU C 320 -12.80 -25.53 -4.34
C LEU C 320 -13.10 -24.91 -2.98
N PRO C 321 -12.17 -24.13 -2.41
CA PRO C 321 -12.40 -23.58 -1.07
C PRO C 321 -13.67 -22.74 -0.98
N LEU C 322 -13.96 -21.95 -2.01
CA LEU C 322 -15.17 -21.14 -2.07
C LEU C 322 -16.18 -21.69 -3.07
N ALA C 323 -15.88 -22.81 -3.72
CA ALA C 323 -16.73 -23.50 -4.68
C ALA C 323 -16.77 -22.81 -6.03
N PHE C 324 -16.12 -21.67 -6.20
CA PHE C 324 -16.13 -20.95 -7.46
C PHE C 324 -14.78 -20.29 -7.68
N THR C 325 -14.40 -20.15 -8.96
CA THR C 325 -13.19 -19.43 -9.31
C THR C 325 -13.36 -18.86 -10.71
N GLN C 326 -13.04 -17.57 -10.88
CA GLN C 326 -13.24 -16.89 -12.15
C GLN C 326 -11.91 -16.39 -12.70
N LYS C 327 -11.87 -16.20 -14.01
CA LYS C 327 -10.70 -15.65 -14.70
C LYS C 327 -11.18 -14.69 -15.77
N THR C 328 -10.71 -13.45 -15.72
CA THR C 328 -11.17 -12.38 -16.60
C THR C 328 -10.03 -11.94 -17.51
N ILE C 329 -10.36 -11.71 -18.78
CA ILE C 329 -9.38 -11.36 -19.80
C ILE C 329 -9.95 -10.27 -20.70
N ASP C 330 -9.07 -9.43 -21.22
CA ASP C 330 -9.43 -8.43 -22.22
C ASP C 330 -8.18 -8.16 -23.08
N ARG C 331 -8.28 -7.16 -23.95
CA ARG C 331 -7.18 -6.92 -24.89
C ARG C 331 -5.94 -6.37 -24.18
N LEU C 332 -6.13 -5.62 -23.10
CA LEU C 332 -4.98 -5.11 -22.36
C LEU C 332 -4.23 -6.24 -21.68
N ALA C 333 -4.95 -7.23 -21.15
CA ALA C 333 -4.36 -8.38 -20.51
C ALA C 333 -4.04 -9.51 -21.48
N GLY C 334 -3.84 -9.19 -22.75
CA GLY C 334 -3.46 -10.15 -23.78
C GLY C 334 -2.00 -10.06 -24.11
N LYS C 335 -1.65 -10.44 -25.35
CA LYS C 335 -0.29 -10.38 -25.82
C LYS C 335 -0.01 -8.99 -26.38
N PRO C 336 0.90 -8.21 -25.81
CA PRO C 336 1.19 -6.89 -26.36
C PRO C 336 2.17 -6.95 -27.51
N THR C 337 2.06 -5.95 -28.39
CA THR C 337 2.95 -5.85 -29.54
C THR C 337 4.16 -4.96 -29.27
N HIS C 338 4.31 -4.45 -28.05
CA HIS C 338 5.48 -3.65 -27.69
C HIS C 338 5.55 -3.55 -26.17
N VAL C 339 6.71 -3.88 -25.61
CA VAL C 339 6.93 -3.85 -24.16
C VAL C 339 8.17 -3.02 -23.88
N ASN C 340 8.04 -2.09 -22.94
CA ASN C 340 9.16 -1.29 -22.45
C ASN C 340 9.51 -1.74 -21.04
N VAL C 341 10.77 -2.10 -20.82
CA VAL C 341 11.25 -2.57 -19.54
C VAL C 341 12.27 -1.57 -19.03
N SER C 342 12.03 -1.03 -17.84
CA SER C 342 12.93 -0.07 -17.21
C SER C 342 13.31 -0.57 -15.83
N VAL C 343 14.60 -0.68 -15.58
CA VAL C 343 15.14 -1.19 -14.32
C VAL C 343 15.77 -0.02 -13.56
N VAL C 344 15.34 0.18 -12.31
CA VAL C 344 15.82 1.26 -11.47
C VAL C 344 16.56 0.65 -10.29
N MET C 345 17.76 1.17 -10.02
CA MET C 345 18.59 0.69 -8.93
C MET C 345 18.54 1.68 -7.79
N ALA C 346 18.01 1.24 -6.64
CA ALA C 346 17.85 2.08 -5.46
C ALA C 346 18.86 1.63 -4.41
N GLU C 347 20.00 2.32 -4.37
CA GLU C 347 21.08 1.95 -3.45
C GLU C 347 20.90 2.50 -2.05
N VAL C 348 20.02 3.48 -1.85
CA VAL C 348 19.84 4.07 -0.53
C VAL C 348 19.14 3.10 0.40
N ASP C 349 17.92 2.71 0.05
CA ASP C 349 17.19 1.73 0.84
C ASP C 349 16.10 1.12 -0.04
N GLY C 350 15.60 -0.04 0.38
CA GLY C 350 14.48 -0.67 -0.27
C GLY C 350 13.22 -0.54 0.57
N THR C 351 12.31 0.34 0.15
CA THR C 351 11.06 0.54 0.85
C THR C 351 9.86 0.69 -0.07
N CYS C 352 10.06 0.91 -1.37
CA CYS C 352 8.97 0.98 -2.33
C CYS C 352 7.90 1.98 -1.89
N TYR C 353 8.30 3.24 -1.87
CA TYR C 353 7.39 4.33 -1.54
C TYR C 353 6.09 4.23 -2.32
N CYS D 123 -37.06 -58.55 -28.81
CA CYS D 123 -37.08 -57.09 -28.97
C CYS D 123 -37.85 -56.70 -30.24
N HIS D 124 -38.08 -55.41 -30.41
CA HIS D 124 -38.85 -54.93 -31.54
C HIS D 124 -38.02 -55.01 -32.82
N PRO D 125 -38.48 -55.72 -33.85
CA PRO D 125 -37.70 -55.78 -35.09
C PRO D 125 -37.54 -54.39 -35.70
N ARG D 126 -36.38 -54.17 -36.31
CA ARG D 126 -36.09 -52.90 -36.96
C ARG D 126 -34.92 -53.09 -37.93
N LEU D 127 -34.74 -52.11 -38.80
CA LEU D 127 -33.67 -52.13 -39.78
C LEU D 127 -32.87 -50.84 -39.67
N SER D 128 -31.54 -50.95 -39.80
CA SER D 128 -30.65 -49.81 -39.71
C SER D 128 -29.63 -49.86 -40.84
N LEU D 129 -29.17 -48.68 -41.25
CA LEU D 129 -28.17 -48.54 -42.29
C LEU D 129 -27.07 -47.63 -41.78
N HIS D 130 -25.82 -48.08 -41.88
CA HIS D 130 -24.66 -47.36 -41.39
C HIS D 130 -23.87 -46.78 -42.56
N ARG D 131 -22.79 -46.09 -42.23
CA ARG D 131 -21.90 -45.48 -43.19
C ARG D 131 -20.47 -45.90 -42.89
N PRO D 132 -19.59 -45.90 -43.89
CA PRO D 132 -18.21 -46.32 -43.64
C PRO D 132 -17.53 -45.39 -42.64
N ALA D 133 -16.65 -45.97 -41.83
CA ALA D 133 -15.91 -45.18 -40.86
C ALA D 133 -15.04 -44.16 -41.58
N LEU D 134 -14.96 -42.95 -41.02
CA LEU D 134 -14.13 -41.91 -41.61
C LEU D 134 -12.68 -42.37 -41.67
N GLU D 135 -12.20 -43.01 -40.61
CA GLU D 135 -10.84 -43.55 -40.61
C GLU D 135 -10.67 -44.58 -41.73
N ASP D 136 -11.67 -45.47 -41.90
CA ASP D 136 -11.62 -46.41 -43.00
C ASP D 136 -11.66 -45.70 -44.35
N LEU D 137 -12.49 -44.66 -44.46
CA LEU D 137 -12.65 -43.96 -45.73
C LEU D 137 -11.35 -43.30 -46.16
N LEU D 138 -10.66 -42.63 -45.23
CA LEU D 138 -9.49 -41.84 -45.58
C LEU D 138 -8.16 -42.56 -45.35
N LEU D 139 -8.18 -43.75 -44.75
CA LEU D 139 -6.94 -44.46 -44.46
C LEU D 139 -7.01 -45.95 -44.74
N GLY D 140 -8.14 -46.48 -45.17
CA GLY D 140 -8.29 -47.92 -45.35
C GLY D 140 -8.83 -48.25 -46.72
N SER D 141 -8.39 -49.40 -47.24
CA SER D 141 -8.83 -49.90 -48.53
C SER D 141 -9.88 -50.99 -48.40
N GLU D 142 -10.44 -51.19 -47.21
CA GLU D 142 -11.49 -52.16 -46.95
C GLU D 142 -12.74 -51.49 -46.40
N ALA D 143 -13.04 -50.30 -46.90
CA ALA D 143 -14.21 -49.56 -46.46
C ALA D 143 -15.46 -50.21 -47.05
N ASN D 144 -16.27 -50.82 -46.18
CA ASN D 144 -17.46 -51.55 -46.61
C ASN D 144 -18.66 -51.05 -45.83
N LEU D 145 -19.75 -50.74 -46.54
CA LEU D 145 -20.97 -50.28 -45.90
C LEU D 145 -21.65 -51.43 -45.15
N THR D 146 -22.69 -51.09 -44.41
CA THR D 146 -23.40 -52.07 -43.59
C THR D 146 -24.89 -51.78 -43.63
N CYS D 147 -25.69 -52.84 -43.77
CA CYS D 147 -27.14 -52.77 -43.69
C CYS D 147 -27.59 -53.89 -42.76
N THR D 148 -27.98 -53.53 -41.54
CA THR D 148 -28.23 -54.50 -40.49
C THR D 148 -29.71 -54.57 -40.14
N LEU D 149 -30.12 -55.74 -39.66
CA LEU D 149 -31.49 -55.99 -39.19
C LEU D 149 -31.42 -56.26 -37.70
N THR D 150 -31.79 -55.27 -36.89
CA THR D 150 -31.72 -55.39 -35.44
C THR D 150 -32.99 -56.06 -34.94
N GLY D 151 -32.83 -57.18 -34.23
CA GLY D 151 -33.97 -57.90 -33.70
C GLY D 151 -34.45 -58.98 -34.65
N LEU D 152 -34.31 -60.24 -34.25
CA LEU D 152 -34.75 -61.36 -35.08
C LEU D 152 -35.47 -62.37 -34.21
N ARG D 153 -36.63 -62.82 -34.66
CA ARG D 153 -37.44 -63.82 -33.97
C ARG D 153 -37.95 -64.85 -34.96
N ASP D 154 -37.12 -65.22 -35.93
CA ASP D 154 -37.49 -66.19 -36.95
C ASP D 154 -36.23 -66.94 -37.37
N ALA D 155 -36.35 -67.73 -38.44
CA ALA D 155 -35.25 -68.52 -38.95
C ALA D 155 -34.44 -67.70 -39.95
N SER D 156 -33.54 -68.36 -40.68
CA SER D 156 -32.67 -67.68 -41.64
C SER D 156 -33.49 -67.34 -42.89
N GLY D 157 -34.39 -66.37 -42.71
CA GLY D 157 -35.20 -65.88 -43.81
C GLY D 157 -34.79 -64.48 -44.23
N VAL D 158 -33.48 -64.25 -44.28
CA VAL D 158 -32.92 -62.93 -44.57
C VAL D 158 -32.59 -62.85 -46.05
N THR D 159 -33.04 -61.78 -46.69
CA THR D 159 -32.74 -61.53 -48.10
C THR D 159 -32.39 -60.04 -48.23
N PHE D 160 -31.10 -59.76 -48.46
CA PHE D 160 -30.60 -58.40 -48.61
C PHE D 160 -30.15 -58.20 -50.06
N THR D 161 -30.50 -57.07 -50.64
CA THR D 161 -30.08 -56.72 -51.99
C THR D 161 -29.64 -55.27 -52.03
N TRP D 162 -28.59 -55.01 -52.78
CA TRP D 162 -28.03 -53.67 -52.95
C TRP D 162 -28.04 -53.32 -54.43
N THR D 163 -28.55 -52.12 -54.75
CA THR D 163 -28.75 -51.76 -56.15
C THR D 163 -27.46 -51.81 -56.97
N PRO D 164 -26.32 -51.32 -56.50
CA PRO D 164 -25.11 -51.34 -57.34
C PRO D 164 -24.77 -52.76 -57.77
N SER D 165 -24.33 -52.89 -59.02
CA SER D 165 -24.00 -54.19 -59.63
C SER D 165 -22.63 -54.11 -60.31
N SER D 166 -21.65 -53.56 -59.59
CA SER D 166 -20.31 -53.45 -60.15
C SER D 166 -19.72 -54.84 -60.44
N GLY D 167 -19.95 -55.79 -59.54
CA GLY D 167 -19.41 -57.13 -59.70
C GLY D 167 -18.58 -57.56 -58.51
N LYS D 168 -18.81 -56.93 -57.36
CA LYS D 168 -18.11 -57.27 -56.13
C LYS D 168 -18.89 -58.36 -55.39
N SER D 169 -18.49 -58.64 -54.16
CA SER D 169 -19.13 -59.66 -53.32
C SER D 169 -19.96 -58.96 -52.25
N ALA D 170 -21.22 -59.37 -52.13
CA ALA D 170 -22.14 -58.82 -51.14
C ALA D 170 -22.55 -59.89 -50.13
N VAL D 171 -21.59 -60.70 -49.69
CA VAL D 171 -21.87 -61.79 -48.78
C VAL D 171 -22.33 -61.24 -47.44
N GLN D 172 -23.17 -62.01 -46.75
CA GLN D 172 -23.66 -61.61 -45.44
C GLN D 172 -22.54 -61.57 -44.42
N GLY D 173 -22.63 -60.61 -43.50
CA GLY D 173 -21.67 -60.48 -42.43
C GLY D 173 -21.82 -61.58 -41.41
N PRO D 174 -21.35 -61.35 -40.19
CA PRO D 174 -21.47 -62.36 -39.13
C PRO D 174 -22.86 -62.33 -38.51
N PRO D 175 -23.69 -63.35 -38.72
CA PRO D 175 -25.01 -63.37 -38.07
C PRO D 175 -24.90 -63.92 -36.66
N GLU D 176 -25.19 -63.08 -35.68
CA GLU D 176 -25.10 -63.47 -34.28
C GLU D 176 -26.19 -62.74 -33.50
N ARG D 177 -26.09 -62.75 -32.18
CA ARG D 177 -27.07 -62.15 -31.29
C ARG D 177 -26.58 -60.80 -30.81
N ASP D 178 -27.46 -60.09 -30.10
CA ASP D 178 -27.15 -58.78 -29.57
C ASP D 178 -27.48 -58.72 -28.08
N LEU D 179 -27.40 -57.54 -27.48
CA LEU D 179 -27.66 -57.39 -26.06
C LEU D 179 -29.12 -57.66 -25.74
N CYS D 180 -29.35 -58.33 -24.61
CA CYS D 180 -30.71 -58.59 -24.11
C CYS D 180 -31.54 -59.37 -25.12
N GLY D 181 -31.08 -60.58 -25.42
CA GLY D 181 -31.89 -61.55 -26.15
C GLY D 181 -32.37 -61.11 -27.52
N CYS D 182 -31.47 -60.59 -28.34
CA CYS D 182 -31.81 -60.15 -29.68
C CYS D 182 -30.91 -60.83 -30.71
N TYR D 183 -31.47 -61.08 -31.89
CA TYR D 183 -30.74 -61.66 -33.00
C TYR D 183 -30.65 -60.65 -34.14
N SER D 184 -29.51 -60.62 -34.81
CA SER D 184 -29.27 -59.66 -35.88
C SER D 184 -28.38 -60.28 -36.94
N VAL D 185 -28.66 -59.93 -38.20
CA VAL D 185 -27.87 -60.38 -39.35
C VAL D 185 -27.37 -59.15 -40.08
N SER D 186 -26.08 -59.11 -40.35
CA SER D 186 -25.44 -57.96 -40.98
C SER D 186 -24.91 -58.35 -42.35
N SER D 187 -24.83 -57.36 -43.25
CA SER D 187 -24.30 -57.53 -44.58
C SER D 187 -23.26 -56.44 -44.84
N VAL D 188 -22.20 -56.80 -45.58
CA VAL D 188 -21.10 -55.91 -45.87
C VAL D 188 -20.72 -56.06 -47.35
N LEU D 189 -19.70 -55.32 -47.75
CA LEU D 189 -19.15 -55.38 -49.11
C LEU D 189 -17.64 -55.51 -49.01
N PRO D 190 -17.14 -56.67 -48.54
CA PRO D 190 -15.69 -56.81 -48.35
C PRO D 190 -14.89 -56.65 -49.62
N GLY D 191 -15.45 -57.03 -50.77
CA GLY D 191 -14.71 -56.96 -52.03
C GLY D 191 -14.59 -55.57 -52.61
N CYS D 192 -15.23 -54.57 -52.00
CA CYS D 192 -15.17 -53.20 -52.48
C CYS D 192 -14.67 -52.30 -51.36
N ALA D 193 -13.81 -51.34 -51.73
CA ALA D 193 -13.25 -50.37 -50.79
C ALA D 193 -14.12 -49.13 -50.65
N GLU D 194 -15.42 -49.24 -50.93
CA GLU D 194 -16.33 -48.11 -50.89
C GLU D 194 -15.87 -47.01 -51.85
N PRO D 195 -15.81 -47.28 -53.17
CA PRO D 195 -15.48 -46.22 -54.13
C PRO D 195 -16.73 -45.50 -54.62
N TRP D 196 -17.35 -44.74 -53.73
CA TRP D 196 -18.60 -44.04 -54.00
C TRP D 196 -18.41 -42.53 -53.89
N ASN D 197 -17.29 -42.02 -54.43
CA ASN D 197 -17.06 -40.59 -54.45
C ASN D 197 -18.10 -39.87 -55.31
N HIS D 198 -18.48 -40.48 -56.43
CA HIS D 198 -19.44 -39.85 -57.33
C HIS D 198 -20.81 -39.66 -56.67
N GLY D 199 -21.08 -40.36 -55.58
CA GLY D 199 -22.32 -40.17 -54.85
C GLY D 199 -23.37 -41.22 -55.17
N LYS D 200 -22.97 -42.48 -55.19
CA LYS D 200 -23.93 -43.56 -55.40
C LYS D 200 -24.91 -43.62 -54.23
N THR D 201 -26.20 -43.75 -54.57
CA THR D 201 -27.22 -43.76 -53.52
C THR D 201 -27.04 -44.95 -52.59
N PHE D 202 -26.76 -46.12 -53.15
CA PHE D 202 -26.52 -47.33 -52.37
C PHE D 202 -27.67 -47.62 -51.40
N THR D 203 -28.85 -47.77 -51.98
CA THR D 203 -30.04 -48.09 -51.20
C THR D 203 -30.11 -49.58 -50.90
N CYS D 204 -30.54 -49.92 -49.69
CA CYS D 204 -30.59 -51.29 -49.22
C CYS D 204 -32.05 -51.78 -49.22
N THR D 205 -32.28 -52.97 -49.78
CA THR D 205 -33.61 -53.56 -49.80
C THR D 205 -33.56 -54.90 -49.08
N ALA D 206 -34.42 -55.07 -48.07
CA ALA D 206 -34.42 -56.26 -47.24
C ALA D 206 -35.81 -56.87 -47.20
N ALA D 207 -35.84 -58.20 -47.16
CA ALA D 207 -37.09 -58.95 -47.09
C ALA D 207 -36.99 -59.98 -45.97
N TYR D 208 -38.13 -60.23 -45.32
CA TYR D 208 -38.23 -61.15 -44.21
C TYR D 208 -39.45 -62.03 -44.39
N PRO D 209 -39.56 -63.13 -43.63
CA PRO D 209 -40.72 -64.01 -43.76
C PRO D 209 -41.97 -63.47 -43.10
N GLU D 210 -41.94 -62.22 -42.64
CA GLU D 210 -43.09 -61.62 -41.97
C GLU D 210 -44.11 -61.18 -43.03
N SER D 211 -45.10 -60.40 -42.61
CA SER D 211 -46.16 -59.94 -43.49
C SER D 211 -45.59 -59.34 -44.77
N LYS D 212 -46.39 -59.27 -45.83
CA LYS D 212 -45.91 -58.81 -47.13
C LYS D 212 -45.71 -57.31 -47.15
N THR D 213 -44.77 -56.81 -46.35
CA THR D 213 -44.42 -55.39 -46.32
C THR D 213 -42.90 -55.27 -46.29
N PRO D 214 -42.25 -55.43 -47.44
CA PRO D 214 -40.79 -55.33 -47.47
C PRO D 214 -40.30 -53.97 -46.97
N LEU D 215 -39.19 -53.99 -46.26
CA LEU D 215 -38.58 -52.79 -45.70
C LEU D 215 -37.24 -52.52 -46.39
N THR D 216 -36.98 -51.25 -46.67
CA THR D 216 -35.71 -50.79 -47.21
C THR D 216 -35.06 -49.85 -46.20
N ALA D 217 -33.94 -49.26 -46.61
CA ALA D 217 -33.21 -48.31 -45.77
C ALA D 217 -32.94 -47.04 -46.56
N THR D 218 -32.81 -45.94 -45.83
CA THR D 218 -32.56 -44.63 -46.44
C THR D 218 -31.06 -44.38 -46.52
N LEU D 219 -30.54 -44.32 -47.75
CA LEU D 219 -29.12 -44.10 -47.97
C LEU D 219 -28.94 -43.05 -49.05
N SER D 220 -28.17 -42.01 -48.74
CA SER D 220 -27.87 -40.96 -49.70
C SER D 220 -26.61 -40.23 -49.24
N LYS D 221 -26.00 -39.50 -50.17
CA LYS D 221 -24.80 -38.73 -49.90
C LYS D 221 -25.19 -37.25 -49.83
N SER D 222 -25.44 -36.77 -48.61
CA SER D 222 -25.82 -35.38 -48.42
C SER D 222 -24.62 -34.47 -48.68
N GLY D 223 -24.89 -33.34 -49.33
CA GLY D 223 -23.84 -32.39 -49.64
C GLY D 223 -23.56 -31.44 -48.49
N ASN D 224 -23.49 -30.14 -48.78
CA ASN D 224 -23.24 -29.13 -47.76
C ASN D 224 -21.94 -29.42 -47.00
N THR D 225 -20.83 -29.37 -47.73
CA THR D 225 -19.52 -29.68 -47.19
C THR D 225 -18.79 -28.38 -46.88
N PHE D 226 -18.51 -28.16 -45.60
CA PHE D 226 -17.74 -27.01 -45.14
C PHE D 226 -16.41 -27.49 -44.58
N ARG D 227 -15.34 -26.77 -44.90
CA ARG D 227 -14.01 -27.19 -44.47
C ARG D 227 -13.76 -26.74 -43.03
N PRO D 228 -13.11 -27.58 -42.21
CA PRO D 228 -12.73 -27.14 -40.87
C PRO D 228 -11.68 -26.03 -40.89
N GLU D 229 -11.73 -25.20 -39.86
CA GLU D 229 -10.68 -24.24 -39.56
C GLU D 229 -10.00 -24.68 -38.26
N VAL D 230 -8.68 -24.83 -38.31
CA VAL D 230 -7.92 -25.43 -37.22
C VAL D 230 -7.05 -24.37 -36.58
N HIS D 231 -7.10 -24.28 -35.26
CA HIS D 231 -6.28 -23.36 -34.48
C HIS D 231 -5.48 -24.15 -33.46
N LEU D 232 -4.17 -23.92 -33.43
CA LEU D 232 -3.28 -24.52 -32.45
C LEU D 232 -2.82 -23.42 -31.51
N LEU D 233 -3.08 -23.60 -30.21
CA LEU D 233 -2.83 -22.54 -29.24
C LEU D 233 -1.62 -22.87 -28.37
N PRO D 234 -0.81 -21.89 -27.99
CA PRO D 234 0.37 -22.15 -27.16
C PRO D 234 -0.03 -22.31 -25.70
N PRO D 235 0.88 -22.77 -24.85
CA PRO D 235 0.53 -23.00 -23.45
C PRO D 235 0.28 -21.68 -22.73
N PRO D 236 -0.54 -21.68 -21.68
CA PRO D 236 -0.64 -20.49 -20.84
C PRO D 236 0.69 -20.19 -20.16
N SER D 237 0.93 -18.91 -19.90
CA SER D 237 2.22 -18.51 -19.33
C SER D 237 2.39 -18.98 -17.90
N GLU D 238 1.30 -19.13 -17.16
CA GLU D 238 1.39 -19.61 -15.79
C GLU D 238 1.98 -21.02 -15.76
N GLU D 239 1.57 -21.89 -16.69
CA GLU D 239 2.12 -23.23 -16.75
C GLU D 239 3.61 -23.19 -17.11
N LEU D 240 4.05 -22.17 -17.83
CA LEU D 240 5.45 -22.06 -18.20
C LEU D 240 6.33 -21.58 -17.06
N ALA D 241 5.73 -21.03 -16.00
CA ALA D 241 6.49 -20.51 -14.87
C ALA D 241 6.86 -21.57 -13.85
N LEU D 242 6.33 -22.79 -13.98
CA LEU D 242 6.60 -23.86 -13.03
C LEU D 242 7.49 -24.96 -13.58
N ASN D 243 7.68 -25.03 -14.89
CA ASN D 243 8.62 -25.95 -15.52
C ASN D 243 8.31 -27.41 -15.15
N GLU D 244 7.04 -27.79 -15.25
CA GLU D 244 6.63 -29.17 -15.06
C GLU D 244 6.05 -29.77 -16.34
N LEU D 245 4.99 -29.18 -16.88
CA LEU D 245 4.32 -29.71 -18.06
C LEU D 245 3.50 -28.59 -18.69
N VAL D 246 3.38 -28.62 -20.01
CA VAL D 246 2.70 -27.57 -20.76
C VAL D 246 1.61 -28.20 -21.61
N THR D 247 0.47 -27.51 -21.70
CA THR D 247 -0.70 -27.98 -22.42
C THR D 247 -0.83 -27.25 -23.74
N LEU D 248 -0.89 -28.01 -24.83
CA LEU D 248 -1.15 -27.48 -26.16
C LEU D 248 -2.56 -27.88 -26.57
N THR D 249 -3.33 -26.92 -27.06
CA THR D 249 -4.73 -27.11 -27.40
C THR D 249 -4.93 -27.00 -28.91
N CYS D 250 -5.70 -27.93 -29.47
CA CYS D 250 -6.12 -27.90 -30.86
C CYS D 250 -7.63 -27.73 -30.92
N LEU D 251 -8.09 -26.80 -31.74
CA LEU D 251 -9.52 -26.53 -31.88
C LEU D 251 -9.87 -26.53 -33.37
N ALA D 252 -10.75 -27.44 -33.77
CA ALA D 252 -11.28 -27.48 -35.13
C ALA D 252 -12.72 -26.99 -35.11
N ARG D 253 -13.03 -26.04 -35.98
CA ARG D 253 -14.29 -25.31 -35.90
C ARG D 253 -14.85 -25.07 -37.30
N GLY D 254 -16.17 -25.18 -37.43
CA GLY D 254 -16.84 -24.72 -38.63
C GLY D 254 -16.92 -25.71 -39.76
N PHE D 255 -17.30 -26.95 -39.49
CA PHE D 255 -17.51 -27.96 -40.51
C PHE D 255 -18.90 -28.56 -40.35
N SER D 256 -19.60 -28.74 -41.48
CA SER D 256 -20.98 -29.20 -41.45
C SER D 256 -21.04 -30.72 -41.23
N PRO D 257 -20.21 -31.52 -41.89
CA PRO D 257 -20.23 -32.96 -41.64
C PRO D 257 -19.61 -33.28 -40.28
N LYS D 258 -20.45 -33.70 -39.34
CA LYS D 258 -20.02 -33.94 -37.96
C LYS D 258 -19.27 -35.26 -37.85
N ASP D 259 -18.15 -35.32 -38.56
CA ASP D 259 -17.30 -36.51 -38.56
C ASP D 259 -15.88 -36.08 -38.88
N VAL D 260 -15.01 -36.09 -37.87
CA VAL D 260 -13.64 -35.60 -38.02
C VAL D 260 -12.75 -36.42 -37.09
N LEU D 261 -11.49 -36.53 -37.45
CA LEU D 261 -10.51 -37.19 -36.60
C LEU D 261 -9.31 -36.28 -36.37
N VAL D 262 -8.78 -36.28 -35.15
CA VAL D 262 -7.67 -35.44 -34.75
C VAL D 262 -6.49 -36.31 -34.38
N ARG D 263 -5.31 -35.96 -34.88
CA ARG D 263 -4.08 -36.66 -34.57
C ARG D 263 -3.02 -35.63 -34.20
N TRP D 264 -2.03 -36.07 -33.44
CA TRP D 264 -0.94 -35.21 -32.97
C TRP D 264 0.39 -35.75 -33.44
N LEU D 265 1.31 -34.84 -33.74
CA LEU D 265 2.67 -35.19 -34.14
C LEU D 265 3.66 -34.35 -33.36
N GLN D 266 4.80 -34.95 -33.01
CA GLN D 266 5.92 -34.24 -32.43
C GLN D 266 7.03 -34.23 -33.47
N GLY D 267 7.23 -33.08 -34.10
CA GLY D 267 8.15 -33.01 -35.22
C GLY D 267 7.59 -33.78 -36.39
N SER D 268 8.17 -34.94 -36.68
CA SER D 268 7.64 -35.85 -37.71
C SER D 268 7.06 -37.13 -37.14
N GLN D 269 7.47 -37.53 -35.94
CA GLN D 269 6.97 -38.76 -35.34
C GLN D 269 5.55 -38.56 -34.83
N GLU D 270 4.69 -39.55 -35.10
CA GLU D 270 3.33 -39.54 -34.60
C GLU D 270 3.29 -39.91 -33.13
N LEU D 271 2.16 -39.62 -32.48
CA LEU D 271 1.96 -39.92 -31.07
C LEU D 271 0.85 -40.93 -30.90
N PRO D 272 1.02 -41.95 -30.07
CA PRO D 272 -0.06 -42.93 -29.87
C PRO D 272 -1.28 -42.27 -29.25
N ARG D 273 -2.46 -42.84 -29.53
CA ARG D 273 -3.71 -42.24 -29.12
C ARG D 273 -3.89 -42.20 -27.61
N GLU D 274 -3.05 -42.90 -26.86
CA GLU D 274 -3.13 -42.89 -25.40
C GLU D 274 -2.36 -41.74 -24.77
N LYS D 275 -1.71 -40.90 -25.57
CA LYS D 275 -0.92 -39.79 -25.06
C LYS D 275 -1.66 -38.45 -25.11
N TYR D 276 -2.92 -38.44 -25.52
CA TYR D 276 -3.68 -37.19 -25.61
C TYR D 276 -5.16 -37.48 -25.45
N LEU D 277 -5.91 -36.42 -25.17
CA LEU D 277 -7.35 -36.49 -24.96
C LEU D 277 -8.06 -35.74 -26.09
N THR D 278 -9.21 -36.28 -26.52
CA THR D 278 -10.02 -35.64 -27.54
C THR D 278 -11.48 -35.75 -27.15
N TRP D 279 -12.21 -34.63 -27.26
CA TRP D 279 -13.62 -34.59 -26.93
C TRP D 279 -14.46 -34.91 -28.15
N ALA D 280 -15.75 -35.18 -27.91
CA ALA D 280 -16.67 -35.48 -28.99
C ALA D 280 -16.96 -34.22 -29.80
N SER D 281 -17.51 -34.42 -31.00
CA SER D 281 -17.81 -33.33 -31.91
C SER D 281 -19.22 -32.81 -31.62
N ARG D 282 -19.32 -31.52 -31.29
CA ARG D 282 -20.59 -30.91 -30.93
C ARG D 282 -21.00 -29.90 -31.99
N GLN D 283 -22.24 -29.43 -31.89
CA GLN D 283 -22.80 -28.48 -32.83
C GLN D 283 -22.75 -27.09 -32.18
N GLU D 284 -21.93 -26.21 -32.74
CA GLU D 284 -21.79 -24.89 -32.13
C GLU D 284 -22.89 -23.96 -32.59
N PRO D 285 -23.32 -23.03 -31.74
CA PRO D 285 -24.37 -22.09 -32.16
C PRO D 285 -23.90 -21.22 -33.31
N SER D 286 -24.84 -20.90 -34.20
CA SER D 286 -24.52 -20.12 -35.39
C SER D 286 -25.78 -19.39 -35.84
N GLN D 287 -25.61 -18.51 -36.82
CA GLN D 287 -26.72 -17.73 -37.39
C GLN D 287 -27.14 -18.40 -38.70
N GLY D 288 -28.12 -19.29 -38.61
CA GLY D 288 -28.64 -19.96 -39.78
C GLY D 288 -27.89 -21.22 -40.14
N THR D 289 -26.68 -21.07 -40.69
CA THR D 289 -25.90 -22.22 -41.11
C THR D 289 -25.45 -23.02 -39.89
N THR D 290 -25.47 -24.35 -40.03
CA THR D 290 -25.05 -25.25 -38.97
C THR D 290 -23.55 -25.54 -39.09
N THR D 291 -22.88 -25.62 -37.95
CA THR D 291 -21.45 -25.88 -37.93
C THR D 291 -21.10 -26.66 -36.67
N PHE D 292 -20.04 -27.46 -36.77
CA PHE D 292 -19.61 -28.33 -35.68
C PHE D 292 -18.20 -27.96 -35.24
N ALA D 293 -17.90 -28.29 -33.99
CA ALA D 293 -16.63 -27.96 -33.37
C ALA D 293 -16.14 -29.13 -32.54
N VAL D 294 -14.82 -29.19 -32.34
CA VAL D 294 -14.19 -30.23 -31.54
C VAL D 294 -12.86 -29.69 -31.04
N THR D 295 -12.40 -30.22 -29.90
CA THR D 295 -11.17 -29.78 -29.26
C THR D 295 -10.32 -30.99 -28.87
N SER D 296 -9.07 -30.71 -28.53
CA SER D 296 -8.16 -31.73 -28.04
C SER D 296 -7.01 -31.03 -27.31
N ILE D 297 -6.38 -31.74 -26.39
CA ILE D 297 -5.26 -31.20 -25.63
C ILE D 297 -4.16 -32.26 -25.53
N LEU D 298 -2.93 -31.78 -25.41
CA LEU D 298 -1.76 -32.64 -25.27
C LEU D 298 -0.81 -32.00 -24.28
N ARG D 299 -0.40 -32.75 -23.26
CA ARG D 299 0.55 -32.27 -22.26
C ARG D 299 1.93 -32.82 -22.57
N VAL D 300 2.91 -31.92 -22.65
CA VAL D 300 4.28 -32.30 -22.99
C VAL D 300 5.23 -31.71 -21.96
N ALA D 301 6.42 -32.32 -21.86
CA ALA D 301 7.41 -31.91 -20.89
C ALA D 301 7.89 -30.49 -21.17
N ALA D 302 7.95 -29.68 -20.11
CA ALA D 302 8.36 -28.29 -20.27
C ALA D 302 9.77 -28.19 -20.85
N GLU D 303 10.66 -29.13 -20.49
CA GLU D 303 12.02 -29.09 -21.02
C GLU D 303 12.03 -29.25 -22.53
N ASP D 304 11.22 -30.17 -23.06
CA ASP D 304 11.19 -30.38 -24.50
C ASP D 304 10.60 -29.16 -25.21
N TRP D 305 9.53 -28.58 -24.65
CA TRP D 305 8.95 -27.38 -25.25
C TRP D 305 9.95 -26.24 -25.28
N LYS D 306 10.67 -26.03 -24.17
CA LYS D 306 11.68 -24.98 -24.14
C LYS D 306 12.84 -25.29 -25.08
N LYS D 307 13.11 -26.56 -25.34
CA LYS D 307 14.19 -26.92 -26.26
C LYS D 307 13.89 -26.40 -27.66
N GLY D 308 12.64 -26.53 -28.11
CA GLY D 308 12.24 -26.00 -29.39
C GLY D 308 11.69 -27.04 -30.34
N ASP D 309 11.25 -28.18 -29.80
CA ASP D 309 10.64 -29.20 -30.63
C ASP D 309 9.28 -28.73 -31.13
N THR D 310 9.00 -29.02 -32.41
CA THR D 310 7.77 -28.55 -33.05
C THR D 310 6.65 -29.56 -32.83
N PHE D 311 5.45 -29.06 -32.55
CA PHE D 311 4.28 -29.90 -32.31
C PHE D 311 3.18 -29.52 -33.29
N SER D 312 2.57 -30.53 -33.91
CA SER D 312 1.61 -30.32 -34.98
C SER D 312 0.31 -31.05 -34.68
N CYS D 313 -0.79 -30.43 -35.08
CA CYS D 313 -2.13 -31.00 -34.99
C CYS D 313 -2.68 -31.22 -36.39
N MET D 314 -3.19 -32.42 -36.64
CA MET D 314 -3.69 -32.81 -37.96
C MET D 314 -5.15 -33.17 -37.86
N VAL D 315 -5.97 -32.56 -38.71
CA VAL D 315 -7.42 -32.78 -38.72
C VAL D 315 -7.77 -33.44 -40.04
N GLY D 316 -8.44 -34.60 -39.95
CA GLY D 316 -8.92 -35.31 -41.12
C GLY D 316 -10.44 -35.21 -41.18
N HIS D 317 -10.93 -34.86 -42.37
CA HIS D 317 -12.35 -34.59 -42.59
C HIS D 317 -12.70 -34.91 -44.02
N GLU D 318 -13.99 -35.13 -44.27
CA GLU D 318 -14.43 -35.53 -45.61
C GLU D 318 -14.32 -34.36 -46.60
N ALA D 319 -14.75 -33.17 -46.20
CA ALA D 319 -14.85 -32.04 -47.13
C ALA D 319 -13.50 -31.58 -47.65
N LEU D 320 -12.40 -31.99 -47.05
CA LEU D 320 -11.09 -31.52 -47.48
C LEU D 320 -10.73 -32.14 -48.83
N PRO D 321 -9.97 -31.41 -49.67
CA PRO D 321 -9.49 -32.01 -50.93
C PRO D 321 -8.48 -33.12 -50.69
N LEU D 322 -7.46 -32.84 -49.89
CA LEU D 322 -6.47 -33.85 -49.51
C LEU D 322 -6.89 -34.63 -48.28
N ALA D 323 -8.02 -34.31 -47.67
CA ALA D 323 -8.58 -34.99 -46.51
C ALA D 323 -7.77 -34.80 -45.24
N PHE D 324 -6.80 -33.87 -45.23
CA PHE D 324 -6.00 -33.65 -44.04
C PHE D 324 -5.45 -32.23 -44.03
N THR D 325 -5.63 -31.54 -42.91
CA THR D 325 -5.09 -30.19 -42.70
C THR D 325 -4.17 -30.23 -41.49
N GLN D 326 -2.96 -29.72 -41.67
CA GLN D 326 -1.94 -29.75 -40.64
C GLN D 326 -1.62 -28.34 -40.16
N LYS D 327 -1.46 -28.19 -38.84
CA LYS D 327 -1.05 -26.95 -38.22
C LYS D 327 0.13 -27.22 -37.31
N THR D 328 0.99 -26.21 -37.14
CA THR D 328 2.24 -26.34 -36.42
C THR D 328 2.37 -25.24 -35.39
N ILE D 329 3.05 -25.54 -34.28
CA ILE D 329 3.38 -24.53 -33.28
C ILE D 329 4.65 -24.97 -32.55
N ASP D 330 5.40 -23.98 -32.07
CA ASP D 330 6.62 -24.19 -31.31
C ASP D 330 6.94 -22.88 -30.60
N ARG D 331 7.99 -22.89 -29.79
CA ARG D 331 8.41 -21.68 -29.11
C ARG D 331 8.82 -20.62 -30.14
N LEU D 332 8.98 -19.39 -29.64
CA LEU D 332 9.35 -18.24 -30.49
C LEU D 332 8.56 -18.22 -31.79
N ALA D 333 7.28 -18.60 -31.73
CA ALA D 333 6.41 -18.44 -32.89
C ALA D 333 6.00 -16.99 -33.09
N GLY D 334 5.98 -16.19 -32.02
CA GLY D 334 5.65 -14.78 -32.13
C GLY D 334 6.89 -13.91 -32.24
N LYS D 335 7.26 -13.56 -33.47
CA LYS D 335 8.45 -12.76 -33.74
C LYS D 335 8.23 -11.28 -33.48
N PRO D 336 7.13 -10.68 -33.97
CA PRO D 336 7.03 -9.21 -33.99
C PRO D 336 7.09 -8.54 -32.63
N THR D 337 7.08 -9.27 -31.51
CA THR D 337 7.20 -8.63 -30.21
C THR D 337 8.52 -7.88 -30.11
N HIS D 338 8.48 -6.71 -29.48
CA HIS D 338 9.56 -5.73 -29.53
C HIS D 338 9.94 -5.25 -28.14
N VAL D 339 10.19 -6.18 -27.22
CA VAL D 339 10.63 -5.81 -25.88
C VAL D 339 11.83 -4.89 -25.96
N ASN D 340 11.84 -3.87 -25.10
CA ASN D 340 12.93 -2.90 -25.03
C ASN D 340 13.39 -2.77 -23.60
N VAL D 341 14.71 -2.66 -23.40
CA VAL D 341 15.32 -2.67 -22.09
C VAL D 341 16.18 -1.43 -21.92
N SER D 342 16.12 -0.83 -20.74
CA SER D 342 16.97 0.31 -20.39
C SER D 342 17.07 0.40 -18.88
N VAL D 343 18.27 0.69 -18.39
CA VAL D 343 18.53 0.79 -16.96
C VAL D 343 18.96 2.21 -16.62
N VAL D 344 18.71 2.61 -15.38
CA VAL D 344 19.02 3.94 -14.90
C VAL D 344 19.85 3.82 -13.62
N MET D 345 20.81 4.73 -13.46
CA MET D 345 21.75 4.74 -12.34
C MET D 345 22.16 3.33 -11.94
N SER E 2 2.09 11.90 -4.81
CA SER E 2 0.85 11.98 -5.58
C SER E 2 -0.36 12.30 -4.69
N PRO E 3 -0.45 11.72 -3.50
CA PRO E 3 -1.54 12.06 -2.59
C PRO E 3 -1.38 13.41 -1.90
N ILE E 4 -0.29 14.12 -2.15
CA ILE E 4 -0.05 15.40 -1.48
C ILE E 4 -0.76 16.52 -2.24
N PHE E 5 -1.04 17.60 -1.53
CA PHE E 5 -1.77 18.73 -2.07
C PHE E 5 -1.12 20.01 -1.57
N GLY E 6 -1.58 21.15 -2.08
CA GLY E 6 -1.06 22.44 -1.68
C GLY E 6 -1.50 23.54 -2.62
N PRO E 7 -1.02 24.76 -2.40
CA PRO E 7 -1.32 25.86 -3.33
C PRO E 7 -0.36 25.84 -4.50
N GLU E 8 -0.90 25.77 -5.72
CA GLU E 8 -0.06 25.66 -6.90
C GLU E 8 0.83 26.88 -7.07
N GLU E 9 0.29 28.07 -6.84
CA GLU E 9 1.02 29.32 -7.01
C GLU E 9 0.83 30.20 -5.78
N VAL E 10 1.89 30.91 -5.42
CA VAL E 10 1.88 31.80 -4.25
C VAL E 10 2.41 33.15 -4.69
N ASN E 11 1.70 34.22 -4.30
CA ASN E 11 2.06 35.58 -4.64
C ASN E 11 2.22 36.41 -3.37
N SER E 12 3.26 37.24 -3.34
CA SER E 12 3.51 38.12 -2.20
C SER E 12 4.46 39.22 -2.65
N VAL E 13 4.59 40.25 -1.80
CA VAL E 13 5.51 41.34 -2.04
C VAL E 13 6.50 41.41 -0.88
N GLU E 14 7.55 42.17 -1.07
CA GLU E 14 8.69 42.13 -0.16
C GLU E 14 8.29 42.63 1.23
N GLY E 15 8.85 41.99 2.25
CA GLY E 15 8.68 42.42 3.62
C GLY E 15 7.55 41.75 4.37
N ASN E 16 6.69 41.00 3.70
CA ASN E 16 5.55 40.35 4.34
C ASN E 16 5.84 38.87 4.54
N SER E 17 5.14 38.28 5.51
CA SER E 17 5.26 36.85 5.76
C SER E 17 4.30 36.06 4.87
N VAL E 18 4.63 34.79 4.66
CA VAL E 18 3.82 33.88 3.88
C VAL E 18 3.62 32.60 4.67
N SER E 19 2.50 31.93 4.42
CA SER E 19 2.17 30.67 5.09
C SER E 19 1.68 29.69 4.03
N ILE E 20 2.22 28.47 4.07
CA ILE E 20 1.92 27.44 3.07
C ILE E 20 1.51 26.17 3.81
N THR E 21 0.30 25.69 3.54
CA THR E 21 -0.24 24.49 4.16
C THR E 21 -0.25 23.36 3.15
N CYS E 22 0.29 22.20 3.54
CA CYS E 22 0.35 21.02 2.68
C CYS E 22 -0.29 19.83 3.36
N TYR E 23 -1.00 19.01 2.59
CA TYR E 23 -1.85 17.95 3.09
C TYR E 23 -1.29 16.58 2.72
N TYR E 24 -1.49 15.62 3.61
CA TYR E 24 -1.13 14.23 3.38
C TYR E 24 -2.20 13.34 4.00
N PRO E 25 -2.31 12.09 3.56
CA PRO E 25 -3.23 11.15 4.20
C PRO E 25 -2.84 10.92 5.66
N PRO E 26 -3.82 10.80 6.58
CA PRO E 26 -3.47 10.75 8.01
C PRO E 26 -2.97 9.40 8.49
N THR E 27 -2.57 8.52 7.57
CA THR E 27 -2.02 7.23 7.96
C THR E 27 -0.90 7.41 8.99
N SER E 28 -0.74 6.40 9.84
CA SER E 28 0.20 6.52 10.96
C SER E 28 1.62 6.73 10.46
N VAL E 29 2.03 6.01 9.41
CA VAL E 29 3.36 6.23 8.84
C VAL E 29 3.51 7.68 8.41
N ASN E 30 2.47 8.24 7.78
CA ASN E 30 2.52 9.64 7.36
C ASN E 30 2.59 10.57 8.57
N ARG E 31 1.84 10.25 9.63
CA ARG E 31 1.87 11.09 10.82
C ARG E 31 3.24 11.10 11.46
N HIS E 32 3.93 9.96 11.47
CA HIS E 32 5.17 9.81 12.20
C HIS E 32 6.43 9.89 11.34
N THR E 33 6.28 10.09 10.04
CA THR E 33 7.44 10.18 9.16
C THR E 33 7.94 11.63 9.13
N ARG E 34 8.84 11.93 8.19
CA ARG E 34 9.52 13.22 8.15
C ARG E 34 8.89 14.10 7.08
N LYS E 35 8.60 15.34 7.44
CA LYS E 35 8.07 16.35 6.53
C LYS E 35 9.16 17.38 6.25
N TYR E 36 9.31 17.74 4.98
CA TYR E 36 10.37 18.66 4.57
C TYR E 36 9.81 19.72 3.61
N TRP E 37 10.51 20.84 3.54
CA TRP E 37 10.23 21.89 2.57
C TRP E 37 11.56 22.25 1.92
N CYS E 38 11.63 22.02 0.60
CA CYS E 38 12.86 22.13 -0.17
C CYS E 38 12.61 22.95 -1.42
N ARG E 39 13.70 23.37 -2.06
CA ARG E 39 13.66 24.20 -3.26
C ARG E 39 14.47 23.53 -4.36
N GLN E 40 13.84 23.34 -5.52
CA GLN E 40 14.51 22.69 -6.63
C GLN E 40 15.20 23.73 -7.52
N GLY E 41 16.00 23.23 -8.46
CA GLY E 41 16.74 24.08 -9.36
C GLY E 41 17.07 23.41 -10.66
N ALA E 42 17.95 24.02 -11.45
CA ALA E 42 18.33 23.47 -12.75
C ALA E 42 19.17 22.21 -12.64
N ARG E 43 19.70 21.90 -11.46
CA ARG E 43 20.52 20.70 -11.27
C ARG E 43 19.67 19.45 -11.10
N GLY E 44 18.38 19.57 -10.83
CA GLY E 44 17.50 18.43 -10.70
C GLY E 44 17.34 17.91 -9.28
N GLY E 45 18.10 18.44 -8.32
CA GLY E 45 18.05 17.99 -6.94
C GLY E 45 17.46 19.06 -6.03
N CYS E 46 16.46 18.66 -5.26
CA CYS E 46 15.82 19.56 -4.31
C CYS E 46 16.73 19.72 -3.09
N ILE E 47 17.16 20.96 -2.84
CA ILE E 47 18.02 21.27 -1.71
C ILE E 47 17.13 21.61 -0.52
N THR E 48 17.10 20.72 0.47
CA THR E 48 16.21 20.92 1.61
C THR E 48 16.53 22.23 2.31
N LEU E 49 15.50 23.05 2.53
CA LEU E 49 15.65 24.31 3.22
C LEU E 49 15.12 24.26 4.65
N ILE E 50 14.19 23.35 4.97
CA ILE E 50 13.79 23.14 6.35
C ILE E 50 13.14 21.76 6.47
N SER E 51 13.17 21.21 7.67
CA SER E 51 12.65 19.87 7.92
C SER E 51 11.98 19.83 9.28
N SER E 52 11.23 18.77 9.52
CA SER E 52 10.46 18.61 10.76
C SER E 52 11.25 17.95 11.88
N GLU E 53 12.47 17.49 11.61
CA GLU E 53 13.27 16.77 12.60
C GLU E 53 14.22 17.69 13.37
N GLY E 54 14.17 19.00 13.14
CA GLY E 54 15.01 19.94 13.84
C GLY E 54 16.03 20.66 13.00
N TYR E 55 15.99 20.53 11.68
CA TYR E 55 16.93 21.17 10.78
C TYR E 55 16.33 22.47 10.27
N VAL E 56 17.12 23.54 10.29
CA VAL E 56 16.74 24.84 9.74
C VAL E 56 17.95 25.41 9.01
N SER E 57 17.82 25.58 7.69
CA SER E 57 18.94 26.04 6.90
C SER E 57 19.46 27.38 7.40
N SER E 58 20.68 27.71 6.99
CA SER E 58 21.27 29.00 7.38
C SER E 58 20.48 30.16 6.78
N LYS E 59 20.05 30.02 5.53
CA LYS E 59 19.30 31.08 4.88
C LYS E 59 17.96 31.33 5.56
N TYR E 60 17.38 30.28 6.17
CA TYR E 60 16.04 30.35 6.74
C TYR E 60 16.06 30.45 8.26
N ALA E 61 17.21 30.76 8.86
CA ALA E 61 17.31 30.85 10.31
C ALA E 61 16.65 32.13 10.80
N GLY E 62 15.82 32.00 11.84
CA GLY E 62 15.11 33.12 12.42
C GLY E 62 13.80 33.46 11.73
N ARG E 63 13.70 33.21 10.43
CA ARG E 63 12.51 33.57 9.66
C ARG E 63 11.51 32.41 9.59
N ALA E 64 11.95 31.28 9.05
CA ALA E 64 11.03 30.21 8.69
C ALA E 64 10.87 29.19 9.82
N ASN E 65 9.73 28.51 9.83
CA ASN E 65 9.55 27.37 10.72
C ASN E 65 8.43 26.48 10.18
N LEU E 66 8.48 25.21 10.59
CA LEU E 66 7.59 24.17 10.08
C LEU E 66 6.87 23.52 11.25
N THR E 67 5.54 23.42 11.14
CA THR E 67 4.73 22.83 12.21
C THR E 67 3.82 21.76 11.62
N ASN E 68 3.83 20.57 12.23
CA ASN E 68 3.07 19.43 11.75
C ASN E 68 1.88 19.19 12.67
N PHE E 69 0.70 18.97 12.08
CA PHE E 69 -0.55 18.74 12.83
C PHE E 69 -1.04 17.35 12.47
N PRO E 70 -0.55 16.31 13.15
CA PRO E 70 -0.92 14.94 12.73
C PRO E 70 -2.41 14.68 12.70
N GLU E 71 -3.19 15.26 13.61
CA GLU E 71 -4.64 15.05 13.59
C GLU E 71 -5.24 15.61 12.31
N ASN E 72 -4.82 16.81 11.90
CA ASN E 72 -5.33 17.41 10.68
C ASN E 72 -4.95 16.58 9.46
N GLY E 73 -3.71 16.10 9.41
CA GLY E 73 -3.13 15.62 8.18
C GLY E 73 -2.37 16.66 7.40
N THR E 74 -2.04 17.79 8.02
CA THR E 74 -1.40 18.90 7.35
C THR E 74 -0.11 19.29 8.06
N PHE E 75 0.71 20.05 7.35
CA PHE E 75 1.83 20.74 7.96
C PHE E 75 2.01 22.09 7.28
N VAL E 76 2.40 23.08 8.09
CA VAL E 76 2.42 24.48 7.69
C VAL E 76 3.86 24.98 7.73
N VAL E 77 4.26 25.66 6.67
CA VAL E 77 5.55 26.33 6.59
C VAL E 77 5.29 27.83 6.65
N ASN E 78 5.87 28.50 7.64
CA ASN E 78 5.77 29.95 7.77
C ASN E 78 7.12 30.55 7.40
N ILE E 79 7.11 31.56 6.53
CA ILE E 79 8.30 32.28 6.14
C ILE E 79 8.06 33.76 6.36
N ALA E 80 9.14 34.51 6.58
CA ALA E 80 9.04 35.93 6.86
C ALA E 80 10.18 36.66 6.17
N GLN E 81 9.97 37.95 5.93
CA GLN E 81 10.97 38.82 5.31
C GLN E 81 11.38 38.29 3.93
N LEU E 82 10.40 38.19 3.04
CA LEU E 82 10.68 37.73 1.70
C LEU E 82 11.48 38.78 0.94
N SER E 83 11.82 38.46 -0.31
CA SER E 83 12.60 39.35 -1.15
C SER E 83 12.56 38.82 -2.57
N GLN E 84 13.16 39.58 -3.49
CA GLN E 84 13.17 39.16 -4.89
C GLN E 84 13.91 37.85 -5.10
N ASP E 85 14.76 37.45 -4.15
CA ASP E 85 15.49 36.21 -4.26
C ASP E 85 14.68 35.00 -3.81
N ASP E 86 13.50 35.21 -3.23
CA ASP E 86 12.64 34.12 -2.77
C ASP E 86 11.62 33.72 -3.83
N SER E 87 11.95 33.89 -5.11
CA SER E 87 11.07 33.56 -6.21
C SER E 87 11.62 32.33 -6.93
N GLY E 88 10.79 31.29 -7.06
CA GLY E 88 11.24 30.08 -7.71
C GLY E 88 10.25 28.96 -7.54
N ARG E 89 10.78 27.73 -7.59
CA ARG E 89 9.98 26.51 -7.51
C ARG E 89 10.35 25.78 -6.23
N TYR E 90 9.34 25.46 -5.42
CA TYR E 90 9.52 24.78 -4.15
C TYR E 90 8.72 23.48 -4.15
N LYS E 91 8.93 22.67 -3.12
CA LYS E 91 8.24 21.39 -2.99
C LYS E 91 7.91 21.11 -1.54
N CYS E 92 6.70 20.60 -1.31
CA CYS E 92 6.37 19.92 -0.06
C CYS E 92 6.90 18.50 -0.15
N GLY E 93 6.52 17.64 0.78
CA GLY E 93 6.82 16.23 0.63
C GLY E 93 6.93 15.52 1.96
N LEU E 94 7.22 14.22 1.85
CA LEU E 94 7.35 13.33 2.99
C LEU E 94 8.48 12.35 2.72
N GLY E 95 9.05 11.81 3.79
CA GLY E 95 10.09 10.79 3.63
C GLY E 95 11.32 11.34 2.94
N ILE E 96 11.81 10.62 1.95
CA ILE E 96 13.06 10.94 1.28
C ILE E 96 12.80 11.90 0.12
N ASN E 97 13.80 12.73 -0.17
CA ASN E 97 13.66 13.72 -1.24
C ASN E 97 13.64 13.06 -2.63
N SER E 98 14.55 12.13 -2.87
CA SER E 98 14.68 11.55 -4.21
C SER E 98 13.40 10.86 -4.69
N ARG E 99 12.57 10.39 -3.77
CA ARG E 99 11.31 9.76 -4.15
C ARG E 99 10.31 10.83 -4.60
N GLY E 100 9.15 10.39 -5.07
CA GLY E 100 8.17 11.27 -5.67
C GLY E 100 6.99 11.65 -4.81
N LEU E 101 7.05 11.42 -3.49
CA LEU E 101 5.94 11.75 -2.59
C LEU E 101 6.07 13.21 -2.19
N SER E 102 5.60 14.09 -3.07
CA SER E 102 5.76 15.54 -2.87
C SER E 102 4.68 16.27 -3.65
N PHE E 103 4.84 17.59 -3.76
CA PHE E 103 3.92 18.47 -4.48
C PHE E 103 4.66 19.76 -4.81
N ASP E 104 4.50 20.24 -6.04
CA ASP E 104 5.24 21.39 -6.53
C ASP E 104 4.47 22.67 -6.27
N VAL E 105 5.17 23.69 -5.78
CA VAL E 105 4.61 25.01 -5.54
C VAL E 105 5.50 26.04 -6.23
N SER E 106 4.91 27.19 -6.55
CA SER E 106 5.63 28.26 -7.23
C SER E 106 5.48 29.55 -6.43
N LEU E 107 6.60 30.19 -6.11
CA LEU E 107 6.62 31.42 -5.34
C LEU E 107 7.11 32.57 -6.22
N GLU E 108 6.34 33.65 -6.25
CA GLU E 108 6.71 34.85 -7.00
C GLU E 108 6.65 36.06 -6.07
N VAL E 109 7.75 36.80 -6.00
CA VAL E 109 7.86 37.98 -5.15
C VAL E 109 8.04 39.19 -6.06
N SER E 110 7.19 40.19 -5.87
CA SER E 110 7.20 41.39 -6.70
C SER E 110 7.59 42.61 -5.87
N GLN E 111 8.24 43.57 -6.52
CA GLN E 111 8.68 44.77 -5.83
C GLN E 111 7.48 45.53 -5.25
N GLY E 112 7.64 46.03 -4.03
CA GLY E 112 6.59 46.73 -3.35
C GLY E 112 6.50 48.19 -3.77
N PRO E 113 5.35 48.81 -3.51
CA PRO E 113 5.20 50.23 -3.84
C PRO E 113 5.87 51.12 -2.79
N GLY E 114 5.93 52.42 -3.13
CA GLY E 114 6.55 53.39 -2.26
C GLY E 114 7.15 54.54 -3.03
N LEU E 115 6.97 55.76 -2.51
CA LEU E 115 7.42 57.01 -3.12
C LEU E 115 6.58 57.41 -4.32
N LEU E 116 5.64 56.57 -4.75
CA LEU E 116 4.79 56.88 -5.90
C LEU E 116 3.49 57.55 -5.46
N ASN E 117 3.62 58.61 -4.67
CA ASN E 117 2.44 59.34 -4.21
C ASN E 117 1.75 60.10 -5.33
N ASP E 118 2.46 60.39 -6.42
CA ASP E 118 1.86 61.11 -7.54
C ASP E 118 0.73 60.32 -8.18
N THR E 119 0.72 59.00 -8.04
CA THR E 119 -0.31 58.15 -8.60
C THR E 119 -1.00 57.37 -7.49
N LYS E 120 -2.33 57.39 -7.49
CA LYS E 120 -3.11 56.70 -6.48
C LYS E 120 -3.31 55.24 -6.89
N VAL E 121 -4.00 54.48 -6.04
CA VAL E 121 -4.27 53.07 -6.29
C VAL E 121 -5.71 52.76 -5.88
N TYR E 122 -6.36 51.92 -6.68
CA TYR E 122 -7.72 51.47 -6.40
C TYR E 122 -7.80 49.98 -6.65
N THR E 123 -8.16 49.22 -5.61
CA THR E 123 -8.31 47.77 -5.71
C THR E 123 -9.75 47.41 -5.37
N VAL E 124 -10.41 46.69 -6.29
CA VAL E 124 -11.78 46.24 -6.09
C VAL E 124 -11.89 44.80 -6.58
N ASP E 125 -12.91 44.11 -6.09
CA ASP E 125 -13.15 42.74 -6.48
C ASP E 125 -13.77 42.68 -7.88
N LEU E 126 -13.54 41.57 -8.56
CA LEU E 126 -14.10 41.39 -9.90
C LEU E 126 -15.62 41.49 -9.84
N GLY E 127 -16.19 42.26 -10.76
CA GLY E 127 -17.63 42.40 -10.82
C GLY E 127 -18.25 43.14 -9.67
N ARG E 128 -17.54 44.09 -9.06
CA ARG E 128 -18.06 44.90 -7.97
C ARG E 128 -17.85 46.38 -8.28
N THR E 129 -18.73 47.20 -7.72
CA THR E 129 -18.76 48.62 -8.02
C THR E 129 -17.54 49.34 -7.44
N VAL E 130 -17.06 50.34 -8.17
CA VAL E 130 -15.96 51.20 -7.72
C VAL E 130 -16.34 52.64 -8.00
N THR E 131 -15.76 53.56 -7.23
CA THR E 131 -16.00 54.99 -7.36
C THR E 131 -14.68 55.73 -7.31
N ILE E 132 -14.54 56.73 -8.18
CA ILE E 132 -13.31 57.53 -8.27
C ILE E 132 -13.71 59.00 -8.17
N ASN E 133 -13.14 59.71 -7.20
CA ASN E 133 -13.40 61.13 -7.00
C ASN E 133 -12.22 61.92 -7.57
N CYS E 134 -12.51 62.82 -8.49
CA CYS E 134 -11.46 63.64 -9.13
C CYS E 134 -11.72 65.12 -8.85
N PRO E 135 -10.97 65.75 -7.96
CA PRO E 135 -11.20 67.18 -7.69
C PRO E 135 -10.86 68.05 -8.89
N PHE E 136 -11.55 69.18 -8.99
CA PHE E 136 -11.29 70.18 -10.00
C PHE E 136 -11.20 71.55 -9.35
N LYS E 137 -10.36 72.41 -9.92
CA LYS E 137 -10.13 73.73 -9.35
C LYS E 137 -11.39 74.59 -9.43
N THR E 138 -11.53 75.50 -8.46
CA THR E 138 -12.69 76.38 -8.43
C THR E 138 -12.73 77.35 -9.59
N GLU E 139 -11.58 77.62 -10.22
CA GLU E 139 -11.57 78.54 -11.36
C GLU E 139 -12.45 78.04 -12.49
N ASN E 140 -12.63 76.72 -12.61
CA ASN E 140 -13.48 76.11 -13.62
C ASN E 140 -14.84 75.83 -12.99
N ALA E 141 -15.85 76.60 -13.38
CA ALA E 141 -17.20 76.45 -12.85
C ALA E 141 -18.03 75.52 -13.74
N GLN E 142 -18.21 75.88 -15.00
CA GLN E 142 -18.94 75.09 -15.97
C GLN E 142 -17.96 74.69 -17.08
N LYS E 143 -17.25 73.59 -16.86
CA LYS E 143 -16.29 73.08 -17.82
C LYS E 143 -16.47 71.57 -17.97
N ARG E 144 -16.21 71.08 -19.17
CA ARG E 144 -16.37 69.66 -19.46
C ARG E 144 -15.49 68.84 -18.53
N LYS E 145 -16.07 67.80 -17.94
CA LYS E 145 -15.34 66.84 -17.14
C LYS E 145 -15.19 65.55 -17.94
N SER E 146 -13.96 65.11 -18.15
CA SER E 146 -13.67 63.99 -19.02
C SER E 146 -12.75 63.01 -18.32
N LEU E 147 -12.91 61.73 -18.65
CA LEU E 147 -12.04 60.67 -18.13
C LEU E 147 -11.40 59.98 -19.32
N TYR E 148 -10.07 59.81 -19.28
CA TYR E 148 -9.31 59.19 -20.35
C TYR E 148 -8.66 57.93 -19.82
N LYS E 149 -8.75 56.85 -20.58
CA LYS E 149 -8.11 55.58 -20.26
C LYS E 149 -6.86 55.43 -21.11
N GLN E 150 -5.71 55.32 -20.45
CA GLN E 150 -4.43 55.20 -21.14
C GLN E 150 -4.31 53.78 -21.70
N ILE E 151 -4.79 53.58 -22.92
CA ILE E 151 -4.79 52.30 -23.59
C ILE E 151 -3.90 52.40 -24.82
N GLY E 152 -2.94 51.48 -24.94
CA GLY E 152 -2.08 51.48 -26.10
C GLY E 152 -1.16 52.69 -26.14
N LEU E 153 -0.72 53.04 -27.35
CA LEU E 153 0.21 54.14 -27.50
C LEU E 153 -0.44 55.48 -27.19
N TYR E 154 -1.69 55.68 -27.63
CA TYR E 154 -2.37 56.95 -27.49
C TYR E 154 -3.57 56.81 -26.56
N PRO E 155 -3.78 57.73 -25.63
CA PRO E 155 -4.97 57.64 -24.76
C PRO E 155 -6.24 57.93 -25.53
N VAL E 156 -7.35 57.39 -25.02
CA VAL E 156 -8.66 57.59 -25.63
C VAL E 156 -9.61 58.14 -24.57
N LEU E 157 -10.86 58.40 -24.97
CA LEU E 157 -11.88 58.94 -24.10
C LEU E 157 -12.90 57.86 -23.75
N VAL E 158 -13.31 57.82 -22.49
CA VAL E 158 -14.25 56.80 -22.03
C VAL E 158 -15.56 57.43 -21.59
N ILE E 159 -15.51 58.66 -21.07
CA ILE E 159 -16.72 59.34 -20.64
C ILE E 159 -16.49 60.84 -20.54
N ASP E 160 -17.47 61.62 -20.98
CA ASP E 160 -17.48 63.06 -20.84
C ASP E 160 -18.61 63.47 -19.89
N SER E 161 -18.79 64.77 -19.71
CA SER E 161 -19.87 65.30 -18.88
C SER E 161 -21.13 65.61 -19.69
N SER E 162 -21.11 65.37 -21.01
CA SER E 162 -22.24 65.67 -21.87
C SER E 162 -23.04 64.44 -22.26
N GLY E 163 -22.57 63.25 -21.93
CA GLY E 163 -23.29 62.02 -22.24
C GLY E 163 -22.66 61.14 -23.30
N TYR E 164 -21.39 61.36 -23.64
CA TYR E 164 -20.70 60.53 -24.63
C TYR E 164 -19.94 59.44 -23.88
N VAL E 165 -20.37 58.19 -24.06
CA VAL E 165 -19.81 57.05 -23.36
C VAL E 165 -19.21 56.09 -24.38
N ASN E 166 -17.98 55.65 -24.11
CA ASN E 166 -17.30 54.74 -25.02
C ASN E 166 -18.08 53.43 -25.15
N PRO E 167 -18.08 52.79 -26.32
CA PRO E 167 -18.83 51.53 -26.44
C PRO E 167 -18.43 50.47 -25.43
N ASN E 168 -17.13 50.38 -25.11
CA ASN E 168 -16.66 49.35 -24.19
C ASN E 168 -17.19 49.54 -22.77
N TYR E 169 -17.75 50.71 -22.45
CA TYR E 169 -18.21 51.01 -21.09
C TYR E 169 -19.70 51.37 -21.06
N THR E 170 -20.42 51.19 -22.16
CA THR E 170 -21.80 51.63 -22.22
C THR E 170 -22.68 50.87 -21.24
N GLY E 171 -23.55 51.61 -20.54
CA GLY E 171 -24.58 51.02 -19.71
C GLY E 171 -24.21 50.75 -18.28
N ARG E 172 -22.94 50.95 -17.89
CA ARG E 172 -22.53 50.67 -16.53
C ARG E 172 -21.57 51.70 -15.93
N ILE E 173 -21.26 52.78 -16.64
CA ILE E 173 -20.38 53.83 -16.14
C ILE E 173 -21.18 55.13 -16.09
N ARG E 174 -21.11 55.81 -14.94
CA ARG E 174 -21.85 57.06 -14.76
C ARG E 174 -20.93 58.11 -14.16
N LEU E 175 -21.27 59.37 -14.40
CA LEU E 175 -20.57 60.51 -13.84
C LEU E 175 -21.55 61.31 -12.99
N ASP E 176 -21.11 61.72 -11.80
CA ASP E 176 -21.95 62.44 -10.86
C ASP E 176 -21.26 63.72 -10.41
N ILE E 177 -22.00 64.81 -10.37
CA ILE E 177 -21.54 66.06 -9.78
C ILE E 177 -22.63 66.48 -8.80
N GLN E 178 -22.47 66.07 -7.53
CA GLN E 178 -23.51 66.28 -6.55
C GLN E 178 -23.61 67.76 -6.18
N GLY E 179 -24.80 68.15 -5.70
CA GLY E 179 -25.05 69.51 -5.29
C GLY E 179 -24.57 69.79 -3.88
N THR E 180 -25.36 70.56 -3.12
CA THR E 180 -25.01 70.92 -1.76
C THR E 180 -23.66 71.64 -1.72
N GLY E 181 -23.39 72.45 -2.74
CA GLY E 181 -22.13 73.18 -2.80
C GLY E 181 -20.92 72.27 -2.87
N GLN E 182 -21.00 71.18 -3.62
CA GLN E 182 -19.89 70.26 -3.78
C GLN E 182 -19.13 70.61 -5.06
N LEU E 183 -17.82 70.82 -4.91
CA LEU E 183 -16.96 71.20 -6.02
C LEU E 183 -16.05 70.05 -6.46
N LEU E 184 -16.51 68.82 -6.28
CA LEU E 184 -15.79 67.63 -6.72
C LEU E 184 -16.74 66.73 -7.50
N PHE E 185 -16.25 66.16 -8.59
CA PHE E 185 -17.02 65.22 -9.39
C PHE E 185 -16.47 63.81 -9.21
N SER E 186 -17.34 62.83 -9.47
CA SER E 186 -17.01 61.43 -9.27
C SER E 186 -17.49 60.61 -10.46
N VAL E 187 -16.84 59.47 -10.64
CA VAL E 187 -17.22 58.49 -11.66
C VAL E 187 -17.45 57.16 -10.97
N VAL E 188 -18.61 56.55 -11.24
CA VAL E 188 -19.00 55.29 -10.61
C VAL E 188 -19.11 54.25 -11.71
N ILE E 189 -18.40 53.13 -11.53
CA ILE E 189 -18.40 52.01 -12.48
C ILE E 189 -18.96 50.80 -11.76
N ASN E 190 -19.95 50.16 -12.38
CA ASN E 190 -20.59 48.98 -11.82
C ASN E 190 -20.24 47.76 -12.66
N GLN E 191 -20.28 46.59 -12.02
CA GLN E 191 -19.98 45.32 -12.69
C GLN E 191 -18.63 45.37 -13.39
N LEU E 192 -17.59 45.55 -12.57
CA LEU E 192 -16.23 45.68 -13.08
C LEU E 192 -15.84 44.41 -13.84
N ARG E 193 -14.98 44.59 -14.84
CA ARG E 193 -14.49 43.50 -15.68
C ARG E 193 -12.97 43.45 -15.60
N LEU E 194 -12.41 42.38 -16.17
CA LEU E 194 -10.96 42.19 -16.14
C LEU E 194 -10.24 43.23 -16.98
N SER E 195 -10.86 43.69 -18.06
CA SER E 195 -10.23 44.66 -18.94
C SER E 195 -10.37 46.11 -18.45
N ASP E 196 -11.25 46.36 -17.48
CA ASP E 196 -11.46 47.72 -16.99
C ASP E 196 -10.30 48.22 -16.14
N ALA E 197 -9.35 47.36 -15.77
CA ALA E 197 -8.23 47.78 -14.95
C ALA E 197 -7.18 48.47 -15.80
N GLY E 198 -6.56 49.50 -15.24
CA GLY E 198 -5.52 50.23 -15.96
C GLY E 198 -5.32 51.62 -15.37
N GLN E 199 -4.78 52.50 -16.20
CA GLN E 199 -4.44 53.86 -15.80
C GLN E 199 -5.49 54.83 -16.33
N TYR E 200 -6.11 55.58 -15.43
CA TYR E 200 -7.09 56.60 -15.77
C TYR E 200 -6.51 57.98 -15.50
N LEU E 201 -7.06 58.98 -16.18
CA LEU E 201 -6.69 60.36 -15.90
C LEU E 201 -7.92 61.25 -16.14
N CYS E 202 -8.18 62.13 -15.18
CA CYS E 202 -9.30 63.06 -15.30
C CYS E 202 -8.84 64.38 -15.89
N GLN E 203 -9.78 65.08 -16.52
CA GLN E 203 -9.52 66.40 -17.08
C GLN E 203 -10.74 67.29 -16.87
N ALA E 204 -10.51 68.54 -16.51
CA ALA E 204 -11.56 69.53 -16.29
C ALA E 204 -11.43 70.59 -17.38
N GLY E 205 -12.06 70.33 -18.52
CA GLY E 205 -12.04 71.26 -19.62
C GLY E 205 -10.72 71.23 -20.38
N ASP E 206 -10.69 71.99 -21.48
CA ASP E 206 -9.52 72.11 -22.32
C ASP E 206 -8.72 73.37 -22.03
N ASP E 207 -9.05 74.09 -20.96
CA ASP E 207 -8.35 75.32 -20.63
C ASP E 207 -6.94 75.01 -20.14
N SER E 208 -6.12 76.07 -20.06
CA SER E 208 -4.75 75.92 -19.61
C SER E 208 -4.65 75.43 -18.17
N ASN E 209 -5.72 75.54 -17.39
CA ASN E 209 -5.69 75.02 -16.02
C ASN E 209 -5.36 73.53 -16.01
N SER E 210 -6.21 72.72 -16.63
CA SER E 210 -5.95 71.29 -16.80
C SER E 210 -5.65 70.63 -15.46
N ASN E 211 -6.63 70.68 -14.56
CA ASN E 211 -6.48 70.10 -13.23
C ASN E 211 -6.61 68.58 -13.30
N LYS E 212 -5.61 67.92 -13.88
CA LYS E 212 -5.63 66.47 -14.04
C LYS E 212 -5.10 65.78 -12.79
N LYS E 213 -5.40 64.49 -12.70
CA LYS E 213 -4.89 63.66 -11.60
C LYS E 213 -4.90 62.21 -12.06
N ASN E 214 -3.72 61.66 -12.31
CA ASN E 214 -3.61 60.27 -12.76
C ASN E 214 -3.96 59.32 -11.62
N ALA E 215 -4.67 58.24 -11.96
CA ALA E 215 -5.08 57.24 -10.99
C ALA E 215 -4.87 55.85 -11.60
N ASP E 216 -4.76 54.86 -10.73
CA ASP E 216 -4.57 53.48 -11.12
C ASP E 216 -5.70 52.62 -10.57
N LEU E 217 -6.12 51.62 -11.34
CA LEU E 217 -7.19 50.72 -10.94
C LEU E 217 -6.79 49.30 -11.29
N GLN E 218 -6.99 48.38 -10.34
CA GLN E 218 -6.74 46.96 -10.55
C GLN E 218 -7.91 46.17 -9.99
N VAL E 219 -8.40 45.21 -10.76
CA VAL E 219 -9.49 44.34 -10.34
C VAL E 219 -8.88 43.03 -9.87
N LEU E 220 -9.32 42.56 -8.70
CA LEU E 220 -8.71 41.40 -8.06
C LEU E 220 -9.44 40.13 -8.44
N LYS E 221 -8.67 39.08 -8.73
CA LYS E 221 -9.25 37.76 -8.92
C LYS E 221 -9.42 37.07 -7.57
N PRO E 222 -10.35 36.11 -7.46
CA PRO E 222 -10.54 35.43 -6.18
C PRO E 222 -9.56 34.28 -6.02
N GLU E 223 -8.88 34.24 -4.88
CA GLU E 223 -7.93 33.17 -4.61
C GLU E 223 -8.70 31.89 -4.28
N PRO E 224 -8.41 30.76 -4.95
CA PRO E 224 -9.15 29.54 -4.65
C PRO E 224 -8.95 29.07 -3.22
N GLU E 225 -9.99 28.48 -2.65
CA GLU E 225 -9.90 27.84 -1.35
C GLU E 225 -9.64 26.35 -1.54
N LEU E 226 -8.65 25.83 -0.83
CA LEU E 226 -8.25 24.43 -1.01
C LEU E 226 -9.18 23.50 -0.26
N VAL E 227 -9.54 22.39 -0.91
CA VAL E 227 -10.37 21.36 -0.31
C VAL E 227 -9.75 20.01 -0.61
N TYR E 228 -9.58 19.19 0.44
CA TYR E 228 -8.91 17.90 0.36
C TYR E 228 -9.90 16.85 0.84
N GLU E 229 -10.41 16.02 -0.07
CA GLU E 229 -11.46 15.07 0.25
C GLU E 229 -11.04 13.68 -0.22
N ASP E 230 -11.71 12.67 0.33
CA ASP E 230 -11.42 11.28 0.06
C ASP E 230 -12.31 10.74 -1.06
N LEU E 231 -11.88 9.62 -1.63
CA LEU E 231 -12.69 8.93 -2.63
C LEU E 231 -13.98 8.43 -1.99
N ARG E 232 -15.02 8.31 -2.82
CA ARG E 232 -16.36 7.90 -2.38
C ARG E 232 -16.71 8.53 -1.04
N GLY E 233 -16.38 9.81 -0.88
CA GLY E 233 -16.77 10.57 0.29
C GLY E 233 -17.80 11.64 -0.06
N SER E 234 -17.62 12.85 0.47
CA SER E 234 -18.51 13.95 0.13
C SER E 234 -17.79 15.26 0.39
N VAL E 235 -18.28 16.31 -0.28
CA VAL E 235 -17.73 17.65 -0.16
C VAL E 235 -18.86 18.65 -0.05
N THR E 236 -18.56 19.78 0.61
CA THR E 236 -19.52 20.87 0.81
C THR E 236 -18.87 22.18 0.40
N PHE E 237 -19.57 22.94 -0.44
CA PHE E 237 -19.12 24.26 -0.88
C PHE E 237 -20.03 25.31 -0.26
N HIS E 238 -19.45 26.28 0.43
CA HIS E 238 -20.20 27.37 1.05
C HIS E 238 -20.03 28.62 0.17
N CYS E 239 -21.05 28.95 -0.61
CA CYS E 239 -21.03 30.14 -1.46
C CYS E 239 -21.68 31.28 -0.67
N ALA E 240 -20.88 32.25 -0.27
CA ALA E 240 -21.28 33.26 0.70
C ALA E 240 -21.07 34.67 0.14
N LEU E 241 -21.56 34.89 -1.07
CA LEU E 241 -21.50 36.22 -1.66
C LEU E 241 -22.38 37.19 -0.88
N GLY E 242 -22.04 38.47 -0.96
CA GLY E 242 -22.66 39.48 -0.13
C GLY E 242 -24.13 39.68 -0.41
N PRO E 243 -24.80 40.45 0.44
CA PRO E 243 -26.25 40.69 0.25
C PRO E 243 -26.57 41.46 -1.02
N GLU E 244 -25.60 42.17 -1.62
CA GLU E 244 -25.90 42.98 -2.80
C GLU E 244 -26.46 42.16 -3.95
N VAL E 245 -26.20 40.85 -3.96
CA VAL E 245 -26.68 39.97 -5.04
C VAL E 245 -27.56 38.89 -4.44
N ALA E 246 -28.27 39.22 -3.36
CA ALA E 246 -29.11 38.24 -2.67
C ALA E 246 -30.35 37.86 -3.46
N ASN E 247 -30.65 38.55 -4.56
CA ASN E 247 -31.83 38.28 -5.37
C ASN E 247 -31.44 38.10 -6.83
N VAL E 248 -30.39 37.34 -7.08
CA VAL E 248 -29.94 37.02 -8.43
C VAL E 248 -29.74 35.52 -8.53
N ALA E 249 -29.84 34.99 -9.74
CA ALA E 249 -29.69 33.56 -9.95
C ALA E 249 -28.25 33.15 -9.68
N LYS E 250 -28.08 32.15 -8.82
CA LYS E 250 -26.77 31.65 -8.45
C LYS E 250 -26.44 30.41 -9.27
N PHE E 251 -25.15 30.21 -9.53
CA PHE E 251 -24.69 29.09 -10.32
C PHE E 251 -23.37 28.58 -9.77
N LEU E 252 -23.14 27.28 -9.96
CA LEU E 252 -21.87 26.63 -9.63
C LEU E 252 -21.41 25.88 -10.87
N CYS E 253 -20.19 26.20 -11.32
CA CYS E 253 -19.61 25.61 -12.52
C CYS E 253 -18.20 25.11 -12.23
N ARG E 254 -17.68 24.32 -13.16
CA ARG E 254 -16.32 23.81 -13.09
C ARG E 254 -15.56 24.28 -14.33
N GLN E 255 -14.51 25.07 -14.11
CA GLN E 255 -13.67 25.52 -15.21
C GLN E 255 -12.99 24.32 -15.86
N SER E 256 -12.87 24.36 -17.19
CA SER E 256 -12.26 23.28 -17.94
C SER E 256 -11.14 23.79 -18.83
N SER E 257 -10.60 22.92 -19.67
CA SER E 257 -9.47 23.30 -20.53
C SER E 257 -9.83 24.42 -21.49
N GLY E 258 -11.11 24.57 -21.85
CA GLY E 258 -11.53 25.56 -22.81
C GLY E 258 -11.79 26.94 -22.25
N GLU E 259 -11.36 27.22 -21.02
CA GLU E 259 -11.59 28.52 -20.40
C GLU E 259 -13.08 28.87 -20.41
N ASN E 260 -13.90 27.85 -20.15
CA ASN E 260 -15.35 28.00 -20.23
C ASN E 260 -15.99 27.10 -19.20
N CYS E 261 -16.73 27.69 -18.25
CA CYS E 261 -17.49 26.90 -17.29
C CYS E 261 -18.41 25.93 -17.99
N ASP E 262 -18.41 24.69 -17.50
CA ASP E 262 -19.45 23.72 -17.77
C ASP E 262 -20.34 23.69 -16.54
N VAL E 263 -21.49 24.37 -16.61
CA VAL E 263 -22.34 24.55 -15.44
C VAL E 263 -22.57 23.19 -14.78
N VAL E 264 -22.37 23.13 -13.47
CA VAL E 264 -22.73 21.94 -12.71
C VAL E 264 -24.15 22.08 -12.16
N VAL E 265 -24.50 23.26 -11.68
CA VAL E 265 -25.83 23.47 -11.09
C VAL E 265 -26.20 24.93 -11.21
N ASN E 266 -27.50 25.19 -11.37
CA ASN E 266 -28.07 26.52 -11.40
C ASN E 266 -29.23 26.60 -10.40
N THR E 267 -29.75 27.81 -10.21
CA THR E 267 -30.94 28.02 -9.39
C THR E 267 -32.21 28.15 -10.22
N LEU E 268 -32.10 28.18 -11.55
CA LEU E 268 -33.25 28.24 -12.43
C LEU E 268 -33.78 26.84 -12.79
N GLY E 269 -33.40 25.82 -12.03
CA GLY E 269 -33.83 24.47 -12.31
C GLY E 269 -33.02 23.79 -13.38
N LYS E 270 -31.72 23.65 -13.17
CA LYS E 270 -30.83 22.94 -14.07
C LYS E 270 -29.95 22.00 -13.26
N ARG E 271 -29.38 21.02 -13.96
CA ARG E 271 -28.48 20.06 -13.34
C ARG E 271 -27.82 19.24 -14.43
N ALA E 272 -26.55 18.88 -14.21
CA ALA E 272 -25.86 18.01 -15.14
C ALA E 272 -26.39 16.57 -15.01
N PRO E 273 -26.26 15.76 -16.07
CA PRO E 273 -26.71 14.36 -15.96
C PRO E 273 -25.74 13.47 -15.19
N ALA E 274 -24.49 13.88 -15.02
CA ALA E 274 -23.52 13.08 -14.28
C ALA E 274 -23.76 13.12 -12.78
N PHE E 275 -24.34 14.21 -12.27
CA PHE E 275 -24.59 14.40 -10.85
C PHE E 275 -26.01 14.04 -10.46
N GLU E 276 -26.60 13.05 -11.14
CA GLU E 276 -27.94 12.60 -10.80
C GLU E 276 -27.88 11.74 -9.54
N GLY E 277 -28.62 12.14 -8.52
CA GLY E 277 -28.70 11.38 -7.29
C GLY E 277 -27.64 11.69 -6.26
N ARG E 278 -26.65 12.53 -6.58
CA ARG E 278 -25.55 12.80 -5.67
C ARG E 278 -25.19 14.29 -5.67
N ILE E 279 -26.20 15.16 -5.62
CA ILE E 279 -25.96 16.59 -5.54
C ILE E 279 -27.11 17.24 -4.80
N LEU E 280 -26.79 18.30 -4.06
CA LEU E 280 -27.78 19.03 -3.26
C LEU E 280 -27.44 20.52 -3.30
N LEU E 281 -28.46 21.35 -3.46
CA LEU E 281 -28.32 22.80 -3.41
C LEU E 281 -29.34 23.35 -2.43
N ASN E 282 -28.87 23.84 -1.28
CA ASN E 282 -29.73 24.27 -0.21
C ASN E 282 -30.22 25.70 -0.42
N PRO E 283 -31.31 26.09 0.22
CA PRO E 283 -31.73 27.50 0.17
C PRO E 283 -30.78 28.40 0.94
N GLN E 284 -30.77 29.67 0.56
CA GLN E 284 -29.85 30.62 1.16
C GLN E 284 -30.47 31.31 2.36
N ASP E 285 -29.62 31.82 3.24
CA ASP E 285 -30.04 32.44 4.49
C ASP E 285 -30.24 33.94 4.26
N LYS E 286 -30.43 34.69 5.35
CA LYS E 286 -30.64 36.13 5.24
C LYS E 286 -29.40 36.83 4.67
N ASP E 287 -28.21 36.40 5.10
CA ASP E 287 -26.99 37.04 4.60
C ASP E 287 -26.88 36.90 3.09
N GLY E 288 -27.28 35.75 2.56
CA GLY E 288 -27.22 35.51 1.13
C GLY E 288 -26.23 34.42 0.77
N SER E 289 -26.04 33.46 1.68
CA SER E 289 -25.11 32.36 1.48
C SER E 289 -25.88 31.05 1.38
N PHE E 290 -25.46 30.21 0.45
CA PHE E 290 -26.02 28.88 0.29
C PHE E 290 -24.90 27.85 0.29
N SER E 291 -25.29 26.58 0.30
CA SER E 291 -24.34 25.47 0.35
C SER E 291 -24.66 24.47 -0.74
N VAL E 292 -23.63 23.76 -1.19
CA VAL E 292 -23.75 22.75 -2.24
C VAL E 292 -23.05 21.49 -1.76
N VAL E 293 -23.78 20.38 -1.76
CA VAL E 293 -23.27 19.10 -1.25
C VAL E 293 -23.12 18.15 -2.43
N ILE E 294 -21.95 17.51 -2.52
CA ILE E 294 -21.68 16.52 -3.57
C ILE E 294 -21.13 15.27 -2.91
N THR E 295 -21.84 14.15 -3.08
CA THR E 295 -21.46 12.89 -2.45
C THR E 295 -20.96 11.91 -3.52
N GLY E 296 -20.36 10.83 -3.05
CA GLY E 296 -19.84 9.81 -3.93
C GLY E 296 -18.75 10.33 -4.84
N LEU E 297 -17.80 11.06 -4.28
CA LEU E 297 -16.77 11.69 -5.10
C LEU E 297 -16.01 10.65 -5.91
N ARG E 298 -15.68 11.00 -7.14
CA ARG E 298 -14.99 10.12 -8.08
C ARG E 298 -13.63 10.72 -8.44
N LYS E 299 -12.90 9.98 -9.29
CA LYS E 299 -11.60 10.44 -9.73
C LYS E 299 -11.67 11.69 -10.60
N GLU E 300 -12.83 11.97 -11.19
CA GLU E 300 -12.98 13.08 -12.14
C GLU E 300 -13.61 14.32 -11.51
N ASP E 301 -13.78 14.34 -10.18
CA ASP E 301 -14.33 15.50 -9.49
C ASP E 301 -13.25 16.43 -8.97
N ALA E 302 -12.10 16.49 -9.64
CA ALA E 302 -10.95 17.28 -9.20
C ALA E 302 -10.71 18.40 -10.18
N GLY E 303 -10.81 19.64 -9.70
CA GLY E 303 -10.55 20.79 -10.54
C GLY E 303 -11.14 22.04 -9.93
N ARG E 304 -10.93 23.15 -10.64
CA ARG E 304 -11.40 24.45 -10.17
C ARG E 304 -12.92 24.52 -10.26
N TYR E 305 -13.54 25.05 -9.21
CA TYR E 305 -14.97 25.30 -9.16
C TYR E 305 -15.20 26.79 -8.90
N LEU E 306 -16.23 27.35 -9.51
CA LEU E 306 -16.58 28.75 -9.33
C LEU E 306 -18.07 28.86 -9.06
N CYS E 307 -18.43 29.59 -8.01
CA CYS E 307 -19.81 29.92 -7.71
C CYS E 307 -20.01 31.42 -7.89
N GLY E 308 -21.07 31.78 -8.62
CA GLY E 308 -21.31 33.17 -8.95
C GLY E 308 -22.79 33.49 -8.99
N ALA E 309 -23.09 34.77 -9.20
CA ALA E 309 -24.47 35.25 -9.26
C ALA E 309 -24.64 36.08 -10.52
N HIS E 310 -25.42 35.56 -11.47
CA HIS E 310 -25.71 36.26 -12.71
C HIS E 310 -27.17 36.04 -13.08
N SER E 311 -27.68 36.92 -13.94
CA SER E 311 -29.09 36.87 -14.30
C SER E 311 -29.43 35.62 -15.11
N ASP E 312 -28.60 35.29 -16.09
CA ASP E 312 -28.85 34.16 -16.98
C ASP E 312 -28.43 32.83 -16.41
N GLY E 313 -27.78 32.81 -15.24
CA GLY E 313 -27.38 31.57 -14.61
C GLY E 313 -26.15 30.92 -15.19
N GLN E 314 -25.28 31.70 -15.83
CA GLN E 314 -24.03 31.16 -16.38
C GLN E 314 -22.88 32.09 -16.03
N LEU E 315 -21.68 31.79 -16.52
CA LEU E 315 -20.48 32.59 -16.23
C LEU E 315 -20.34 33.66 -17.30
N GLN E 316 -20.60 34.91 -16.93
CA GLN E 316 -20.42 36.04 -17.82
C GLN E 316 -19.77 37.18 -17.04
N GLU E 317 -19.04 38.03 -17.76
CA GLU E 317 -18.32 39.12 -17.11
C GLU E 317 -19.30 40.04 -16.41
N GLY E 318 -18.90 40.56 -15.25
CA GLY E 318 -19.73 41.44 -14.46
C GLY E 318 -20.49 40.79 -13.33
N SER E 319 -20.14 39.55 -12.95
CA SER E 319 -20.76 38.87 -11.85
C SER E 319 -19.70 38.43 -10.84
N PRO E 320 -19.87 38.75 -9.55
CA PRO E 320 -18.88 38.31 -8.56
C PRO E 320 -18.80 36.80 -8.49
N ILE E 321 -17.58 36.29 -8.30
CA ILE E 321 -17.33 34.85 -8.29
C ILE E 321 -16.48 34.48 -7.09
N GLN E 322 -16.61 33.22 -6.67
CA GLN E 322 -15.82 32.64 -5.60
C GLN E 322 -15.27 31.31 -6.08
N ALA E 323 -14.01 31.02 -5.74
CA ALA E 323 -13.27 29.92 -6.35
C ALA E 323 -12.83 28.90 -5.32
N TRP E 324 -12.95 27.63 -5.67
CA TRP E 324 -12.45 26.51 -4.88
C TRP E 324 -11.58 25.62 -5.75
N GLN E 325 -10.62 24.96 -5.11
CA GLN E 325 -9.84 23.90 -5.73
C GLN E 325 -10.07 22.62 -4.95
N LEU E 326 -10.24 21.51 -5.65
CA LEU E 326 -10.62 20.25 -5.06
C LEU E 326 -9.58 19.18 -5.36
N PHE E 327 -9.27 18.36 -4.35
CA PHE E 327 -8.37 17.23 -4.51
C PHE E 327 -9.05 15.99 -3.97
N VAL E 328 -9.01 14.90 -4.75
CA VAL E 328 -9.56 13.61 -4.37
C VAL E 328 -8.38 12.68 -4.07
N ASN E 329 -8.35 12.16 -2.84
CA ASN E 329 -7.14 11.52 -2.34
C ASN E 329 -6.82 10.24 -3.09
N GLU E 330 -7.80 9.34 -3.22
CA GLU E 330 -7.66 8.04 -3.87
C GLU E 330 -6.87 7.04 -3.02
N GLU E 331 -6.24 7.49 -1.95
CA GLU E 331 -5.70 6.60 -0.92
C GLU E 331 -6.65 6.56 0.28
N SER E 332 -7.90 6.24 0.00
CA SER E 332 -8.98 6.44 0.95
C SER E 332 -9.18 5.21 1.83
N THR E 333 -9.62 5.46 3.06
CA THR E 333 -9.95 4.41 4.01
C THR E 333 -11.44 4.19 4.15
N ILE E 334 -12.24 4.75 3.23
CA ILE E 334 -13.69 4.59 3.30
C ILE E 334 -14.06 3.20 2.77
N PRO E 335 -14.78 2.39 3.54
CA PRO E 335 -15.09 1.03 3.08
C PRO E 335 -15.90 1.03 1.79
N ARG E 336 -15.60 0.08 0.92
CA ARG E 336 -16.34 -0.08 -0.32
C ARG E 336 -17.65 -0.80 -0.04
N SER E 337 -18.73 -0.32 -0.65
CA SER E 337 -20.07 -0.83 -0.45
C SER E 337 -20.78 -0.97 -1.79
N PRO E 338 -21.85 -1.77 -1.85
CA PRO E 338 -22.56 -1.93 -3.13
C PRO E 338 -23.32 -0.67 -3.49
N THR E 339 -22.96 -0.08 -4.63
CA THR E 339 -23.62 1.14 -5.07
C THR E 339 -25.00 0.86 -5.65
N VAL E 340 -25.19 -0.30 -6.25
CA VAL E 340 -26.47 -0.69 -6.85
C VAL E 340 -26.99 -1.92 -6.11
N VAL E 341 -28.24 -1.84 -5.66
CA VAL E 341 -28.88 -2.92 -4.92
C VAL E 341 -30.19 -3.24 -5.62
N LYS E 342 -30.35 -4.50 -6.04
CA LYS E 342 -31.51 -4.94 -6.79
C LYS E 342 -32.43 -5.76 -5.88
N GLY E 343 -33.69 -5.38 -5.83
CA GLY E 343 -34.69 -6.14 -5.09
C GLY E 343 -35.83 -6.56 -6.00
N VAL E 344 -36.54 -7.62 -5.63
CA VAL E 344 -37.64 -8.14 -6.44
C VAL E 344 -38.95 -7.62 -5.87
N ALA E 345 -39.84 -7.22 -6.77
CA ALA E 345 -41.13 -6.68 -6.35
C ALA E 345 -41.81 -7.63 -5.39
N GLY E 346 -42.08 -7.15 -4.18
CA GLY E 346 -42.68 -7.96 -3.14
C GLY E 346 -41.70 -8.52 -2.14
N GLY E 347 -40.41 -8.47 -2.41
CA GLY E 347 -39.41 -9.05 -1.53
C GLY E 347 -39.00 -8.10 -0.42
N SER E 348 -37.69 -7.97 -0.19
CA SER E 348 -37.17 -7.12 0.86
C SER E 348 -35.72 -6.77 0.52
N VAL E 349 -35.18 -5.82 1.27
CA VAL E 349 -33.80 -5.38 1.07
C VAL E 349 -33.21 -4.97 2.41
N ALA E 350 -31.94 -5.32 2.62
CA ALA E 350 -31.17 -4.92 3.78
C ALA E 350 -29.93 -4.18 3.30
N VAL E 351 -29.72 -2.98 3.82
CA VAL E 351 -28.66 -2.09 3.37
C VAL E 351 -27.71 -1.84 4.52
N LEU E 352 -26.41 -2.03 4.28
CA LEU E 352 -25.38 -1.76 5.27
C LEU E 352 -24.79 -0.38 5.01
N CYS E 353 -24.94 0.52 5.99
CA CYS E 353 -24.49 1.89 5.89
C CYS E 353 -23.30 2.10 6.81
N PRO E 354 -22.12 2.43 6.31
CA PRO E 354 -20.97 2.65 7.18
C PRO E 354 -20.95 4.05 7.78
N TYR E 355 -20.22 4.17 8.89
CA TYR E 355 -19.92 5.46 9.50
C TYR E 355 -18.59 5.33 10.24
N ASN E 356 -18.17 6.42 10.86
CA ASN E 356 -16.88 6.44 11.55
C ASN E 356 -16.97 5.65 12.85
N ARG E 357 -16.01 4.75 13.06
CA ARG E 357 -16.01 3.92 14.26
C ARG E 357 -15.84 4.74 15.53
N LYS E 358 -15.28 5.94 15.43
CA LYS E 358 -14.99 6.76 16.59
C LYS E 358 -16.18 7.58 17.06
N GLU E 359 -17.33 7.48 16.40
CA GLU E 359 -18.53 8.20 16.77
C GLU E 359 -19.71 7.23 16.88
N SER E 360 -19.49 6.12 17.59
CA SER E 360 -20.51 5.08 17.70
C SER E 360 -21.72 5.53 18.50
N LYS E 361 -21.65 6.65 19.21
CA LYS E 361 -22.75 7.15 20.01
C LYS E 361 -23.52 8.27 19.31
N SER E 362 -23.51 8.29 17.98
CA SER E 362 -24.17 9.33 17.21
C SER E 362 -25.64 8.96 16.99
N ILE E 363 -26.31 9.72 16.13
CA ILE E 363 -27.66 9.40 15.67
C ILE E 363 -27.60 9.19 14.16
N LYS E 364 -28.25 8.14 13.69
CA LYS E 364 -28.19 7.72 12.29
C LYS E 364 -29.50 8.04 11.58
N TYR E 365 -29.40 8.40 10.30
CA TYR E 365 -30.55 8.84 9.52
C TYR E 365 -30.54 8.16 8.15
N TRP E 366 -31.74 7.87 7.64
CA TRP E 366 -31.94 7.36 6.29
C TRP E 366 -32.83 8.33 5.52
N CYS E 367 -32.41 8.71 4.32
CA CYS E 367 -33.11 9.74 3.53
C CYS E 367 -33.29 9.26 2.11
N LEU E 368 -34.25 9.86 1.41
CA LEU E 368 -34.56 9.55 0.01
C LEU E 368 -34.36 10.79 -0.84
N TRP E 369 -33.42 10.74 -1.77
CA TRP E 369 -33.13 11.89 -2.61
C TRP E 369 -34.28 12.16 -3.57
N GLU E 370 -34.68 13.43 -3.67
CA GLU E 370 -35.76 13.85 -4.54
C GLU E 370 -35.22 14.90 -5.51
N GLY E 371 -35.31 14.61 -6.80
CA GLY E 371 -34.97 15.58 -7.81
C GLY E 371 -36.14 16.50 -8.08
N ALA E 372 -36.43 16.78 -9.36
CA ALA E 372 -37.57 17.60 -9.76
C ALA E 372 -37.58 18.96 -9.05
N GLN E 373 -36.44 19.34 -8.48
CA GLN E 373 -36.28 20.59 -7.75
C GLN E 373 -34.81 21.00 -7.89
N ASN E 374 -34.37 21.94 -7.05
CA ASN E 374 -32.94 22.17 -6.95
C ASN E 374 -32.22 20.99 -6.31
N GLY E 375 -32.95 20.13 -5.59
CA GLY E 375 -32.36 19.03 -4.87
C GLY E 375 -32.88 18.99 -3.44
N ARG E 376 -33.19 17.81 -2.92
CA ARG E 376 -33.72 17.71 -1.57
C ARG E 376 -33.41 16.31 -1.04
N CYS E 377 -33.67 16.12 0.26
CA CYS E 377 -33.38 14.86 0.91
C CYS E 377 -34.17 14.73 2.21
N PRO E 378 -35.48 14.49 2.16
CA PRO E 378 -36.26 14.35 3.39
C PRO E 378 -35.93 13.06 4.13
N LEU E 379 -36.29 13.04 5.41
CA LEU E 379 -35.99 11.92 6.29
C LEU E 379 -37.08 10.85 6.23
N LEU E 380 -36.67 9.60 6.44
CA LEU E 380 -37.58 8.48 6.54
C LEU E 380 -37.52 7.81 7.90
N VAL E 381 -36.32 7.49 8.39
CA VAL E 381 -36.16 6.83 9.68
C VAL E 381 -34.88 7.34 10.34
N ASP E 382 -34.92 7.41 11.67
CA ASP E 382 -33.80 7.84 12.49
C ASP E 382 -33.58 6.83 13.61
N SER E 383 -32.44 6.94 14.28
CA SER E 383 -32.01 5.97 15.27
C SER E 383 -32.54 6.29 16.67
N GLU E 384 -33.63 7.04 16.77
CA GLU E 384 -34.17 7.42 18.07
C GLU E 384 -35.63 7.04 18.28
N GLY E 385 -36.36 6.64 17.24
CA GLY E 385 -37.72 6.18 17.41
C GLY E 385 -38.76 6.94 16.61
N TRP E 386 -38.36 7.54 15.50
CA TRP E 386 -39.26 8.26 14.62
C TRP E 386 -39.21 7.65 13.23
N VAL E 387 -40.38 7.36 12.66
CA VAL E 387 -40.49 6.85 11.30
C VAL E 387 -41.64 7.57 10.62
N LYS E 388 -41.55 7.69 9.30
CA LYS E 388 -42.58 8.38 8.54
C LYS E 388 -43.93 7.68 8.71
N ALA E 389 -45.00 8.42 8.42
CA ALA E 389 -46.34 7.86 8.55
C ALA E 389 -46.65 6.88 7.42
N GLN E 390 -46.07 7.10 6.23
CA GLN E 390 -46.31 6.23 5.09
C GLN E 390 -45.33 5.06 5.04
N TYR E 391 -44.32 5.03 5.90
CA TYR E 391 -43.35 3.95 5.94
C TYR E 391 -43.51 3.08 7.17
N GLU E 392 -44.60 3.21 7.91
CA GLU E 392 -44.81 2.41 9.11
C GLU E 392 -45.13 0.97 8.73
N GLY E 393 -44.45 0.03 9.36
CA GLY E 393 -44.64 -1.38 9.10
C GLY E 393 -43.72 -1.98 8.05
N ARG E 394 -42.89 -1.17 7.38
CA ARG E 394 -42.03 -1.69 6.33
C ARG E 394 -40.63 -1.08 6.34
N LEU E 395 -40.18 -0.50 7.44
CA LEU E 395 -38.86 0.12 7.49
C LEU E 395 -38.33 0.05 8.91
N SER E 396 -37.03 -0.23 9.05
CA SER E 396 -36.42 -0.29 10.37
C SER E 396 -34.93 -0.03 10.26
N LEU E 397 -34.37 0.54 11.34
CA LEU E 397 -32.95 0.82 11.46
C LEU E 397 -32.39 0.05 12.65
N LEU E 398 -31.27 -0.64 12.45
CA LEU E 398 -30.66 -1.45 13.49
C LEU E 398 -29.17 -1.14 13.57
N GLU E 399 -28.67 -0.88 14.77
CA GLU E 399 -27.23 -0.74 14.99
C GLU E 399 -26.61 -2.07 15.40
N GLU E 400 -26.86 -3.12 14.62
CA GLU E 400 -26.52 -4.46 15.06
C GLU E 400 -25.06 -4.79 14.76
N PRO E 401 -24.56 -4.56 13.55
CA PRO E 401 -23.13 -4.83 13.31
C PRO E 401 -22.23 -4.06 14.27
N GLY E 402 -22.37 -2.74 14.34
CA GLY E 402 -21.82 -1.97 15.43
C GLY E 402 -20.33 -1.71 15.38
N ASN E 403 -19.66 -1.98 14.28
CA ASN E 403 -18.23 -1.72 14.13
C ASN E 403 -18.00 -0.67 13.04
N GLY E 404 -18.81 0.38 13.04
CA GLY E 404 -18.78 1.36 11.98
C GLY E 404 -19.69 0.94 10.85
N THR E 405 -20.89 0.48 11.18
CA THR E 405 -21.86 0.02 10.20
C THR E 405 -23.18 -0.21 10.90
N PHE E 406 -24.27 0.15 10.23
CA PHE E 406 -25.61 -0.15 10.72
C PHE E 406 -26.50 -0.56 9.55
N THR E 407 -27.49 -1.40 9.85
CA THR E 407 -28.36 -1.94 8.82
C THR E 407 -29.69 -1.20 8.76
N VAL E 408 -30.26 -1.13 7.57
CA VAL E 408 -31.61 -0.63 7.35
C VAL E 408 -32.37 -1.68 6.56
N ILE E 409 -33.55 -2.06 7.05
CA ILE E 409 -34.35 -3.11 6.46
C ILE E 409 -35.63 -2.49 5.92
N LEU E 410 -35.89 -2.70 4.63
CA LEU E 410 -37.08 -2.18 3.96
C LEU E 410 -37.70 -3.31 3.15
N ASN E 411 -38.93 -3.68 3.48
CA ASN E 411 -39.61 -4.79 2.81
C ASN E 411 -40.88 -4.29 2.14
N GLN E 412 -41.66 -5.23 1.62
CA GLN E 412 -42.88 -4.91 0.85
C GLN E 412 -42.54 -3.99 -0.32
N LEU E 413 -41.43 -4.31 -1.00
CA LEU E 413 -40.95 -3.45 -2.07
C LEU E 413 -42.00 -3.29 -3.17
N THR E 414 -41.87 -2.21 -3.93
CA THR E 414 -42.75 -1.92 -5.04
C THR E 414 -41.93 -1.23 -6.12
N SER E 415 -42.53 -1.07 -7.31
CA SER E 415 -41.81 -0.44 -8.41
C SER E 415 -41.52 1.03 -8.14
N ARG E 416 -42.21 1.65 -7.18
CA ARG E 416 -41.97 3.04 -6.83
C ARG E 416 -40.77 3.23 -5.91
N ASP E 417 -40.27 2.15 -5.29
CA ASP E 417 -39.18 2.27 -4.34
C ASP E 417 -37.82 2.41 -5.00
N ALA E 418 -37.74 2.30 -6.32
CA ALA E 418 -36.48 2.52 -7.00
C ALA E 418 -36.07 3.98 -6.89
N GLY E 419 -34.79 4.22 -6.66
CA GLY E 419 -34.33 5.58 -6.50
C GLY E 419 -32.97 5.61 -5.80
N PHE E 420 -32.65 6.78 -5.26
CA PHE E 420 -31.39 7.01 -4.57
C PHE E 420 -31.66 7.31 -3.10
N TYR E 421 -30.93 6.63 -2.22
CA TYR E 421 -31.09 6.80 -0.78
C TYR E 421 -29.75 7.18 -0.16
N TRP E 422 -29.83 8.03 0.87
CA TRP E 422 -28.67 8.62 1.52
C TRP E 422 -28.61 8.19 2.99
N CYS E 423 -27.42 7.89 3.48
CA CYS E 423 -27.21 7.55 4.88
C CYS E 423 -26.44 8.68 5.56
N LEU E 424 -26.90 9.10 6.74
CA LEU E 424 -26.33 10.24 7.43
C LEU E 424 -26.11 9.91 8.90
N THR E 425 -25.25 10.71 9.54
CA THR E 425 -24.96 10.60 10.96
C THR E 425 -24.72 11.99 11.53
N ASN E 426 -24.45 12.05 12.83
CA ASN E 426 -24.28 13.31 13.56
C ASN E 426 -22.83 13.70 13.76
N GLY E 427 -21.88 12.88 13.33
CA GLY E 427 -20.49 13.12 13.65
C GLY E 427 -19.89 14.28 12.87
N ASP E 428 -18.69 14.68 13.29
CA ASP E 428 -17.98 15.76 12.61
C ASP E 428 -17.40 15.28 11.28
N THR E 429 -16.85 14.07 11.26
CA THR E 429 -16.40 13.46 10.01
C THR E 429 -17.60 12.82 9.34
N LEU E 430 -18.11 13.47 8.29
CA LEU E 430 -19.42 13.15 7.72
C LEU E 430 -19.26 12.67 6.29
N TRP E 431 -19.05 11.37 6.13
CA TRP E 431 -19.27 10.73 4.84
C TRP E 431 -20.77 10.61 4.61
N ARG E 432 -21.19 10.88 3.37
CA ARG E 432 -22.56 10.62 2.96
C ARG E 432 -22.52 9.53 1.91
N THR E 433 -23.20 8.41 2.18
CA THR E 433 -23.19 7.26 1.31
C THR E 433 -24.53 7.16 0.60
N THR E 434 -24.49 6.98 -0.72
CA THR E 434 -25.66 6.93 -1.57
C THR E 434 -25.77 5.55 -2.18
N VAL E 435 -26.97 4.96 -2.13
CA VAL E 435 -27.23 3.65 -2.69
C VAL E 435 -28.42 3.76 -3.64
N GLU E 436 -28.30 3.17 -4.83
CA GLU E 436 -29.37 3.14 -5.81
C GLU E 436 -30.10 1.81 -5.69
N ILE E 437 -31.39 1.88 -5.36
CA ILE E 437 -32.25 0.71 -5.26
C ILE E 437 -33.02 0.59 -6.57
N LYS E 438 -33.01 -0.60 -7.15
CA LYS E 438 -33.77 -0.94 -8.34
C LYS E 438 -34.83 -1.98 -7.99
N ILE E 439 -35.75 -2.21 -8.91
CA ILE E 439 -36.81 -3.19 -8.75
C ILE E 439 -36.86 -4.06 -10.00
N ILE E 440 -36.91 -5.38 -9.79
CA ILE E 440 -37.01 -6.34 -10.88
C ILE E 440 -38.15 -7.30 -10.56
N GLU E 441 -38.54 -8.08 -11.56
CA GLU E 441 -39.65 -9.02 -11.44
C GLU E 441 -39.16 -10.33 -10.83
N GLY E 442 -40.00 -10.92 -9.99
CA GLY E 442 -39.65 -12.16 -9.33
C GLY E 442 -40.61 -12.45 -8.20
N GLU E 443 -40.23 -13.45 -7.40
CA GLU E 443 -41.05 -13.88 -6.28
C GLU E 443 -40.26 -13.85 -4.98
N PRO E 444 -40.90 -13.56 -3.86
CA PRO E 444 -40.17 -13.57 -2.58
C PRO E 444 -39.74 -14.98 -2.20
N ASN E 445 -38.63 -15.04 -1.45
CA ASN E 445 -38.13 -16.33 -0.98
C ASN E 445 -38.97 -16.84 0.18
N LEU E 446 -39.02 -16.09 1.28
CA LEU E 446 -39.91 -16.44 2.36
C LEU E 446 -41.36 -16.23 1.93
N LYS E 447 -42.23 -17.16 2.32
CA LYS E 447 -43.63 -17.13 1.94
C LYS E 447 -44.48 -17.13 3.19
N VAL E 448 -45.30 -16.10 3.34
CA VAL E 448 -46.22 -15.98 4.48
C VAL E 448 -47.61 -15.73 3.91
N PRO E 449 -48.65 -16.07 4.67
CA PRO E 449 -50.01 -15.85 4.16
C PRO E 449 -50.35 -14.38 4.01
N GLY E 450 -51.52 -14.09 3.46
CA GLY E 450 -51.97 -12.71 3.35
C GLY E 450 -52.35 -12.14 4.70
N ASN E 451 -53.21 -11.12 4.71
CA ASN E 451 -53.66 -10.55 5.97
C ASN E 451 -54.38 -11.61 6.80
N VAL E 452 -54.04 -11.68 8.08
CA VAL E 452 -54.55 -12.71 8.98
C VAL E 452 -55.54 -12.05 9.95
N THR E 453 -56.68 -12.69 10.14
CA THR E 453 -57.66 -12.25 11.12
C THR E 453 -57.58 -13.10 12.38
N ALA E 454 -58.00 -12.51 13.50
CA ALA E 454 -57.96 -13.16 14.79
C ALA E 454 -59.29 -12.97 15.50
N VAL E 455 -59.73 -14.00 16.22
CA VAL E 455 -60.93 -13.96 17.04
C VAL E 455 -60.50 -13.71 18.47
N LEU E 456 -61.15 -12.76 19.13
CA LEU E 456 -60.75 -12.37 20.48
C LEU E 456 -60.80 -13.59 21.42
N GLY E 457 -59.75 -13.75 22.22
CA GLY E 457 -59.68 -14.85 23.15
C GLY E 457 -59.56 -16.22 22.50
N GLU E 458 -58.78 -16.32 21.41
CA GLU E 458 -58.59 -17.58 20.73
C GLU E 458 -57.11 -17.74 20.36
N THR E 459 -56.63 -18.97 20.39
CA THR E 459 -55.26 -19.26 19.97
C THR E 459 -55.14 -19.08 18.46
N LEU E 460 -53.97 -18.62 18.02
CA LEU E 460 -53.69 -18.44 16.61
C LEU E 460 -52.29 -18.94 16.28
N LYS E 461 -52.13 -19.42 15.04
CA LYS E 461 -50.85 -19.89 14.53
C LYS E 461 -50.64 -19.33 13.14
N VAL E 462 -49.40 -18.97 12.83
CA VAL E 462 -49.05 -18.42 11.52
C VAL E 462 -47.79 -19.11 11.01
N PRO E 463 -47.77 -19.65 9.80
CA PRO E 463 -46.56 -20.29 9.28
C PRO E 463 -45.69 -19.32 8.49
N CYS E 464 -44.48 -19.78 8.18
CA CYS E 464 -43.55 -19.00 7.37
C CYS E 464 -42.59 -19.97 6.69
N HIS E 465 -42.85 -20.28 5.42
CA HIS E 465 -42.04 -21.23 4.68
C HIS E 465 -40.76 -20.55 4.18
N PHE E 466 -39.66 -21.30 4.20
CA PHE E 466 -38.39 -20.80 3.71
C PHE E 466 -37.74 -21.86 2.83
N PRO E 467 -36.91 -21.44 1.86
CA PRO E 467 -36.32 -22.40 0.91
C PRO E 467 -35.22 -23.26 1.49
N CYS E 468 -34.58 -24.05 0.63
CA CYS E 468 -33.59 -25.01 1.07
C CYS E 468 -32.25 -24.37 1.43
N LYS E 469 -32.01 -23.13 0.99
CA LYS E 469 -30.76 -22.44 1.28
C LYS E 469 -30.82 -21.62 2.57
N PHE E 470 -31.99 -21.51 3.19
CA PHE E 470 -32.14 -20.84 4.49
C PHE E 470 -32.23 -21.86 5.62
N SER E 471 -31.49 -22.96 5.51
CA SER E 471 -31.44 -23.96 6.57
C SER E 471 -30.24 -23.81 7.49
N SER E 472 -29.22 -23.05 7.08
CA SER E 472 -28.05 -22.80 7.90
C SER E 472 -28.09 -21.41 8.55
N TYR E 473 -29.26 -20.77 8.54
CA TYR E 473 -29.45 -19.44 9.11
C TYR E 473 -30.19 -19.55 10.43
N GLU E 474 -30.51 -18.39 11.02
CA GLU E 474 -31.38 -18.30 12.17
C GLU E 474 -32.70 -17.67 11.74
N LYS E 475 -33.80 -18.36 11.99
CA LYS E 475 -35.13 -17.87 11.66
C LYS E 475 -35.73 -17.22 12.89
N TYR E 476 -36.39 -16.08 12.70
CA TYR E 476 -36.98 -15.36 13.82
C TYR E 476 -38.29 -14.71 13.40
N TRP E 477 -39.14 -14.50 14.40
CA TRP E 477 -40.34 -13.68 14.29
C TRP E 477 -40.18 -12.51 15.25
N CYS E 478 -40.46 -11.31 14.78
CA CYS E 478 -40.37 -10.12 15.60
C CYS E 478 -41.61 -9.26 15.41
N LYS E 479 -41.91 -8.43 16.41
CA LYS E 479 -43.06 -7.53 16.35
C LYS E 479 -42.59 -6.12 16.06
N TRP E 480 -43.15 -5.50 15.03
CA TRP E 480 -42.66 -4.21 14.58
C TRP E 480 -43.14 -3.10 15.49
N ASN E 481 -42.23 -2.15 15.77
CA ASN E 481 -42.53 -1.00 16.61
C ASN E 481 -41.68 0.17 16.13
N ASN E 482 -42.13 1.39 16.47
CA ASN E 482 -41.41 2.58 16.05
C ASN E 482 -39.95 2.55 16.51
N THR E 483 -39.68 1.93 17.64
CA THR E 483 -38.33 1.86 18.19
C THR E 483 -37.56 0.63 17.70
N GLY E 484 -38.14 -0.17 16.81
CA GLY E 484 -37.49 -1.37 16.32
C GLY E 484 -38.17 -2.62 16.83
N CYS E 485 -38.07 -3.72 16.09
CA CYS E 485 -38.72 -4.97 16.47
C CYS E 485 -37.73 -5.86 17.21
N GLN E 486 -38.28 -6.71 18.07
CA GLN E 486 -37.50 -7.59 18.93
C GLN E 486 -38.00 -9.02 18.80
N ALA E 487 -37.07 -9.97 18.78
CA ALA E 487 -37.42 -11.37 18.59
C ALA E 487 -38.29 -11.88 19.74
N LEU E 488 -39.26 -12.79 19.39
CA LEU E 488 -40.18 -13.35 20.35
C LEU E 488 -39.73 -14.73 20.82
N PRO E 489 -40.07 -15.12 22.05
CA PRO E 489 -40.02 -16.54 22.46
C PRO E 489 -41.33 -17.25 22.18
N SER E 490 -41.58 -17.54 20.90
CA SER E 490 -42.85 -18.12 20.45
C SER E 490 -43.17 -19.44 21.17
N CYS E 502 -40.43 -22.50 17.78
CA CYS E 502 -40.80 -23.60 16.89
C CYS E 502 -39.90 -23.62 15.66
N ASP E 503 -39.69 -24.81 15.11
CA ASP E 503 -38.88 -24.98 13.90
C ASP E 503 -39.09 -26.40 13.40
N GLU E 504 -38.52 -26.68 12.23
CA GLU E 504 -38.79 -27.92 11.52
C GLU E 504 -37.65 -28.17 10.55
N ASN E 505 -37.90 -29.03 9.56
CA ASN E 505 -37.02 -29.17 8.41
C ASN E 505 -37.17 -27.91 7.57
N SER E 506 -36.67 -27.92 6.34
CA SER E 506 -36.56 -26.68 5.60
C SER E 506 -37.94 -26.14 5.25
N ARG E 507 -38.69 -25.74 6.27
CA ARG E 507 -40.01 -25.14 6.12
C ARG E 507 -40.58 -24.86 7.50
N LEU E 508 -41.60 -24.01 7.53
CA LEU E 508 -42.55 -23.90 8.65
C LEU E 508 -41.83 -23.54 9.97
N VAL E 509 -41.31 -22.32 10.00
CA VAL E 509 -41.02 -21.64 11.27
C VAL E 509 -42.26 -20.82 11.63
N SER E 510 -42.90 -21.17 12.73
CA SER E 510 -44.26 -20.73 13.00
C SER E 510 -44.32 -19.84 14.24
N LEU E 511 -45.30 -18.93 14.22
CA LEU E 511 -45.59 -18.04 15.34
C LEU E 511 -46.89 -18.51 15.99
N THR E 512 -46.90 -18.56 17.32
CA THR E 512 -48.06 -18.99 18.09
C THR E 512 -48.45 -17.89 19.06
N LEU E 513 -49.75 -17.61 19.13
CA LEU E 513 -50.31 -16.66 20.11
C LEU E 513 -51.38 -17.41 20.90
N ASN E 514 -51.12 -17.63 22.19
CA ASN E 514 -52.06 -18.37 23.02
C ASN E 514 -53.38 -17.61 23.17
N LEU E 515 -53.32 -16.41 23.74
CA LEU E 515 -54.49 -15.55 23.91
C LEU E 515 -54.23 -14.24 23.18
N VAL E 516 -55.23 -13.78 22.43
CA VAL E 516 -55.11 -12.58 21.60
C VAL E 516 -55.91 -11.47 22.24
N THR E 517 -55.27 -10.32 22.46
CA THR E 517 -55.92 -9.11 22.91
C THR E 517 -55.74 -8.03 21.85
N ARG E 518 -56.41 -6.90 22.05
CA ARG E 518 -56.33 -5.81 21.09
C ARG E 518 -54.90 -5.28 20.94
N ALA E 519 -54.08 -5.41 21.98
CA ALA E 519 -52.69 -4.96 21.89
C ALA E 519 -51.88 -5.80 20.92
N ASP E 520 -52.18 -7.10 20.84
CA ASP E 520 -51.43 -7.98 19.96
C ASP E 520 -51.56 -7.59 18.49
N GLU E 521 -52.59 -6.84 18.13
CA GLU E 521 -52.77 -6.41 16.76
C GLU E 521 -51.57 -5.57 16.31
N GLY E 522 -51.21 -5.70 15.05
CA GLY E 522 -50.11 -4.93 14.51
C GLY E 522 -49.46 -5.63 13.33
N TRP E 523 -48.16 -5.38 13.17
CA TRP E 523 -47.36 -5.95 12.10
C TRP E 523 -46.28 -6.84 12.70
N TYR E 524 -46.10 -8.03 12.12
CA TYR E 524 -45.04 -8.94 12.51
C TYR E 524 -44.16 -9.23 11.31
N TRP E 525 -42.90 -9.53 11.59
CA TRP E 525 -41.90 -9.83 10.58
C TRP E 525 -41.37 -11.24 10.79
N CYS E 526 -41.27 -12.00 9.71
CA CYS E 526 -40.59 -13.30 9.70
C CYS E 526 -39.33 -13.13 8.87
N GLY E 527 -38.18 -13.44 9.46
CA GLY E 527 -36.92 -13.17 8.79
C GLY E 527 -35.85 -14.15 9.15
N VAL E 528 -34.69 -13.99 8.48
CA VAL E 528 -33.53 -14.83 8.70
C VAL E 528 -32.33 -13.93 8.96
N LYS E 529 -31.37 -14.47 9.70
CA LYS E 529 -30.16 -13.73 10.03
C LYS E 529 -29.03 -14.71 10.32
N GLN E 530 -27.81 -14.32 9.94
CA GLN E 530 -26.62 -15.11 10.25
C GLN E 530 -25.94 -14.58 11.51
N GLY E 531 -26.71 -14.54 12.60
CA GLY E 531 -26.19 -14.08 13.87
C GLY E 531 -26.17 -12.57 13.99
N HIS E 532 -25.22 -11.93 13.28
CA HIS E 532 -25.08 -10.48 13.31
C HIS E 532 -25.65 -9.81 12.06
N PHE E 533 -25.56 -10.46 10.90
CA PHE E 533 -25.99 -9.89 9.65
C PHE E 533 -27.40 -10.36 9.30
N TYR E 534 -28.24 -9.43 8.88
CA TYR E 534 -29.65 -9.71 8.61
C TYR E 534 -29.87 -9.96 7.12
N GLY E 535 -31.02 -10.57 6.81
CA GLY E 535 -31.34 -10.92 5.45
C GLY E 535 -32.77 -10.63 5.07
N GLU E 536 -33.36 -11.50 4.25
CA GLU E 536 -34.71 -11.27 3.75
C GLU E 536 -35.72 -11.29 4.88
N THR E 537 -36.78 -10.50 4.72
CA THR E 537 -37.87 -10.43 5.68
C THR E 537 -39.21 -10.41 4.95
N ALA E 538 -40.25 -10.86 5.65
CA ALA E 538 -41.61 -10.86 5.11
C ALA E 538 -42.56 -10.42 6.20
N ALA E 539 -43.45 -9.49 5.87
CA ALA E 539 -44.31 -8.84 6.85
C ALA E 539 -45.74 -9.36 6.73
N VAL E 540 -46.36 -9.62 7.88
CA VAL E 540 -47.75 -10.04 7.96
C VAL E 540 -48.46 -9.19 8.98
N TYR E 541 -49.65 -8.70 8.63
CA TYR E 541 -50.45 -7.86 9.52
C TYR E 541 -51.46 -8.75 10.25
N VAL E 542 -51.36 -8.78 11.58
CA VAL E 542 -52.26 -9.57 12.41
C VAL E 542 -53.28 -8.61 13.00
N ALA E 543 -54.54 -8.79 12.63
CA ALA E 543 -55.64 -7.97 13.13
C ALA E 543 -56.38 -8.71 14.23
N VAL E 544 -57.33 -8.01 14.86
CA VAL E 544 -58.18 -8.57 15.89
C VAL E 544 -59.60 -8.06 15.66
N GLU E 545 -60.58 -8.96 15.73
CA GLU E 545 -61.98 -8.64 15.52
C GLU E 545 -62.80 -9.15 16.70
N GLU E 546 -64.10 -8.86 16.65
CA GLU E 546 -65.01 -9.26 17.73
C GLU E 546 -66.36 -9.68 17.15
N ARG F 5 -3.05 5.94 -19.67
CA ARG F 5 -2.37 4.77 -19.11
C ARG F 5 -3.19 4.15 -17.99
N ILE F 6 -3.41 2.84 -18.07
CA ILE F 6 -4.13 2.08 -17.05
C ILE F 6 -3.11 1.21 -16.32
N VAL F 7 -3.06 1.34 -15.01
CA VAL F 7 -2.07 0.63 -14.19
C VAL F 7 -2.58 -0.80 -13.99
N LEU F 8 -1.97 -1.74 -14.70
CA LEU F 8 -2.38 -3.14 -14.58
C LEU F 8 -2.11 -3.67 -13.19
N VAL F 9 -0.92 -3.39 -12.64
CA VAL F 9 -0.57 -3.92 -11.33
C VAL F 9 0.50 -3.03 -10.70
N ASP F 10 0.48 -2.95 -9.37
CA ASP F 10 1.59 -2.44 -8.59
C ASP F 10 1.87 -3.44 -7.46
N ASN F 11 3.15 -3.67 -7.20
CA ASN F 11 3.57 -4.74 -6.30
C ASN F 11 4.66 -4.20 -5.39
N LYS F 12 4.40 -4.20 -4.08
CA LYS F 12 5.38 -3.75 -3.09
C LYS F 12 6.23 -4.88 -2.55
N CYS F 13 5.77 -6.13 -2.64
CA CYS F 13 6.58 -7.26 -2.23
C CYS F 13 7.84 -7.36 -3.07
N LYS F 14 7.77 -6.89 -4.33
CA LYS F 14 8.92 -6.89 -5.22
C LYS F 14 9.12 -5.55 -5.92
N CYS F 15 8.26 -4.57 -5.68
CA CYS F 15 8.41 -3.22 -6.20
C CYS F 15 8.45 -3.22 -7.74
N ALA F 16 7.32 -3.64 -8.32
CA ALA F 16 7.17 -3.68 -9.77
C ALA F 16 5.83 -3.07 -10.14
N ARG F 17 5.83 -2.19 -11.14
CA ARG F 17 4.63 -1.50 -11.60
C ARG F 17 4.46 -1.75 -13.09
N ILE F 18 3.30 -2.26 -13.50
CA ILE F 18 3.03 -2.59 -14.88
C ILE F 18 1.77 -1.86 -15.31
N THR F 19 1.87 -1.12 -16.41
CA THR F 19 0.76 -0.35 -16.97
C THR F 19 0.62 -0.67 -18.45
N SER F 20 -0.57 -0.41 -19.00
CA SER F 20 -0.85 -0.71 -20.39
C SER F 20 -1.58 0.45 -21.05
N ARG F 21 -1.35 0.61 -22.35
CA ARG F 21 -1.97 1.66 -23.14
C ARG F 21 -2.34 1.10 -24.51
N ILE F 22 -3.36 1.69 -25.12
CA ILE F 22 -3.84 1.30 -26.44
C ILE F 22 -3.84 2.54 -27.33
N ILE F 23 -3.22 2.42 -28.51
CA ILE F 23 -3.17 3.52 -29.47
C ILE F 23 -3.64 2.97 -30.81
N ARG F 24 -4.87 3.28 -31.18
CA ARG F 24 -5.47 2.80 -32.41
C ARG F 24 -5.25 3.80 -33.55
N SER F 25 -5.65 3.39 -34.74
CA SER F 25 -5.57 4.23 -35.93
C SER F 25 -6.88 4.11 -36.69
N SER F 26 -7.15 5.14 -37.50
CA SER F 26 -8.40 5.17 -38.25
C SER F 26 -8.48 4.02 -39.25
N GLU F 27 -7.37 3.68 -39.90
CA GLU F 27 -7.36 2.74 -41.00
C GLU F 27 -6.49 1.53 -40.66
N ASP F 28 -7.02 0.34 -40.91
CA ASP F 28 -6.28 -0.93 -40.90
C ASP F 28 -6.03 -1.44 -39.49
N PRO F 29 -5.91 -2.76 -39.30
CA PRO F 29 -5.58 -3.26 -37.96
C PRO F 29 -4.13 -3.06 -37.58
N ASN F 30 -3.21 -3.20 -38.54
CA ASN F 30 -1.78 -3.17 -38.21
C ASN F 30 -1.39 -1.87 -37.55
N GLU F 31 -1.98 -0.75 -37.99
CA GLU F 31 -1.62 0.55 -37.41
C GLU F 31 -1.90 0.57 -35.91
N ASP F 32 -2.93 -0.15 -35.46
CA ASP F 32 -3.23 -0.20 -34.04
C ASP F 32 -2.10 -0.86 -33.27
N ILE F 33 -1.83 -0.37 -32.06
CA ILE F 33 -0.77 -0.89 -31.22
C ILE F 33 -1.23 -0.95 -29.78
N VAL F 34 -0.70 -1.93 -29.05
CA VAL F 34 -0.94 -2.09 -27.62
C VAL F 34 0.44 -2.11 -26.94
N GLU F 35 0.65 -1.18 -26.00
CA GLU F 35 1.93 -1.02 -25.35
C GLU F 35 1.82 -1.39 -23.88
N ARG F 36 2.86 -2.04 -23.37
CA ARG F 36 2.96 -2.40 -21.96
C ARG F 36 4.27 -1.88 -21.40
N ASN F 37 4.19 -1.19 -20.26
CA ASN F 37 5.34 -0.59 -19.61
C ASN F 37 5.56 -1.25 -18.26
N ILE F 38 6.81 -1.64 -17.99
CA ILE F 38 7.20 -2.33 -16.78
C ILE F 38 8.29 -1.50 -16.08
N ARG F 39 8.08 -1.20 -14.81
CA ARG F 39 9.02 -0.43 -14.00
C ARG F 39 9.44 -1.29 -12.81
N ILE F 40 10.73 -1.51 -12.66
CA ILE F 40 11.29 -2.36 -11.62
C ILE F 40 12.27 -1.54 -10.81
N ILE F 41 12.17 -1.62 -9.48
CA ILE F 41 13.11 -1.00 -8.57
C ILE F 41 13.85 -2.11 -7.83
N VAL F 42 15.16 -2.15 -7.99
CA VAL F 42 15.99 -3.26 -7.52
C VAL F 42 16.80 -2.77 -6.31
N PRO F 43 16.46 -3.19 -5.09
CA PRO F 43 17.26 -2.78 -3.93
C PRO F 43 18.62 -3.46 -3.93
N LEU F 44 19.57 -2.82 -3.24
CA LEU F 44 20.94 -3.30 -3.20
C LEU F 44 21.52 -3.35 -1.79
N ASN F 45 20.69 -3.22 -0.74
CA ASN F 45 21.22 -3.16 0.61
C ASN F 45 20.39 -3.93 1.63
N ASN F 46 19.43 -4.76 1.20
CA ASN F 46 18.69 -5.62 2.11
C ASN F 46 18.99 -7.07 1.79
N ARG F 47 18.72 -7.95 2.77
CA ARG F 47 19.23 -9.31 2.76
C ARG F 47 18.26 -10.25 2.04
N GLU F 48 18.66 -11.51 1.93
CA GLU F 48 17.83 -12.51 1.26
C GLU F 48 16.55 -12.75 2.04
N ASN F 49 16.67 -13.28 3.26
CA ASN F 49 15.59 -13.25 4.23
C ASN F 49 15.71 -11.95 5.01
N ILE F 50 14.56 -11.34 5.32
CA ILE F 50 14.60 -10.07 6.02
C ILE F 50 14.73 -10.39 7.50
N SER F 51 15.98 -10.65 7.90
CA SER F 51 16.39 -10.88 9.28
C SER F 51 17.87 -10.54 9.32
N ASP F 52 18.40 -10.37 10.52
CA ASP F 52 19.66 -9.65 10.60
C ASP F 52 20.81 -10.44 9.95
N PRO F 53 21.26 -11.58 10.51
CA PRO F 53 22.36 -12.29 9.84
C PRO F 53 21.86 -13.25 8.77
N THR F 54 21.97 -12.89 7.49
CA THR F 54 21.49 -13.75 6.41
C THR F 54 22.18 -13.36 5.12
N SER F 55 23.01 -14.25 4.58
CA SER F 55 23.39 -14.13 3.17
C SER F 55 23.87 -12.72 2.87
N PRO F 56 25.12 -12.36 3.22
CA PRO F 56 25.50 -10.95 3.36
C PRO F 56 24.85 -10.00 2.37
N LEU F 57 24.55 -10.47 1.16
CA LEU F 57 23.81 -9.67 0.19
C LEU F 57 22.95 -10.57 -0.67
N ARG F 58 21.86 -9.99 -1.19
CA ARG F 58 21.03 -10.64 -2.19
C ARG F 58 21.41 -10.07 -3.55
N THR F 59 21.78 -10.96 -4.47
CA THR F 59 22.26 -10.56 -5.79
C THR F 59 21.56 -11.32 -6.90
N ARG F 60 20.42 -11.96 -6.62
CA ARG F 60 19.66 -12.71 -7.60
C ARG F 60 18.20 -12.31 -7.47
N PHE F 61 17.71 -11.51 -8.41
CA PHE F 61 16.33 -11.05 -8.44
C PHE F 61 15.63 -11.71 -9.63
N VAL F 62 14.54 -12.43 -9.35
CA VAL F 62 13.81 -13.19 -10.36
C VAL F 62 12.38 -12.69 -10.37
N TYR F 63 11.90 -12.25 -11.54
CA TYR F 63 10.56 -11.71 -11.71
C TYR F 63 9.81 -12.55 -12.74
N HIS F 64 8.69 -13.13 -12.32
CA HIS F 64 7.79 -13.86 -13.20
C HIS F 64 6.52 -13.05 -13.38
N LEU F 65 6.18 -12.74 -14.63
CA LEU F 65 5.00 -11.92 -14.88
C LEU F 65 3.75 -12.53 -14.28
N SER F 66 3.65 -13.87 -14.31
CA SER F 66 2.47 -14.53 -13.75
C SER F 66 2.42 -14.37 -12.24
N ASP F 67 3.57 -14.31 -11.57
CA ASP F 67 3.59 -14.15 -10.12
C ASP F 67 3.26 -12.73 -9.69
N LEU F 68 3.73 -11.74 -10.45
CA LEU F 68 3.47 -10.35 -10.10
C LEU F 68 1.99 -10.02 -10.20
N CYS F 69 1.32 -10.50 -11.24
CA CYS F 69 -0.03 -10.07 -11.56
C CYS F 69 -1.12 -10.80 -10.77
N LYS F 70 -0.78 -11.78 -9.95
CA LYS F 70 -1.80 -12.58 -9.29
C LYS F 70 -2.61 -11.75 -8.32
N LYS F 71 -3.88 -12.09 -8.20
CA LYS F 71 -4.84 -11.39 -7.34
C LYS F 71 -5.40 -12.39 -6.34
N CYS F 72 -4.82 -12.40 -5.13
CA CYS F 72 -5.24 -13.35 -4.09
C CYS F 72 -6.23 -12.68 -3.15
N ASP F 73 -7.45 -12.49 -3.66
CA ASP F 73 -8.55 -11.98 -2.84
C ASP F 73 -9.87 -12.35 -3.48
N PRO F 74 -10.94 -12.49 -2.72
CA PRO F 74 -12.22 -12.92 -3.31
C PRO F 74 -12.93 -11.77 -4.00
N THR F 75 -14.03 -12.11 -4.67
CA THR F 75 -14.85 -11.13 -5.36
C THR F 75 -16.30 -11.59 -5.35
N GLU F 76 -17.21 -10.65 -5.56
CA GLU F 76 -18.64 -10.93 -5.62
C GLU F 76 -19.11 -10.89 -7.07
N VAL F 77 -19.83 -11.93 -7.48
CA VAL F 77 -20.32 -12.06 -8.85
C VAL F 77 -21.80 -12.37 -8.82
N GLU F 78 -22.58 -11.65 -9.62
CA GLU F 78 -24.02 -11.88 -9.72
C GLU F 78 -24.27 -12.69 -10.99
N LEU F 79 -24.56 -13.98 -10.82
CA LEU F 79 -24.64 -14.87 -11.98
C LEU F 79 -26.02 -14.78 -12.65
N ASP F 80 -27.06 -15.26 -11.97
CA ASP F 80 -28.41 -15.20 -12.50
C ASP F 80 -29.36 -14.39 -11.61
N ASN F 81 -29.46 -14.74 -10.32
CA ASN F 81 -30.30 -14.01 -9.39
C ASN F 81 -29.71 -13.91 -7.99
N GLN F 82 -28.50 -14.42 -7.78
CA GLN F 82 -27.84 -14.38 -6.48
C GLN F 82 -26.42 -13.86 -6.65
N ILE F 83 -25.78 -13.56 -5.53
CA ILE F 83 -24.40 -13.11 -5.51
C ILE F 83 -23.57 -14.21 -4.87
N VAL F 84 -22.49 -14.61 -5.55
CA VAL F 84 -21.60 -15.67 -5.08
C VAL F 84 -20.20 -15.10 -4.91
N THR F 85 -19.47 -15.64 -3.94
CA THR F 85 -18.10 -15.22 -3.67
C THR F 85 -17.15 -16.18 -4.35
N ALA F 86 -16.26 -15.66 -5.19
CA ALA F 86 -15.38 -16.46 -6.02
C ALA F 86 -13.93 -16.02 -5.82
N THR F 87 -13.03 -17.01 -5.84
CA THR F 87 -11.61 -16.73 -5.83
C THR F 87 -11.20 -16.13 -7.19
N GLN F 88 -9.92 -15.79 -7.33
CA GLN F 88 -9.47 -15.12 -8.55
C GLN F 88 -8.13 -15.63 -9.08
N SER F 89 -7.56 -16.69 -8.50
CA SER F 89 -6.26 -17.15 -8.97
C SER F 89 -6.05 -18.59 -8.57
N ASN F 90 -5.08 -19.22 -9.23
CA ASN F 90 -4.63 -20.56 -8.89
C ASN F 90 -3.39 -20.56 -8.01
N ILE F 91 -2.58 -19.50 -8.07
CA ILE F 91 -1.40 -19.37 -7.23
C ILE F 91 -1.82 -18.52 -6.04
N CYS F 92 -2.32 -19.18 -5.00
CA CYS F 92 -2.68 -18.53 -3.75
C CYS F 92 -2.28 -19.43 -2.58
N ASP F 93 -1.06 -19.97 -2.65
CA ASP F 93 -0.60 -20.91 -1.64
C ASP F 93 -0.70 -20.31 -0.25
N GLU F 94 -1.22 -21.10 0.69
CA GLU F 94 -1.42 -20.66 2.06
C GLU F 94 -0.60 -21.50 3.03
N ALA F 97 1.35 -16.70 4.03
CA ALA F 97 2.33 -15.64 3.88
C ALA F 97 3.74 -16.23 3.93
N THR F 98 4.28 -16.57 2.75
CA THR F 98 5.61 -17.15 2.67
C THR F 98 6.45 -16.58 1.54
N GLU F 99 5.91 -15.64 0.74
CA GLU F 99 6.64 -15.13 -0.41
C GLU F 99 7.93 -14.44 0.03
N THR F 100 8.97 -14.57 -0.80
CA THR F 100 10.27 -13.97 -0.52
C THR F 100 10.27 -12.55 -1.09
N CYS F 101 9.74 -11.63 -0.30
CA CYS F 101 9.68 -10.24 -0.72
C CYS F 101 11.09 -9.65 -0.82
N TYR F 102 11.28 -8.75 -1.78
CA TYR F 102 12.57 -8.13 -2.02
C TYR F 102 12.71 -6.76 -1.38
N THR F 103 11.60 -6.08 -1.10
CA THR F 103 11.61 -4.75 -0.53
C THR F 103 10.64 -4.67 0.64
N TYR F 104 10.90 -3.72 1.54
CA TYR F 104 10.00 -3.48 2.66
C TYR F 104 8.79 -2.69 2.19
N ASP F 105 7.60 -3.15 2.57
CA ASP F 105 6.41 -2.36 2.32
C ASP F 105 6.40 -1.13 3.23
N ARG F 106 6.17 0.04 2.64
CA ARG F 106 6.27 1.27 3.40
C ARG F 106 5.25 1.38 4.51
N ASN F 107 4.13 0.67 4.41
CA ASN F 107 3.05 0.79 5.38
C ASN F 107 3.09 -0.29 6.46
N LYS F 108 3.87 -1.35 6.28
CA LYS F 108 4.00 -2.41 7.27
C LYS F 108 5.34 -2.30 7.97
N CYS F 109 5.38 -2.75 9.21
CA CYS F 109 6.58 -2.68 10.04
C CYS F 109 7.06 -4.08 10.39
N TYR F 110 8.39 -4.25 10.39
CA TYR F 110 9.04 -5.53 10.59
C TYR F 110 9.91 -5.46 11.83
N THR F 111 9.73 -6.41 12.74
CA THR F 111 10.40 -6.40 14.03
C THR F 111 11.22 -7.68 14.21
N ALA F 112 12.27 -7.55 15.02
CA ALA F 112 13.12 -8.66 15.40
C ALA F 112 13.06 -8.85 16.93
N VAL F 113 13.57 -9.99 17.38
CA VAL F 113 13.62 -10.31 18.80
C VAL F 113 15.07 -10.60 19.17
N VAL F 114 15.55 -9.96 20.24
CA VAL F 114 16.95 -10.11 20.64
C VAL F 114 17.03 -10.44 22.12
N PRO F 115 17.89 -11.37 22.54
CA PRO F 115 18.07 -11.63 23.98
C PRO F 115 19.11 -10.72 24.60
N LEU F 116 18.73 -10.00 25.65
CA LEU F 116 19.64 -9.13 26.38
C LEU F 116 19.64 -9.51 27.85
N VAL F 117 20.82 -9.49 28.46
CA VAL F 117 20.99 -9.88 29.86
C VAL F 117 20.88 -8.63 30.72
N TYR F 118 19.89 -8.62 31.62
CA TYR F 118 19.68 -7.53 32.56
C TYR F 118 20.05 -8.03 33.95
N GLY F 119 21.18 -7.57 34.46
CA GLY F 119 21.65 -8.06 35.76
C GLY F 119 21.85 -9.55 35.72
N GLY F 120 21.34 -10.23 36.74
CA GLY F 120 21.44 -11.68 36.82
C GLY F 120 20.23 -12.38 36.25
N GLU F 121 19.84 -12.02 35.03
CA GLU F 121 18.67 -12.61 34.39
C GLU F 121 18.84 -12.48 32.88
N THR F 122 17.75 -12.73 32.15
CA THR F 122 17.75 -12.59 30.70
C THR F 122 16.34 -12.23 30.24
N LYS F 123 16.25 -11.33 29.26
CA LYS F 123 14.98 -10.89 28.73
C LYS F 123 15.04 -10.89 27.20
N MET F 124 13.87 -10.98 26.58
CA MET F 124 13.72 -10.98 25.14
C MET F 124 13.09 -9.65 24.73
N VAL F 125 13.90 -8.75 24.18
CA VAL F 125 13.44 -7.42 23.80
C VAL F 125 13.05 -7.44 22.32
N GLU F 126 12.12 -6.56 21.96
CA GLU F 126 11.63 -6.45 20.59
C GLU F 126 12.22 -5.19 19.96
N THR F 127 12.80 -5.36 18.77
CA THR F 127 13.48 -4.30 18.05
C THR F 127 12.72 -3.98 16.77
N ALA F 128 12.71 -2.71 16.38
CA ALA F 128 12.02 -2.26 15.18
C ALA F 128 13.04 -2.04 14.07
N LEU F 129 12.92 -2.82 13.00
CA LEU F 129 13.81 -2.63 11.84
C LEU F 129 13.44 -1.38 11.07
N THR F 130 12.14 -1.14 10.87
CA THR F 130 11.66 0.08 10.24
C THR F 130 10.94 0.91 11.30
N PRO F 131 11.53 2.02 11.80
CA PRO F 131 10.95 2.69 12.96
C PRO F 131 9.73 3.54 12.64
N ASP F 132 9.64 4.08 11.42
CA ASP F 132 8.48 4.88 11.05
C ASP F 132 7.24 4.02 10.82
N ALA F 133 7.43 2.79 10.36
CA ALA F 133 6.32 2.01 9.83
C ALA F 133 5.23 1.78 10.86
N CYS F 134 5.60 1.42 12.09
CA CYS F 134 4.62 1.22 13.15
C CYS F 134 5.17 1.71 14.46
N TYR F 135 4.50 2.70 15.03
CA TYR F 135 4.62 3.14 16.41
C TYR F 135 3.50 2.53 17.23
N PRO F 136 3.65 2.43 18.55
CA PRO F 136 2.53 1.96 19.36
C PRO F 136 1.42 2.99 19.42
N ASP F 137 0.34 2.76 18.67
CA ASP F 137 -0.74 3.72 18.55
C ASP F 137 -2.03 3.17 19.13
N ASP G 45 53.33 27.89 13.40
CA ASP G 45 51.92 27.59 13.16
C ASP G 45 51.63 26.10 13.37
N PRO G 46 50.78 25.77 14.34
CA PRO G 46 50.48 24.34 14.57
C PRO G 46 49.92 23.63 13.35
N GLN G 47 49.16 24.31 12.51
CA GLN G 47 48.51 23.64 11.37
C GLN G 47 49.53 23.08 10.40
N TYR G 48 50.58 23.85 10.10
CA TYR G 48 51.63 23.39 9.19
C TYR G 48 52.33 22.15 9.76
N ARG G 49 52.63 22.17 11.05
CA ARG G 49 53.26 21.03 11.69
C ARG G 49 52.34 19.80 11.65
N ALA G 50 51.03 20.01 11.86
CA ALA G 50 50.08 18.91 11.77
C ALA G 50 50.05 18.33 10.36
N LEU G 51 50.10 19.18 9.34
CA LEU G 51 50.12 18.69 7.97
C LEU G 51 51.38 17.88 7.71
N MET G 52 52.53 18.34 8.21
CA MET G 52 53.76 17.57 8.06
C MET G 52 53.65 16.22 8.75
N GLY G 53 53.07 16.19 9.95
CA GLY G 53 52.90 14.93 10.64
C GLY G 53 51.99 13.97 9.88
N GLU G 54 50.90 14.49 9.32
CA GLU G 54 50.02 13.67 8.51
C GLU G 54 50.75 13.11 7.29
N ASN G 55 51.57 13.94 6.65
CA ASN G 55 52.35 13.46 5.50
C ASN G 55 53.28 12.33 5.91
N GLN G 56 53.97 12.48 7.05
CA GLN G 56 54.86 11.42 7.51
C GLN G 56 54.08 10.14 7.80
N ASP G 57 52.92 10.26 8.45
CA ASP G 57 52.13 9.08 8.76
C ASP G 57 51.65 8.38 7.49
N LEU G 58 51.22 9.15 6.49
CA LEU G 58 50.78 8.53 5.24
C LEU G 58 51.93 7.84 4.52
N ARG G 59 53.12 8.46 4.54
CA ARG G 59 54.28 7.82 3.92
C ARG G 59 54.60 6.50 4.61
N LYS G 60 54.56 6.48 5.94
CA LYS G 60 54.80 5.23 6.67
C LYS G 60 53.72 4.20 6.33
N ARG G 61 52.47 4.64 6.21
CA ARG G 61 51.38 3.73 5.90
C ARG G 61 51.60 3.08 4.54
N GLU G 62 52.00 3.86 3.53
CA GLU G 62 52.21 3.28 2.21
C GLU G 62 53.45 2.40 2.18
N GLY G 63 54.48 2.72 2.97
CA GLY G 63 55.60 1.81 3.10
C GLY G 63 55.18 0.47 3.68
N GLN G 64 54.37 0.48 4.73
CA GLN G 64 53.84 -0.76 5.28
C GLN G 64 52.96 -1.50 4.27
N TYR G 65 52.23 -0.75 3.45
CA TYR G 65 51.43 -1.38 2.39
C TYR G 65 52.33 -2.12 1.41
N GLN G 66 53.45 -1.50 1.03
CA GLN G 66 54.38 -2.17 0.13
C GLN G 66 54.95 -3.43 0.79
N ASP G 67 55.31 -3.33 2.07
CA ASP G 67 55.81 -4.51 2.77
C ASP G 67 54.76 -5.62 2.81
N LYS G 68 53.49 -5.26 3.00
CA LYS G 68 52.43 -6.26 3.04
C LYS G 68 52.23 -6.91 1.68
N ILE G 69 52.30 -6.14 0.60
CA ILE G 69 52.13 -6.74 -0.72
C ILE G 69 53.30 -7.65 -1.04
N GLU G 70 54.50 -7.33 -0.54
CA GLU G 70 55.66 -8.16 -0.85
C GLU G 70 55.47 -9.59 -0.38
N GLU G 71 55.08 -9.78 0.89
CA GLU G 71 55.01 -11.12 1.45
C GLU G 71 53.92 -11.97 0.79
N LEU G 72 52.76 -11.37 0.49
CA LEU G 72 51.66 -12.14 -0.06
C LEU G 72 52.03 -12.77 -1.39
N GLU G 73 52.70 -12.02 -2.26
CA GLU G 73 53.14 -12.55 -3.55
C GLU G 73 51.96 -13.07 -4.37
N ASP H 45 53.94 29.44 -4.76
CA ASP H 45 55.17 29.63 -3.98
C ASP H 45 55.00 29.34 -2.48
N PRO H 46 53.81 29.53 -1.91
CA PRO H 46 53.64 29.23 -0.48
C PRO H 46 53.87 27.75 -0.18
N GLN H 47 54.34 27.49 1.04
CA GLN H 47 54.62 26.12 1.45
C GLN H 47 53.36 25.28 1.53
N TYR H 48 52.26 25.87 1.99
CA TYR H 48 51.06 25.08 2.27
C TYR H 48 50.51 24.44 1.00
N ARG H 49 50.56 25.15 -0.13
CA ARG H 49 50.05 24.57 -1.36
C ARG H 49 50.87 23.35 -1.79
N ALA H 50 52.20 23.46 -1.70
CA ALA H 50 53.05 22.32 -2.04
C ALA H 50 52.82 21.15 -1.10
N LEU H 51 52.66 21.44 0.20
CA LEU H 51 52.38 20.37 1.15
C LEU H 51 51.05 19.70 0.84
N MET H 52 50.03 20.48 0.47
CA MET H 52 48.74 19.90 0.11
C MET H 52 48.88 19.03 -1.13
N GLY H 53 49.65 19.47 -2.12
CA GLY H 53 49.86 18.66 -3.30
C GLY H 53 50.54 17.34 -2.99
N GLU H 54 51.59 17.38 -2.17
CA GLU H 54 52.25 16.15 -1.77
C GLU H 54 51.30 15.24 -1.00
N ASN H 55 50.49 15.82 -0.12
CA ASN H 55 49.51 15.04 0.63
C ASN H 55 48.52 14.36 -0.29
N GLN H 56 48.03 15.09 -1.31
CA GLN H 56 47.09 14.50 -2.24
C GLN H 56 47.72 13.36 -3.03
N ASP H 57 48.97 13.56 -3.47
CA ASP H 57 49.65 12.50 -4.21
C ASP H 57 49.82 11.26 -3.34
N LEU H 58 50.23 11.44 -2.09
CA LEU H 58 50.40 10.30 -1.19
C LEU H 58 49.06 9.63 -0.90
N ARG H 59 48.00 10.41 -0.79
CA ARG H 59 46.67 9.82 -0.56
C ARG H 59 46.24 8.97 -1.75
N LYS H 60 46.47 9.46 -2.97
CA LYS H 60 46.11 8.67 -4.15
C LYS H 60 46.94 7.39 -4.24
N ARG H 61 48.24 7.50 -3.93
CA ARG H 61 49.08 6.30 -3.93
C ARG H 61 48.60 5.31 -2.87
N GLU H 62 48.21 5.81 -1.70
CA GLU H 62 47.68 4.93 -0.65
C GLU H 62 46.42 4.23 -1.12
N GLY H 63 45.53 4.96 -1.79
CA GLY H 63 44.33 4.33 -2.32
C GLY H 63 44.64 3.25 -3.35
N GLN H 64 45.62 3.51 -4.21
CA GLN H 64 45.99 2.51 -5.21
C GLN H 64 46.56 1.26 -4.55
N TYR H 65 47.43 1.43 -3.54
CA TYR H 65 47.94 0.27 -2.82
C TYR H 65 46.82 -0.47 -2.08
N GLN H 66 45.85 0.29 -1.57
CA GLN H 66 44.69 -0.31 -0.93
C GLN H 66 43.93 -1.21 -1.90
N ASP H 67 43.71 -0.72 -3.11
CA ASP H 67 43.07 -1.55 -4.13
C ASP H 67 43.90 -2.78 -4.46
N LYS H 68 45.21 -2.60 -4.59
CA LYS H 68 46.06 -3.71 -5.01
C LYS H 68 46.11 -4.81 -3.96
N ILE H 69 46.16 -4.44 -2.67
CA ILE H 69 46.19 -5.44 -1.61
C ILE H 69 44.90 -6.27 -1.65
N GLU H 70 43.76 -5.59 -1.75
CA GLU H 70 42.48 -6.31 -1.75
C GLU H 70 42.34 -7.21 -2.95
N GLU H 71 42.75 -6.74 -4.14
CA GLU H 71 42.57 -7.55 -5.33
C GLU H 71 43.35 -8.86 -5.26
N LEU H 72 44.43 -8.91 -4.48
CA LEU H 72 45.21 -10.13 -4.39
C LEU H 72 44.43 -11.24 -3.68
N GLU H 73 43.73 -10.90 -2.60
CA GLU H 73 42.96 -11.88 -1.85
C GLU H 73 41.86 -12.46 -2.74
C1 NAG I . -5.77 22.15 11.96
C2 NAG I . -5.60 22.15 13.47
C3 NAG I . -6.38 23.31 14.09
C4 NAG I . -6.03 24.62 13.41
C5 NAG I . -6.10 24.51 11.89
C6 NAG I . -5.56 25.72 11.17
C7 NAG I . -5.88 20.56 15.33
C8 NAG I . -6.40 19.22 15.74
N2 NAG I . -6.04 20.88 14.04
O3 NAG I . -6.07 23.39 15.48
O4 NAG I . -6.97 25.61 13.82
O5 NAG I . -5.32 23.39 11.44
O6 NAG I . -4.26 26.05 11.64
O7 NAG I . -5.35 21.34 16.13
H2 NAG I . -4.65 22.28 13.68
H3 NAG I . -7.33 23.14 13.98
H4 NAG I . -5.13 24.89 13.67
H5 NAG I . -7.03 24.37 11.63
H61 NAG I . -6.15 26.49 11.34
H62 NAG I . -5.52 25.54 10.22
H81 NAG I . -5.86 18.88 16.49
H82 NAG I . -6.35 18.61 14.99
H83 NAG I . -7.33 19.31 16.03
HN2 NAG I . -6.44 20.28 13.50
HO3 NAG I . -5.19 23.49 15.58
HO6 NAG I . -3.93 26.73 11.16
C1 NAG I . -6.32 26.79 14.36
C2 NAG I . -7.41 27.60 15.06
C3 NAG I . -6.81 28.85 15.68
C4 NAG I . -5.66 28.48 16.60
C5 NAG I . -4.64 27.62 15.84
C6 NAG I . -3.52 27.12 16.72
C7 NAG I . -8.26 28.61 12.98
C8 NAG I . -9.49 28.88 12.15
N2 NAG I . -8.47 27.96 14.13
O3 NAG I . -7.81 29.54 16.43
O4 NAG I . -5.01 29.66 17.07
O5 NAG I . -5.29 26.47 15.30
O6 NAG I . -3.84 25.86 17.29
O7 NAG I . -7.14 28.96 12.63
H2 NAG I . -7.80 27.06 15.77
H3 NAG I . -6.48 29.44 14.97
H4 NAG I . -5.99 27.97 17.36
H5 NAG I . -4.26 28.14 15.12
H61 NAG I . -3.36 27.76 17.43
H62 NAG I . -2.71 27.02 16.18
H81 NAG I . -9.23 29.40 11.36
H82 NAG I . -10.13 29.39 12.67
H83 NAG I . -9.88 28.03 11.87
HN2 NAG I . -9.33 27.71 14.34
HO3 NAG I . -7.47 30.30 16.75
HO4 NAG I . -4.85 29.58 17.95
HO6 NAG I . -4.42 25.44 16.77
C1 NAG J . -53.86 -5.65 5.70
C2 NAG J . -53.77 -4.97 4.35
C3 NAG J . -52.90 -3.73 4.45
C4 NAG J . -53.40 -2.81 5.56
C5 NAG J . -53.60 -3.58 6.87
C6 NAG J . -54.28 -2.76 7.93
C7 NAG J . -52.07 -6.46 3.40
C8 NAG J . -51.72 -7.36 2.25
N2 NAG J . -53.27 -5.87 3.32
O3 NAG J . -52.93 -3.03 3.21
O4 NAG J . -52.43 -1.80 5.79
O5 NAG J . -54.41 -4.75 6.64
O6 NAG J . -55.29 -1.92 7.38
O7 NAG J . -51.30 -6.27 4.34
H2 NAG J . -54.68 -4.69 4.09
H3 NAG J . -51.99 -3.98 4.64
H4 NAG J . -54.24 -2.40 5.29
H5 NAG J . -52.73 -3.87 7.19
H61 NAG J . -53.62 -2.21 8.39
H62 NAG J . -54.70 -3.36 8.58
H81 NAG J . -50.82 -7.72 2.39
H82 NAG J . -51.74 -6.87 1.42
H83 NAG J . -52.35 -8.10 2.22
HN2 NAG J . -53.80 -6.06 2.61
HO3 NAG J . -53.16 -2.18 3.34
HO6 NAG J . -55.82 -1.63 8.03
C1 NAG J . -52.97 -0.49 5.52
C2 NAG J . -51.83 0.52 5.64
C3 NAG J . -52.34 1.92 5.34
C4 NAG J . -53.02 1.95 3.97
C5 NAG J . -54.11 0.87 3.90
C6 NAG J . -54.74 0.75 2.54
C7 NAG J . -51.92 0.67 8.10
C8 NAG J . -51.12 0.59 9.36
N2 NAG J . -51.23 0.48 6.97
O3 NAG J . -51.25 2.84 5.34
O4 NAG J . -53.62 3.22 3.76
O5 NAG J . -53.54 -0.41 4.21
O6 NAG J . -53.78 0.88 1.51
O7 NAG J . -53.12 0.90 8.09
H2 NAG J . -51.15 0.30 4.98
H3 NAG J . -52.99 2.19 6.01
H4 NAG J . -52.36 1.78 3.28
H5 NAG J . -54.81 1.08 4.56
H61 NAG J . -55.42 1.45 2.44
H62 NAG J . -55.18 -0.11 2.47
H81 NAG J . -51.72 0.64 10.13
H82 NAG J . -50.48 1.33 9.40
H83 NAG J . -50.63 -0.26 9.39
HN2 NAG J . -50.33 0.30 7.02
HO3 NAG J . -51.54 3.65 5.17
HO4 NAG J . -53.77 3.34 2.88
HO6 NAG J . -54.18 0.83 0.72
C1 NAG K . -36.27 -31.98 -5.33
C2 NAG K . -36.57 -31.01 -6.45
C3 NAG K . -37.70 -30.06 -6.05
C4 NAG K . -38.90 -30.84 -5.55
C5 NAG K . -38.49 -31.83 -4.47
C6 NAG K . -39.61 -32.74 -4.01
C7 NAG K . -34.83 -30.29 -8.04
C8 NAG K . -33.61 -29.45 -8.23
N2 NAG K . -35.38 -30.25 -6.83
O3 NAG K . -38.07 -29.27 -7.17
O4 NAG K . -39.87 -29.95 -5.01
O5 NAG K . -37.45 -32.69 -4.96
O6 NAG K . -40.42 -33.14 -5.10
O7 NAG K . -35.30 -30.98 -8.95
H2 NAG K . -36.87 -31.53 -7.23
H3 NAG K . -37.38 -29.48 -5.34
H4 NAG K . -39.31 -31.34 -6.29
H5 NAG K . -38.15 -31.34 -3.70
H61 NAG K . -40.16 -32.25 -3.37
H62 NAG K . -39.24 -33.53 -3.58
H81 NAG K . -33.30 -29.55 -9.15
H82 NAG K . -32.91 -29.75 -7.62
H83 NAG K . -33.82 -28.52 -8.06
HN2 NAG K . -34.99 -29.73 -6.20
HO3 NAG K . -38.76 -28.75 -6.96
HO6 NAG K . -41.07 -33.67 -4.80
C1 NAG K . -41.02 -29.92 -5.87
C2 NAG K . -42.18 -29.30 -5.09
C3 NAG K . -43.41 -29.17 -5.98
C4 NAG K . -43.07 -28.43 -7.26
C5 NAG K . -41.88 -29.09 -7.95
C6 NAG K . -41.41 -28.34 -9.17
C7 NAG K . -41.97 -29.82 -2.69
C8 NAG K . -42.39 -30.74 -1.58
N2 NAG K . -42.49 -30.08 -3.90
O3 NAG K . -44.44 -28.48 -5.27
O4 NAG K . -44.19 -28.44 -8.14
O5 NAG K . -40.77 -29.14 -7.04
O6 NAG K . -40.84 -27.08 -8.82
O7 NAG K . -41.19 -28.88 -2.50
H2 NAG K . -41.92 -28.40 -4.80
H3 NAG K . -43.73 -30.07 -6.20
H4 NAG K . -42.84 -27.51 -7.04
H5 NAG K . -42.12 -30.00 -8.20
H61 NAG K . -42.16 -28.19 -9.76
H62 NAG K . -40.73 -28.87 -9.63
H81 NAG K . -41.97 -30.45 -0.75
H82 NAG K . -42.11 -31.65 -1.79
H83 NAG K . -43.36 -30.71 -1.50
HN2 NAG K . -43.05 -30.79 -3.98
HO3 NAG K . -45.15 -28.40 -5.78
HO4 NAG K . -44.14 -27.74 -8.69
HO6 NAG K . -40.44 -27.14 -8.04
C1 NAG L . 13.45 -15.54 8.05
C2 NAG L . 12.83 -16.93 8.03
C3 NAG L . 11.73 -17.04 9.09
C4 NAG L . 12.26 -16.62 10.45
C5 NAG L . 12.87 -15.23 10.37
C6 NAG L . 13.50 -14.79 11.67
C7 NAG L . 12.92 -18.07 5.86
C8 NAG L . 12.24 -18.29 4.55
N2 NAG L . 12.30 -17.25 6.72
O3 NAG L . 11.24 -18.38 9.13
O4 NAG L . 11.19 -16.62 11.40
O5 NAG L . 13.91 -15.23 9.38
O6 NAG L . 12.52 -14.60 12.68
O7 NAG L . 13.98 -18.63 6.14
H2 NAG L . 13.52 -17.57 8.26
H3 NAG L . 10.99 -16.44 8.84
H4 NAG L . 12.95 -17.25 10.72
H5 NAG L . 12.19 -14.59 10.12
H61 NAG L . 13.97 -13.95 11.53
H62 NAG L . 14.15 -15.46 11.96
H81 NAG L . 12.79 -18.87 3.99
H82 NAG L . 12.12 -17.43 4.11
H83 NAG L . 11.37 -18.71 4.70
HN2 NAG L . 11.52 -16.87 6.46
HO3 NAG L . 11.35 -18.70 9.95
HO6 NAG L . 11.71 -14.64 12.31
C1 NAG L . 11.59 -17.36 12.59
C2 NAG L . 10.36 -17.52 13.49
C3 NAG L . 10.73 -18.32 14.74
C4 NAG L . 11.38 -19.64 14.35
C5 NAG L . 12.55 -19.39 13.41
C6 NAG L . 13.18 -20.67 12.89
C7 NAG L . 8.62 -15.79 13.44
C8 NAG L . 8.20 -14.43 13.92
N2 NAG L . 9.81 -16.22 13.86
O3 NAG L . 9.55 -18.56 15.50
O4 NAG L . 11.83 -20.31 15.52
O5 NAG L . 12.11 -18.65 12.26
O6 NAG L . 12.20 -21.62 12.52
O7 NAG L . 7.90 -16.46 12.71
H2 NAG L . 9.69 -18.02 12.99
H3 NAG L . 11.35 -17.80 15.28
H4 NAG L . 10.72 -20.20 13.90
H5 NAG L . 13.23 -18.87 13.88
H61 NAG L . 13.74 -21.05 13.59
H62 NAG L . 13.73 -20.46 12.12
H81 NAG L . 7.34 -14.20 13.53
H82 NAG L . 8.87 -13.77 13.65
H83 NAG L . 8.14 -14.44 14.89
HN2 NAG L . 10.31 -15.67 14.40
HO3 NAG L . 9.71 -19.19 16.10
HO4 NAG L . 11.93 -21.18 15.33
HO6 NAG L . 12.59 -22.33 12.16
C1 NAG M . 47.42 29.97 33.99
C2 NAG M . 47.99 30.71 32.77
C3 NAG M . 47.37 32.10 32.66
C4 NAG M . 45.85 32.01 32.65
C5 NAG M . 45.37 31.22 33.86
C6 NAG M . 43.87 30.99 33.85
C7 NAG M . 50.08 31.41 33.84
C8 NAG M . 51.58 31.41 33.75
N2 NAG M . 49.44 30.80 32.84
O3 NAG M . 47.83 32.72 31.46
O4 NAG M . 45.29 33.31 32.66
O5 NAG M . 45.98 29.93 33.89
O6 NAG M . 43.54 29.73 34.43
O7 NAG M . 49.49 31.95 34.77
H2 NAG M . 47.75 30.20 31.96
H3 NAG M . 47.65 32.64 33.42
H4 NAG M . 45.56 31.55 31.83
H5 NAG M . 45.61 31.72 34.67
H61 NAG M . 43.55 31.01 32.93
H62 NAG M . 43.43 31.70 34.36
H81 NAG M . 51.94 32.08 34.37
H82 NAG M . 51.86 31.64 32.84
H83 NAG M . 51.92 30.53 33.98
HN2 NAG M . 49.93 30.42 32.18
HO3 NAG M . 47.42 33.51 31.37
HO4 NAG M . 44.45 33.28 32.36
HO6 NAG M . 44.20 29.16 34.30
C1 NAG N . 12.98 -0.09 44.13
C2 NAG N . 14.18 -0.98 43.79
C3 NAG N . 13.91 -2.40 44.25
C4 NAG N . 13.52 -2.44 45.72
C5 NAG N . 12.36 -1.47 45.97
C6 NAG N . 12.00 -1.35 47.44
C7 NAG N . 15.40 -0.19 41.79
C8 NAG N . 16.22 0.66 42.71
N2 NAG N . 14.46 -0.95 42.36
O3 NAG N . 15.08 -3.20 44.04
O4 NAG N . 13.14 -3.74 46.10
O5 NAG N . 12.70 -0.16 45.53
O6 NAG N . 13.16 -1.36 48.26
O7 NAG N . 15.60 -0.22 40.57
H2 NAG N . 14.94 -0.66 44.30
H3 NAG N . 13.18 -2.78 43.72
H4 NAG N . 14.29 -2.15 46.27
H5 NAG N . 11.58 -1.79 45.48
H61 NAG N . 11.42 -2.10 47.69
H62 NAG N . 11.52 -0.51 47.58
H81 NAG N . 16.83 1.21 42.17
H82 NAG N . 16.74 0.10 43.30
H83 NAG N . 15.65 1.25 43.22
HN2 NAG N . 13.94 -1.48 41.81
HO3 NAG N . 14.94 -4.01 44.36
HO4 NAG N . 13.25 -3.85 46.98
HO6 NAG N . 12.91 -1.32 49.12
C1 NAG O . 30.49 -10.31 -12.62
C2 NAG O . 30.30 -11.38 -13.70
C3 NAG O . 31.43 -11.30 -14.71
C4 NAG O . 31.54 -9.89 -15.28
C5 NAG O . 31.67 -8.88 -14.13
C6 NAG O . 31.66 -7.44 -14.61
C7 NAG O . 31.18 -13.21 -12.32
C8 NAG O . 30.93 -14.60 -11.81
N2 NAG O . 30.22 -12.71 -13.12
O3 NAG O . 31.18 -12.22 -15.77
O4 NAG O . 32.68 -9.79 -16.11
O5 NAG O . 30.57 -9.01 -13.22
O6 NAG O . 32.76 -6.71 -14.09
O7 NAG O . 32.19 -12.57 -12.04
H2 NAG O . 29.46 -11.19 -14.16
H3 NAG O . 32.27 -11.54 -14.28
H4 NAG O . 30.75 -9.68 -15.79
H5 NAG O . 32.51 -9.04 -13.65
H61 NAG O . 30.83 -7.02 -14.33
H62 NAG O . 31.71 -7.43 -15.59
H81 NAG O . 31.70 -14.89 -11.27
H82 NAG O . 30.82 -15.21 -12.56
H83 NAG O . 30.13 -14.61 -11.26
HN2 NAG O . 29.49 -13.22 -13.29
HO3 NAG O . 31.90 -12.28 -16.28
HO4 NAG O . 32.51 -9.23 -16.78
HO6 NAG O . 33.00 -6.08 -14.66
C1 NAG P . 6.35 29.56 13.73
C2 NAG P . 5.94 29.61 15.21
C3 NAG P . 4.65 30.42 15.37
C4 NAG P . 4.79 31.79 14.73
C5 NAG P . 5.25 31.65 13.28
C6 NAG P . 5.52 32.98 12.61
C7 NAG P . 6.74 27.62 16.40
C8 NAG P . 6.39 26.24 16.89
N2 NAG P . 5.77 28.28 15.75
O3 NAG P . 4.36 30.56 16.76
O4 NAG P . 3.54 32.48 14.77
O5 NAG P . 6.47 30.89 13.22
O6 NAG P . 6.73 32.93 11.86
O7 NAG P . 7.84 28.11 16.59
H2 NAG P . 6.65 30.07 15.70
H3 NAG P . 3.92 29.94 14.94
H4 NAG P . 5.46 32.31 15.22
H5 NAG P . 4.56 31.18 12.77
H61 NAG P . 5.61 33.66 13.29
H62 NAG P . 4.79 33.20 12.02
H81 NAG P . 7.15 25.85 17.34
H82 NAG P . 6.14 25.68 16.13
H83 NAG P . 5.64 26.31 17.51
HN2 NAG P . 4.97 27.85 15.63
HO3 NAG P . 3.64 31.07 16.86
HO4 NAG P . 3.69 33.35 14.67
HO6 NAG P . 7.21 32.23 12.10
C1 NAG Q . -44.72 -0.61 20.86
C2 NAG Q . -43.97 -0.01 22.04
C3 NAG Q . -44.94 0.64 23.02
C4 NAG Q . -45.84 1.64 22.30
C5 NAG Q . -46.52 0.96 21.10
C6 NAG Q . -47.33 1.92 20.26
C7 NAG Q . -41.96 -1.40 22.29
C8 NAG Q . -41.27 -2.44 23.11
N2 NAG Q . -43.17 -1.01 22.72
O3 NAG Q . -44.22 1.32 24.05
O4 NAG Q . -46.84 2.13 23.18
O5 NAG Q . -45.52 0.40 20.23
O6 NAG Q . -47.47 1.45 18.93
O7 NAG Q . -41.45 -0.93 21.28
H2 NAG Q . -43.37 0.69 21.71
H3 NAG Q . -45.50 -0.05 23.43
H4 NAG Q . -45.30 2.38 21.98
H5 NAG Q . -47.10 0.25 21.43
H61 NAG Q . -46.89 2.79 20.25
H62 NAG Q . -48.22 2.02 20.66
H81 NAG Q . -40.38 -2.60 22.76
H82 NAG Q . -41.78 -3.28 23.08
H83 NAG Q . -41.21 -2.14 24.05
HN2 NAG Q . -43.50 -1.39 23.49
HO3 NAG Q . -44.79 1.64 24.64
HO4 NAG Q . -47.16 2.89 22.86
HO6 NAG Q . -46.76 0.97 18.71
C1 NAG R . -12.57 47.83 -26.49
C2 NAG R . -11.18 48.42 -26.65
C3 NAG R . -10.50 47.84 -27.88
C4 NAG R . -10.51 46.31 -27.80
C5 NAG R . -11.92 45.80 -27.59
C6 NAG R . -11.99 44.31 -27.38
C7 NAG R . -11.10 50.68 -25.70
C8 NAG R . -11.19 52.15 -25.98
N2 NAG R . -11.24 49.88 -26.76
O3 NAG R . -9.16 48.31 -27.95
O4 NAG R . -10.00 45.76 -29.01
O5 NAG R . -12.48 46.40 -26.41
O6 NAG R . -11.15 43.62 -28.31
O7 NAG R . -10.89 50.25 -24.56
H2 NAG R . -10.65 48.19 -25.86
H3 NAG R . -10.97 48.11 -28.68
H4 NAG R . -9.94 46.02 -27.06
H5 NAG R . -12.47 46.04 -28.36
H61 NAG R . -12.91 44.01 -27.49
H62 NAG R . -11.70 44.10 -26.47
H81 NAG R . -11.10 52.65 -25.15
H82 NAG R . -12.06 52.35 -26.39
H83 NAG R . -10.48 52.42 -26.60
HN2 NAG R . -11.38 50.24 -27.57
HO3 NAG R . -8.75 47.96 -28.66
HO4 NAG R . -9.70 44.94 -28.87
HO6 NAG R . -11.20 42.75 -28.15
C1 NAG S . -15.30 -5.22 16.00
C2 NAG S . -13.93 -4.53 16.00
C3 NAG S . -13.05 -5.13 17.11
C4 NAG S . -13.76 -5.07 18.45
C5 NAG S . -15.15 -5.71 18.34
C6 NAG S . -15.97 -5.56 19.60
C7 NAG S . -12.79 -3.60 14.04
C8 NAG S . -12.16 -3.90 12.72
N2 NAG S . -13.28 -4.65 14.71
O3 NAG S . -11.83 -4.40 17.17
O4 NAG S . -13.01 -5.75 19.44
O5 NAG S . -15.90 -5.09 17.29
O6 NAG S . -16.81 -4.43 19.54
O7 NAG S . -12.86 -2.46 14.47
H2 NAG S . -14.06 -3.59 16.21
H3 NAG S . -12.86 -6.06 16.89
H4 NAG S . -13.88 -4.14 18.71
H5 NAG S . -15.05 -6.66 18.14
H61 NAG S . -15.37 -5.48 20.36
H62 NAG S . -16.51 -6.37 19.72
H81 NAG S . -11.85 -3.08 12.31
H82 NAG S . -12.81 -4.34 12.13
H83 NAG S . -11.40 -4.51 12.85
HN2 NAG S . -13.20 -5.48 14.34
HO3 NAG S . -11.30 -4.78 17.78
HO4 NAG S . -13.10 -5.34 20.21
HO6 NAG S . -16.84 -4.13 18.71
#